data_6WL1
#
_entry.id   6WL1
#
_entity_poly.entity_id   1
_entity_poly.type   'polypeptide(L)'
_entity_poly.pdbx_seq_one_letter_code
;QAEILRAYARILEADAEILKAQAKILEAHAEILKAQ
;
_entity_poly.pdbx_strand_id   A,B,C,D,E,F,G,H,I,J,K,L,M,N,O,P,Q,R,S,T,U,V,W,X,Y,Z,a,b,c,d,e,f,g,h,i,j,k,l,m,n,o,p,q,r,s,t,u,v,w,x,y,z
#
# COMPACT_ATOMS: atom_id res chain seq x y z
N GLN A 1 -24.51 -26.29 -17.55
CA GLN A 1 -23.22 -26.97 -17.74
C GLN A 1 -22.05 -26.00 -17.62
N ALA A 2 -22.37 -24.72 -17.52
CA ALA A 2 -21.35 -23.68 -17.41
C ALA A 2 -20.50 -23.89 -16.16
N GLU A 3 -21.07 -24.54 -15.16
CA GLU A 3 -20.35 -24.80 -13.91
C GLU A 3 -19.06 -25.58 -14.13
N ILE A 4 -19.10 -26.60 -14.99
CA ILE A 4 -17.94 -27.41 -15.31
C ILE A 4 -16.86 -26.57 -15.98
N LEU A 5 -17.28 -25.57 -16.75
CA LEU A 5 -16.34 -24.76 -17.51
C LEU A 5 -15.59 -23.81 -16.58
N ARG A 6 -16.28 -23.27 -15.58
CA ARG A 6 -15.62 -22.49 -14.54
C ARG A 6 -14.73 -23.37 -13.67
N ALA A 7 -15.08 -24.64 -13.49
CA ALA A 7 -14.20 -25.53 -12.73
C ALA A 7 -12.88 -25.78 -13.46
N TYR A 8 -12.95 -25.92 -14.79
CA TYR A 8 -11.71 -25.99 -15.57
C TYR A 8 -10.91 -24.68 -15.45
N ALA A 9 -11.60 -23.55 -15.38
CA ALA A 9 -10.91 -22.28 -15.18
C ALA A 9 -10.22 -22.23 -13.82
N ARG A 10 -10.84 -22.83 -12.80
CA ARG A 10 -10.24 -22.91 -11.47
C ARG A 10 -8.96 -23.74 -11.48
N ILE A 11 -8.97 -24.86 -12.21
CA ILE A 11 -7.76 -25.69 -12.32
C ILE A 11 -6.65 -24.94 -13.04
N LEU A 12 -6.99 -24.21 -14.11
CA LEU A 12 -5.95 -23.48 -14.84
C LEU A 12 -5.37 -22.33 -14.00
N GLU A 13 -6.19 -21.68 -13.17
CA GLU A 13 -5.67 -20.68 -12.25
C GLU A 13 -4.74 -21.30 -11.21
N ALA A 14 -5.03 -22.53 -10.76
CA ALA A 14 -4.15 -23.20 -9.82
C ALA A 14 -2.80 -23.55 -10.45
N ASP A 15 -2.80 -23.94 -11.73
CA ASP A 15 -1.54 -24.16 -12.44
C ASP A 15 -0.72 -22.86 -12.56
N ALA A 16 -1.41 -21.75 -12.78
CA ALA A 16 -0.73 -20.45 -12.80
C ALA A 16 -0.10 -20.14 -11.45
N GLU A 17 -0.77 -20.51 -10.35
CA GLU A 17 -0.21 -20.28 -9.02
C GLU A 17 1.04 -21.13 -8.77
N ILE A 18 1.03 -22.38 -9.27
CA ILE A 18 2.22 -23.24 -9.16
C ILE A 18 3.41 -22.61 -9.86
N LEU A 19 3.20 -22.13 -11.09
CA LEU A 19 4.33 -21.60 -11.85
C LEU A 19 4.82 -20.26 -11.29
N LYS A 20 3.91 -19.44 -10.74
CA LYS A 20 4.34 -18.23 -10.05
C LYS A 20 5.17 -18.55 -8.80
N ALA A 21 4.85 -19.65 -8.12
CA ALA A 21 5.64 -20.02 -6.94
C ALA A 21 7.05 -20.46 -7.34
N GLN A 22 7.18 -21.17 -8.47
CA GLN A 22 8.53 -21.52 -8.93
C GLN A 22 9.33 -20.28 -9.34
N ALA A 23 8.64 -19.28 -9.90
CA ALA A 23 9.28 -18.01 -10.20
C ALA A 23 9.77 -17.32 -8.93
N LYS A 24 9.00 -17.42 -7.84
CA LYS A 24 9.43 -16.83 -6.58
C LYS A 24 10.63 -17.55 -6.00
N ILE A 25 10.73 -18.87 -6.19
CA ILE A 25 11.92 -19.62 -5.76
C ILE A 25 13.16 -19.10 -6.47
N LEU A 26 13.07 -18.92 -7.79
CA LEU A 26 14.27 -18.47 -8.52
C LEU A 26 14.60 -17.00 -8.24
N GLU A 27 13.59 -16.16 -7.99
CA GLU A 27 13.89 -14.80 -7.54
C GLU A 27 14.54 -14.79 -6.16
N ALA A 28 14.22 -15.76 -5.31
CA ALA A 28 14.89 -15.83 -4.02
C ALA A 28 16.35 -16.26 -4.16
N HIS A 29 16.65 -17.16 -5.11
CA HIS A 29 18.04 -17.44 -5.44
C HIS A 29 18.77 -16.18 -5.93
N ALA A 30 18.09 -15.34 -6.71
CA ALA A 30 18.69 -14.10 -7.15
C ALA A 30 18.98 -13.16 -5.97
N GLU A 31 18.09 -13.15 -4.98
CA GLU A 31 18.34 -12.32 -3.80
C GLU A 31 19.48 -12.87 -2.94
N ILE A 32 19.63 -14.19 -2.86
CA ILE A 32 20.79 -14.78 -2.18
C ILE A 32 22.08 -14.38 -2.87
N LEU A 33 22.09 -14.41 -4.21
CA LEU A 33 23.30 -14.05 -4.93
C LEU A 33 23.59 -12.55 -4.85
N LYS A 34 22.57 -11.71 -4.74
CA LYS A 34 22.83 -10.28 -4.57
C LYS A 34 23.23 -9.92 -3.16
N ALA A 35 22.85 -10.72 -2.16
CA ALA A 35 23.12 -10.35 -0.78
C ALA A 35 24.59 -10.53 -0.40
N GLN A 36 25.30 -11.43 -1.05
CA GLN A 36 26.70 -11.68 -0.73
C GLN A 36 27.58 -10.52 -1.16
N GLN B 1 35.20 -11.16 16.57
CA GLN B 1 35.19 -9.73 16.85
C GLN B 1 34.19 -8.99 15.98
N ALA B 2 33.59 -9.71 15.03
CA ALA B 2 32.61 -9.13 14.13
C ALA B 2 31.42 -8.57 14.89
N GLU B 3 31.16 -9.14 16.07
CA GLU B 3 30.04 -8.68 16.90
C GLU B 3 30.11 -7.21 17.25
N ILE B 4 31.31 -6.72 17.59
CA ILE B 4 31.53 -5.31 17.91
C ILE B 4 31.22 -4.44 16.71
N LEU B 5 31.51 -4.94 15.51
CA LEU B 5 31.34 -4.16 14.31
C LEU B 5 29.86 -3.98 13.98
N ARG B 6 29.07 -5.05 14.19
CA ARG B 6 27.62 -4.92 14.07
C ARG B 6 27.03 -4.04 15.16
N ALA B 7 27.65 -4.01 16.34
CA ALA B 7 27.17 -3.11 17.38
C ALA B 7 27.37 -1.64 17.00
N TYR B 8 28.51 -1.33 16.36
CA TYR B 8 28.68 0.01 15.81
C TYR B 8 27.66 0.31 14.71
N ALA B 9 27.31 -0.71 13.93
CA ALA B 9 26.25 -0.51 12.93
C ALA B 9 24.90 -0.22 13.57
N ARG B 10 24.63 -0.85 14.71
CA ARG B 10 23.41 -0.59 15.46
C ARG B 10 23.34 0.85 15.97
N ILE B 11 24.47 1.36 16.46
CA ILE B 11 24.50 2.76 16.92
C ILE B 11 24.29 3.72 15.75
N LEU B 12 24.90 3.44 14.60
CA LEU B 12 24.71 4.33 13.46
C LEU B 12 23.28 4.30 12.92
N GLU B 13 22.61 3.14 12.98
CA GLU B 13 21.20 3.09 12.62
C GLU B 13 20.34 3.89 13.61
N ALA B 14 20.71 3.89 14.89
CA ALA B 14 19.96 4.69 15.86
C ALA B 14 20.12 6.19 15.60
N ASP B 15 21.32 6.63 15.20
CA ASP B 15 21.52 8.02 14.80
C ASP B 15 20.67 8.39 13.59
N ALA B 16 20.56 7.46 12.63
CA ALA B 16 19.67 7.68 11.50
C ALA B 16 18.22 7.84 11.93
N GLU B 17 17.79 7.07 12.94
CA GLU B 17 16.42 7.20 13.44
C GLU B 17 16.18 8.55 14.11
N ILE B 18 17.18 9.06 14.83
CA ILE B 18 17.07 10.38 15.45
C ILE B 18 16.87 11.46 14.39
N LEU B 19 17.69 11.41 13.33
CA LEU B 19 17.59 12.45 12.32
C LEU B 19 16.30 12.35 11.49
N LYS B 20 15.81 11.13 11.25
CA LYS B 20 14.51 10.97 10.62
C LYS B 20 13.38 11.53 11.47
N ALA B 21 13.50 11.41 12.80
CA ALA B 21 12.47 11.98 13.66
C ALA B 21 12.47 13.51 13.62
N GLN B 22 13.65 14.13 13.54
CA GLN B 22 13.68 15.59 13.37
C GLN B 22 13.09 16.02 12.03
N ALA B 23 13.31 15.22 10.99
CA ALA B 23 12.67 15.49 9.71
C ALA B 23 11.15 15.39 9.81
N LYS B 24 10.63 14.46 10.62
CA LYS B 24 9.19 14.37 10.79
C LYS B 24 8.63 15.56 11.56
N ILE B 25 9.40 16.11 12.52
CA ILE B 25 8.99 17.34 13.21
C ILE B 25 8.82 18.49 12.22
N LEU B 26 9.80 18.66 11.33
CA LEU B 26 9.70 19.79 10.41
C LEU B 26 8.64 19.57 9.33
N GLU B 27 8.40 18.32 8.92
CA GLU B 27 7.27 18.05 8.03
C GLU B 27 5.94 18.32 8.72
N ALA B 28 5.87 18.13 10.04
CA ALA B 28 4.64 18.46 10.75
C ALA B 28 4.41 19.96 10.83
N HIS B 29 5.49 20.74 10.98
CA HIS B 29 5.36 22.20 10.83
C HIS B 29 4.86 22.59 9.45
N ALA B 30 5.31 21.88 8.41
CA ALA B 30 4.81 22.15 7.06
C ALA B 30 3.33 21.84 6.94
N GLU B 31 2.87 20.78 7.61
CA GLU B 31 1.44 20.46 7.59
C GLU B 31 0.61 21.48 8.37
N ILE B 32 1.14 22.01 9.47
CA ILE B 32 0.46 23.08 10.19
C ILE B 32 0.32 24.32 9.30
N LEU B 33 1.39 24.66 8.56
CA LEU B 33 1.31 25.83 7.71
C LEU B 33 0.41 25.61 6.50
N LYS B 34 0.30 24.37 6.00
CA LYS B 34 -0.64 24.12 4.92
C LYS B 34 -2.08 24.04 5.38
N ALA B 35 -2.32 23.71 6.64
CA ALA B 35 -3.69 23.51 7.09
C ALA B 35 -4.46 24.81 7.26
N GLN B 36 -3.77 25.91 7.54
CA GLN B 36 -4.43 27.19 7.74
C GLN B 36 -4.98 27.74 6.45
N GLN C 1 -11.63 35.56 13.52
CA GLN C 1 -12.71 35.29 12.58
C GLN C 1 -12.27 34.32 11.49
N ALA C 2 -10.97 33.99 11.48
CA ALA C 2 -10.43 33.07 10.50
C ALA C 2 -11.10 31.71 10.58
N GLU C 3 -11.61 31.37 11.77
CA GLU C 3 -12.29 30.09 11.98
C GLU C 3 -13.46 29.87 11.03
N ILE C 4 -14.26 30.92 10.82
CA ILE C 4 -15.40 30.86 9.92
C ILE C 4 -14.94 30.60 8.49
N LEU C 5 -13.78 31.12 8.13
CA LEU C 5 -13.29 31.02 6.77
C LEU C 5 -12.83 29.60 6.48
N ARG C 6 -12.19 28.96 7.47
CA ARG C 6 -11.86 27.54 7.35
C ARG C 6 -13.11 26.67 7.35
N ALA C 7 -14.17 27.10 8.04
CA ALA C 7 -15.41 26.33 8.00
C ALA C 7 -16.05 26.36 6.61
N TYR C 8 -15.98 27.51 5.93
CA TYR C 8 -16.40 27.55 4.53
C TYR C 8 -15.52 26.66 3.65
N ALA C 9 -14.23 26.59 3.97
CA ALA C 9 -13.35 25.68 3.24
C ALA C 9 -13.73 24.21 3.45
N ARG C 10 -14.18 23.89 4.67
CA ARG C 10 -14.65 22.54 4.97
C ARG C 10 -15.89 22.18 4.16
N ILE C 11 -16.82 23.13 4.03
CA ILE C 11 -18.02 22.88 3.22
C ILE C 11 -17.66 22.68 1.74
N LEU C 12 -16.73 23.48 1.22
CA LEU C 12 -16.35 23.33 -0.17
C LEU C 12 -15.62 22.00 -0.44
N GLU C 13 -14.82 21.53 0.53
CA GLU C 13 -14.22 20.21 0.41
C GLU C 13 -15.28 19.11 0.42
N ALA C 14 -16.35 19.28 1.19
CA ALA C 14 -17.42 18.28 1.20
C ALA C 14 -18.16 18.24 -0.13
N ASP C 15 -18.35 19.40 -0.77
CA ASP C 15 -18.93 19.43 -2.11
C ASP C 15 -18.05 18.72 -3.13
N ALA C 16 -16.73 18.89 -3.00
CA ALA C 16 -15.80 18.16 -3.84
C ALA C 16 -15.92 16.65 -3.65
N GLU C 17 -16.15 16.21 -2.40
CA GLU C 17 -16.32 14.78 -2.14
C GLU C 17 -17.59 14.23 -2.78
N ILE C 18 -18.67 15.04 -2.76
CA ILE C 18 -19.92 14.62 -3.41
C ILE C 18 -19.71 14.42 -4.91
N LEU C 19 -19.03 15.36 -5.55
CA LEU C 19 -18.87 15.26 -7.00
C LEU C 19 -17.89 14.14 -7.38
N LYS C 20 -16.87 13.88 -6.56
CA LYS C 20 -16.01 12.72 -6.79
C LYS C 20 -16.77 11.42 -6.66
N ALA C 21 -17.75 11.36 -5.74
CA ALA C 21 -18.54 10.14 -5.62
C ALA C 21 -19.42 9.90 -6.84
N GLN C 22 -19.98 10.96 -7.41
CA GLN C 22 -20.74 10.79 -8.65
C GLN C 22 -19.84 10.34 -9.81
N ALA C 23 -18.60 10.84 -9.83
CA ALA C 23 -17.64 10.35 -10.82
C ALA C 23 -17.35 8.86 -10.63
N LYS C 24 -17.30 8.39 -9.38
CA LYS C 24 -17.07 6.97 -9.16
C LYS C 24 -18.26 6.13 -9.59
N ILE C 25 -19.49 6.65 -9.45
CA ILE C 25 -20.68 5.96 -9.97
C ILE C 25 -20.58 5.75 -11.47
N LEU C 26 -20.20 6.81 -12.20
CA LEU C 26 -20.15 6.67 -13.65
C LEU C 26 -18.97 5.82 -14.11
N GLU C 27 -17.84 5.85 -13.39
CA GLU C 27 -16.76 4.91 -13.69
C GLU C 27 -17.17 3.47 -13.42
N ALA C 28 -18.06 3.24 -12.44
CA ALA C 28 -18.54 1.88 -12.22
C ALA C 28 -19.46 1.42 -13.33
N HIS C 29 -20.27 2.32 -13.90
CA HIS C 29 -21.01 1.99 -15.12
C HIS C 29 -20.07 1.63 -16.26
N ALA C 30 -18.95 2.34 -16.37
CA ALA C 30 -17.96 2.01 -17.41
C ALA C 30 -17.38 0.62 -17.19
N GLU C 31 -17.15 0.24 -15.93
CA GLU C 31 -16.64 -1.10 -15.64
C GLU C 31 -17.67 -2.18 -15.93
N ILE C 32 -18.96 -1.91 -15.68
CA ILE C 32 -20.02 -2.85 -16.05
C ILE C 32 -20.05 -3.04 -17.56
N LEU C 33 -19.91 -1.96 -18.32
CA LEU C 33 -19.94 -2.08 -19.77
C LEU C 33 -18.68 -2.76 -20.32
N LYS C 34 -17.54 -2.61 -19.66
CA LYS C 34 -16.35 -3.32 -20.10
C LYS C 34 -16.35 -4.79 -19.70
N ALA C 35 -17.07 -5.15 -18.64
CA ALA C 35 -17.01 -6.52 -18.17
C ALA C 35 -17.77 -7.50 -19.05
N GLN C 36 -18.79 -7.03 -19.76
CA GLN C 36 -19.58 -7.92 -20.62
C GLN C 36 -18.79 -8.36 -21.83
N GLN D 1 -21.45 30.66 16.10
CA GLN D 1 -22.38 30.14 15.09
C GLN D 1 -21.67 29.19 14.12
N ALA D 2 -20.36 29.10 14.25
CA ALA D 2 -19.57 28.24 13.38
C ALA D 2 -20.00 26.77 13.52
N GLU D 3 -20.54 26.43 14.68
CA GLU D 3 -20.99 25.07 14.95
C GLU D 3 -22.02 24.58 13.93
N ILE D 4 -22.97 25.45 13.57
CA ILE D 4 -24.01 25.12 12.59
C ILE D 4 -23.38 24.86 11.23
N LEU D 5 -22.30 25.57 10.93
CA LEU D 5 -21.67 25.46 9.61
C LEU D 5 -20.94 24.13 9.48
N ARG D 6 -20.30 23.69 10.56
CA ARG D 6 -19.71 22.35 10.58
C ARG D 6 -20.79 21.26 10.55
N ALA D 7 -21.96 21.54 11.12
CA ALA D 7 -23.04 20.56 11.05
C ALA D 7 -23.54 20.37 9.61
N TYR D 8 -23.62 21.47 8.86
CA TYR D 8 -23.91 21.35 7.43
C TYR D 8 -22.82 20.58 6.70
N ALA D 9 -21.57 20.76 7.12
CA ALA D 9 -20.48 19.98 6.52
C ALA D 9 -20.62 18.49 6.83
N ARG D 10 -21.10 18.17 8.03
CA ARG D 10 -21.36 16.77 8.40
C ARG D 10 -22.44 16.15 7.53
N ILE D 11 -23.51 16.89 7.24
CA ILE D 11 -24.56 16.38 6.37
C ILE D 11 -24.04 16.16 4.95
N LEU D 12 -23.22 17.08 4.44
CA LEU D 12 -22.70 16.90 3.09
C LEU D 12 -21.73 15.73 2.99
N GLU D 13 -20.96 15.47 4.05
CA GLU D 13 -20.12 14.27 4.08
C GLU D 13 -20.96 12.99 4.10
N ALA D 14 -22.11 13.03 4.78
CA ALA D 14 -22.98 11.86 4.78
C ALA D 14 -23.59 11.59 3.40
N ASP D 15 -23.92 12.66 2.66
CA ASP D 15 -24.38 12.48 1.28
C ASP D 15 -23.29 11.88 0.39
N ALA D 16 -22.04 12.30 0.61
CA ALA D 16 -20.92 11.70 -0.10
C ALA D 16 -20.79 10.21 0.21
N GLU D 17 -21.05 9.82 1.46
CA GLU D 17 -20.99 8.39 1.82
C GLU D 17 -22.09 7.59 1.13
N ILE D 18 -23.29 8.18 1.01
CA ILE D 18 -24.38 7.50 0.30
C ILE D 18 -24.01 7.24 -1.15
N LEU D 19 -23.45 8.25 -1.82
CA LEU D 19 -23.13 8.09 -3.24
C LEU D 19 -21.95 7.15 -3.46
N LYS D 20 -20.98 7.13 -2.54
CA LYS D 20 -19.91 6.13 -2.61
C LYS D 20 -20.45 4.72 -2.43
N ALA D 21 -21.47 4.54 -1.60
CA ALA D 21 -22.04 3.21 -1.42
C ALA D 21 -22.76 2.74 -2.69
N GLN D 22 -23.44 3.65 -3.40
CA GLN D 22 -24.04 3.26 -4.67
C GLN D 22 -22.99 2.90 -5.71
N ALA D 23 -21.85 3.61 -5.69
CA ALA D 23 -20.73 3.25 -6.54
C ALA D 23 -20.21 1.85 -6.23
N LYS D 24 -20.18 1.49 -4.94
CA LYS D 24 -19.74 0.14 -4.58
C LYS D 24 -20.71 -0.93 -5.04
N ILE D 25 -22.02 -0.62 -5.04
CA ILE D 25 -23.01 -1.56 -5.58
C ILE D 25 -22.74 -1.84 -7.06
N LEU D 26 -22.50 -0.77 -7.84
CA LEU D 26 -22.29 -1.00 -9.27
C LEU D 26 -20.94 -1.65 -9.57
N GLU D 27 -19.91 -1.37 -8.75
CA GLU D 27 -18.66 -2.11 -8.90
C GLU D 27 -18.83 -3.59 -8.56
N ALA D 28 -19.75 -3.91 -7.64
CA ALA D 28 -20.01 -5.31 -7.34
C ALA D 28 -20.72 -6.02 -8.48
N HIS D 29 -21.63 -5.30 -9.17
CA HIS D 29 -22.18 -5.85 -10.42
C HIS D 29 -21.09 -6.10 -11.45
N ALA D 30 -20.10 -5.21 -11.53
CA ALA D 30 -19.00 -5.42 -12.45
C ALA D 30 -18.19 -6.66 -12.08
N GLU D 31 -18.02 -6.91 -10.78
CA GLU D 31 -17.31 -8.11 -10.36
C GLU D 31 -18.10 -9.38 -10.64
N ILE D 32 -19.43 -9.33 -10.50
CA ILE D 32 -20.28 -10.47 -10.88
C ILE D 32 -20.14 -10.77 -12.37
N LEU D 33 -20.12 -9.72 -13.20
CA LEU D 33 -19.99 -9.95 -14.63
C LEU D 33 -18.60 -10.41 -15.03
N LYS D 34 -17.56 -10.02 -14.28
CA LYS D 34 -16.23 -10.54 -14.59
C LYS D 34 -16.01 -11.94 -14.07
N ALA D 35 -16.75 -12.36 -13.05
CA ALA D 35 -16.49 -13.67 -12.46
C ALA D 35 -16.99 -14.82 -13.32
N GLN D 36 -18.00 -14.60 -14.14
CA GLN D 36 -18.54 -15.65 -14.98
C GLN D 36 -17.58 -16.03 -16.09
N GLN E 1 36.35 -15.45 6.21
CA GLN E 1 36.62 -14.07 6.58
C GLN E 1 35.70 -13.11 5.85
N ALA E 2 34.92 -13.63 4.92
CA ALA E 2 34.00 -12.81 4.15
C ALA E 2 32.98 -12.11 5.05
N GLU E 3 32.72 -12.72 6.20
CA GLU E 3 31.77 -12.15 7.16
C GLU E 3 32.13 -10.74 7.59
N ILE E 4 33.42 -10.50 7.84
CA ILE E 4 33.91 -9.18 8.25
C ILE E 4 33.68 -8.17 7.13
N LEU E 5 33.78 -8.62 5.89
CA LEU E 5 33.66 -7.72 4.76
C LEU E 5 32.22 -7.27 4.57
N ARG E 6 31.27 -8.19 4.79
CA ARG E 6 29.86 -7.81 4.81
C ARG E 6 29.53 -6.92 5.99
N ALA E 7 30.24 -7.09 7.12
CA ALA E 7 30.00 -6.21 8.25
C ALA E 7 30.44 -4.77 7.95
N TYR E 8 31.56 -4.62 7.24
CA TYR E 8 31.93 -3.29 6.75
C TYR E 8 30.90 -2.73 5.78
N ALA E 9 30.30 -3.60 4.96
CA ALA E 9 29.24 -3.15 4.07
C ALA E 9 28.02 -2.67 4.86
N ARG E 10 27.72 -3.34 5.97
CA ARG E 10 26.62 -2.93 6.85
C ARG E 10 26.86 -1.55 7.45
N ILE E 11 28.09 -1.28 7.87
CA ILE E 11 28.43 0.05 8.41
C ILE E 11 28.29 1.12 7.33
N LEU E 12 28.74 0.83 6.11
CA LEU E 12 28.64 1.84 5.05
C LEU E 12 27.19 2.10 4.65
N GLU E 13 26.33 1.08 4.70
CA GLU E 13 24.90 1.30 4.46
C GLU E 13 24.28 2.16 5.56
N ALA E 14 24.75 1.99 6.81
CA ALA E 14 24.23 2.83 7.89
C ALA E 14 24.64 4.30 7.72
N ASP E 15 25.87 4.54 7.24
CA ASP E 15 26.28 5.91 6.92
C ASP E 15 25.42 6.51 5.82
N ALA E 16 25.07 5.70 4.81
CA ALA E 16 24.16 6.16 3.77
C ALA E 16 22.80 6.54 4.35
N GLU E 17 22.32 5.78 5.34
CA GLU E 17 21.03 6.11 5.97
C GLU E 17 21.10 7.42 6.75
N ILE E 18 22.23 7.69 7.41
CA ILE E 18 22.41 8.96 8.11
C ILE E 18 22.33 10.13 7.14
N LEU E 19 23.03 10.03 6.02
CA LEU E 19 23.05 11.15 5.08
C LEU E 19 21.71 11.34 4.37
N LYS E 20 20.98 10.24 4.10
CA LYS E 20 19.63 10.38 3.57
C LYS E 20 18.69 11.05 4.57
N ALA E 21 18.89 10.81 5.86
CA ALA E 21 18.04 11.47 6.85
C ALA E 21 18.31 12.98 6.91
N GLN E 22 19.59 13.39 6.76
CA GLN E 22 19.87 14.83 6.69
C GLN E 22 19.26 15.46 5.44
N ALA E 23 19.25 14.71 4.34
CA ALA E 23 18.57 15.19 3.13
C ALA E 23 17.08 15.36 3.36
N LYS E 24 16.47 14.48 4.15
CA LYS E 24 15.04 14.63 4.45
C LYS E 24 14.77 15.83 5.35
N ILE E 25 15.70 16.15 6.25
CA ILE E 25 15.57 17.38 7.06
C ILE E 25 15.54 18.62 6.17
N LEU E 26 16.47 18.69 5.22
CA LEU E 26 16.50 19.88 4.36
C LEU E 26 15.33 19.94 3.38
N GLU E 27 14.84 18.79 2.91
CA GLU E 27 13.62 18.79 2.11
C GLU E 27 12.41 19.23 2.94
N ALA E 28 12.42 18.95 4.24
CA ALA E 28 11.32 19.43 5.08
C ALA E 28 11.38 20.94 5.28
N HIS E 29 12.59 21.51 5.38
CA HIS E 29 12.71 22.97 5.34
C HIS E 29 12.18 23.55 4.03
N ALA E 30 12.43 22.86 2.92
CA ALA E 30 11.88 23.32 1.64
C ALA E 30 10.36 23.29 1.63
N GLU E 31 9.77 22.28 2.28
CA GLU E 31 8.31 22.22 2.36
C GLU E 31 7.73 23.30 3.27
N ILE E 32 8.44 23.63 4.36
CA ILE E 32 8.03 24.76 5.20
C ILE E 32 8.05 26.06 4.41
N LEU E 33 9.09 26.27 3.60
CA LEU E 33 9.17 27.50 2.83
C LEU E 33 8.14 27.54 1.70
N LYS E 34 7.78 26.38 1.14
CA LYS E 34 6.73 26.39 0.12
C LYS E 34 5.33 26.52 0.71
N ALA E 35 5.13 26.14 1.97
CA ALA E 35 3.79 26.15 2.52
C ALA E 35 3.29 27.54 2.84
N GLN E 36 4.19 28.48 3.14
CA GLN E 36 3.80 29.84 3.47
C GLN E 36 3.25 30.58 2.27
N GLN F 1 -20.42 -34.39 -10.85
CA GLN F 1 -19.04 -34.84 -10.88
C GLN F 1 -18.07 -33.66 -10.75
N ALA F 2 -18.62 -32.45 -10.78
CA ALA F 2 -17.81 -31.24 -10.67
C ALA F 2 -17.04 -31.21 -9.35
N GLU F 3 -17.57 -31.89 -8.34
CA GLU F 3 -16.93 -31.94 -7.03
C GLU F 3 -15.52 -32.48 -7.07
N ILE F 4 -15.30 -33.54 -7.85
CA ILE F 4 -13.99 -34.15 -8.03
C ILE F 4 -13.03 -33.17 -8.67
N LEU F 5 -13.54 -32.32 -9.56
CA LEU F 5 -12.69 -31.40 -10.29
C LEU F 5 -12.20 -30.27 -9.39
N ARG F 6 -13.08 -29.80 -8.49
CA ARG F 6 -12.65 -28.85 -7.47
C ARG F 6 -11.70 -29.49 -6.47
N ALA F 7 -11.83 -30.80 -6.21
CA ALA F 7 -10.89 -31.46 -5.32
C ALA F 7 -9.49 -31.51 -5.93
N TYR F 8 -9.40 -31.75 -7.24
CA TYR F 8 -8.11 -31.63 -7.92
C TYR F 8 -7.57 -30.21 -7.85
N ALA F 9 -8.45 -29.21 -7.92
CA ALA F 9 -8.01 -27.83 -7.77
C ALA F 9 -7.47 -27.56 -6.36
N ARG F 10 -8.07 -28.19 -5.35
CA ARG F 10 -7.58 -28.08 -3.98
C ARG F 10 -6.18 -28.67 -3.83
N ILE F 11 -5.92 -29.81 -4.46
CA ILE F 11 -4.59 -30.41 -4.42
C ILE F 11 -3.55 -29.52 -5.10
N LEU F 12 -3.92 -28.93 -6.25
CA LEU F 12 -2.97 -28.08 -6.94
C LEU F 12 -2.68 -26.79 -6.17
N GLU F 13 -3.67 -26.25 -5.45
CA GLU F 13 -3.42 -25.11 -4.58
C GLU F 13 -2.49 -25.48 -3.42
N ALA F 14 -2.60 -26.72 -2.91
CA ALA F 14 -1.70 -27.16 -1.84
C ALA F 14 -0.26 -27.29 -2.34
N ASP F 15 -0.08 -27.75 -3.58
CA ASP F 15 1.27 -27.79 -4.18
C ASP F 15 1.84 -26.38 -4.33
N ALA F 16 0.99 -25.42 -4.70
CA ALA F 16 1.43 -24.03 -4.76
C ALA F 16 1.87 -23.52 -3.40
N GLU F 17 1.18 -23.93 -2.33
CA GLU F 17 1.58 -23.53 -0.98
C GLU F 17 2.92 -24.12 -0.58
N ILE F 18 3.19 -25.37 -0.97
CA ILE F 18 4.49 -25.99 -0.69
C ILE F 18 5.61 -25.21 -1.36
N LEU F 19 5.43 -24.86 -2.63
CA LEU F 19 6.51 -24.18 -3.34
C LEU F 19 6.70 -22.74 -2.85
N LYS F 20 5.62 -22.06 -2.44
CA LYS F 20 5.77 -20.75 -1.82
C LYS F 20 6.52 -20.84 -0.50
N ALA F 21 6.33 -21.92 0.26
CA ALA F 21 7.07 -22.07 1.50
C ALA F 21 8.57 -22.27 1.26
N GLN F 22 8.93 -23.02 0.21
CA GLN F 22 10.35 -23.15 -0.13
C GLN F 22 10.95 -21.80 -0.57
N ALA F 23 10.15 -21.00 -1.27
CA ALA F 23 10.59 -19.65 -1.61
C ALA F 23 10.83 -18.80 -0.37
N LYS F 24 9.99 -18.98 0.67
CA LYS F 24 10.20 -18.22 1.90
C LYS F 24 11.46 -18.68 2.65
N ILE F 25 11.79 -19.98 2.56
CA ILE F 25 13.05 -20.46 3.13
C ILE F 25 14.25 -19.76 2.48
N LEU F 26 14.25 -19.69 1.15
CA LEU F 26 15.40 -19.09 0.49
C LEU F 26 15.45 -17.57 0.66
N GLU F 27 14.29 -16.91 0.77
CA GLU F 27 14.30 -15.48 1.13
C GLU F 27 14.82 -15.27 2.55
N ALA F 28 14.60 -16.22 3.45
CA ALA F 28 15.15 -16.09 4.79
C ALA F 28 16.67 -16.26 4.80
N HIS F 29 17.20 -17.15 3.95
CA HIS F 29 18.65 -17.19 3.75
C HIS F 29 19.18 -15.85 3.22
N ALA F 30 18.44 -15.21 2.32
CA ALA F 30 18.85 -13.89 1.83
C ALA F 30 18.87 -12.86 2.94
N GLU F 31 17.91 -12.94 3.87
CA GLU F 31 17.89 -12.01 5.00
C GLU F 31 19.03 -12.28 5.97
N ILE F 32 19.40 -13.55 6.18
CA ILE F 32 20.58 -13.87 7.00
C ILE F 32 21.84 -13.29 6.37
N LEU F 33 21.98 -13.40 5.04
CA LEU F 33 23.17 -12.86 4.40
C LEU F 33 23.18 -11.34 4.37
N LYS F 34 22.01 -10.70 4.33
CA LYS F 34 22.00 -9.24 4.42
C LYS F 34 22.21 -8.72 5.82
N ALA F 35 21.89 -9.51 6.84
CA ALA F 35 21.97 -9.00 8.20
C ALA F 35 23.39 -8.89 8.70
N GLN F 36 24.31 -9.70 8.19
CA GLN F 36 25.70 -9.66 8.64
C GLN F 36 26.40 -8.39 8.18
N GLN G 1 -27.54 -17.09 -23.33
CA GLN G 1 -26.44 -17.98 -23.67
C GLN G 1 -25.11 -17.23 -23.60
N ALA G 2 -25.18 -15.93 -23.38
CA ALA G 2 -23.98 -15.10 -23.30
C ALA G 2 -23.07 -15.55 -22.15
N GLU G 3 -23.68 -16.17 -21.14
CA GLU G 3 -22.93 -16.66 -19.98
C GLU G 3 -21.82 -17.63 -20.36
N ILE G 4 -22.11 -18.55 -21.28
CA ILE G 4 -21.14 -19.53 -21.76
C ILE G 4 -19.99 -18.83 -22.46
N LEU G 5 -20.28 -17.73 -23.13
CA LEU G 5 -19.27 -17.04 -23.92
C LEU G 5 -18.29 -16.31 -23.00
N ARG G 6 -18.79 -15.73 -21.91
CA ARG G 6 -17.92 -15.17 -20.88
C ARG G 6 -17.13 -16.26 -20.16
N ALA G 7 -17.70 -17.46 -20.02
CA ALA G 7 -16.94 -18.54 -19.40
C ALA G 7 -15.76 -18.97 -20.27
N TYR G 8 -15.93 -18.98 -21.60
CA TYR G 8 -14.80 -19.20 -22.48
C TYR G 8 -13.78 -18.08 -22.36
N ALA G 9 -14.24 -16.84 -22.15
CA ALA G 9 -13.31 -15.74 -21.93
C ALA G 9 -12.52 -15.92 -20.64
N ARG G 10 -13.16 -16.48 -19.60
CA ARG G 10 -12.49 -16.77 -18.34
C ARG G 10 -11.38 -17.81 -18.52
N ILE G 11 -11.66 -18.85 -19.32
CA ILE G 11 -10.63 -19.86 -19.59
C ILE G 11 -9.45 -19.26 -20.36
N LEU G 12 -9.74 -18.40 -21.35
CA LEU G 12 -8.64 -17.81 -22.11
C LEU G 12 -7.79 -16.85 -21.26
N GLU G 13 -8.42 -16.14 -20.32
CA GLU G 13 -7.65 -15.32 -19.38
C GLU G 13 -6.78 -16.18 -18.47
N ALA G 14 -7.26 -17.36 -18.09
CA ALA G 14 -6.44 -18.26 -17.27
C ALA G 14 -5.22 -18.78 -18.03
N ASP G 15 -5.39 -19.06 -19.34
CA ASP G 15 -4.25 -19.45 -20.17
C ASP G 15 -3.23 -18.31 -20.27
N ALA G 16 -3.72 -17.07 -20.37
CA ALA G 16 -2.82 -15.92 -20.36
C ALA G 16 -2.03 -15.84 -19.05
N GLU G 17 -2.69 -16.17 -17.93
CA GLU G 17 -1.98 -16.14 -16.63
C GLU G 17 -0.90 -17.22 -16.57
N ILE G 18 -1.16 -18.40 -17.14
CA ILE G 18 -0.15 -19.46 -17.18
C ILE G 18 1.08 -19.00 -17.96
N LEU G 19 0.86 -18.40 -19.12
CA LEU G 19 2.00 -18.02 -19.95
C LEU G 19 2.77 -16.83 -19.35
N LYS G 20 2.07 -15.91 -18.67
CA LYS G 20 2.77 -14.85 -17.93
C LYS G 20 3.62 -15.41 -16.80
N ALA G 21 3.16 -16.49 -16.15
CA ALA G 21 3.95 -17.08 -15.08
C ALA G 21 5.22 -17.73 -15.62
N GLN G 22 5.14 -18.36 -16.81
CA GLN G 22 6.36 -18.91 -17.41
C GLN G 22 7.33 -17.79 -17.81
N ALA G 23 6.80 -16.65 -18.26
CA ALA G 23 7.64 -15.49 -18.51
C ALA G 23 8.33 -15.00 -17.25
N LYS G 24 7.64 -15.06 -16.11
CA LYS G 24 8.28 -14.64 -14.87
C LYS G 24 9.38 -15.61 -14.43
N ILE G 25 9.21 -16.91 -14.71
CA ILE G 25 10.27 -17.89 -14.45
C ILE G 25 11.54 -17.54 -15.23
N LEU G 26 11.38 -17.24 -16.53
CA LEU G 26 12.57 -16.96 -17.32
C LEU G 26 13.19 -15.60 -16.98
N GLU G 27 12.37 -14.61 -16.58
CA GLU G 27 12.94 -13.36 -16.07
C GLU G 27 13.70 -13.58 -14.77
N ALA G 28 13.27 -14.54 -13.95
CA ALA G 28 14.01 -14.83 -12.73
C ALA G 28 15.35 -15.51 -13.03
N HIS G 29 15.40 -16.36 -14.07
CA HIS G 29 16.71 -16.85 -14.54
C HIS G 29 17.60 -15.70 -15.00
N ALA G 30 17.02 -14.70 -15.66
CA ALA G 30 17.81 -13.54 -16.08
C ALA G 30 18.35 -12.78 -14.88
N GLU G 31 17.56 -12.68 -13.81
CA GLU G 31 18.05 -12.01 -12.59
C GLU G 31 19.14 -12.81 -11.89
N ILE G 32 19.04 -14.15 -11.91
CA ILE G 32 20.12 -14.98 -11.36
C ILE G 32 21.42 -14.76 -12.15
N LEU G 33 21.31 -14.69 -13.48
CA LEU G 33 22.52 -14.48 -14.28
C LEU G 33 23.07 -13.07 -14.13
N LYS G 34 22.23 -12.08 -13.88
CA LYS G 34 22.75 -10.74 -13.63
C LYS G 34 23.33 -10.57 -12.24
N ALA G 35 22.89 -11.37 -11.28
CA ALA G 35 23.33 -11.15 -9.91
C ALA G 35 24.76 -11.62 -9.66
N GLN G 36 25.24 -12.58 -10.44
CA GLN G 36 26.59 -13.09 -10.25
C GLN G 36 27.63 -12.08 -10.69
N GLN H 1 32.39 -6.47 26.43
CA GLN H 1 32.11 -5.06 26.61
C GLN H 1 31.07 -4.58 25.60
N ALA H 2 30.69 -5.45 24.67
CA ALA H 2 29.72 -5.12 23.65
C ALA H 2 28.37 -4.73 24.28
N GLU H 3 28.12 -5.26 25.47
CA GLU H 3 26.87 -4.97 26.18
C GLU H 3 26.65 -3.49 26.41
N ILE H 4 27.70 -2.77 26.79
CA ILE H 4 27.64 -1.33 27.03
C ILE H 4 27.30 -0.60 25.74
N LEU H 5 27.77 -1.12 24.62
CA LEU H 5 27.58 -0.46 23.33
C LEU H 5 26.13 -0.58 22.88
N ARG H 6 25.53 -1.74 23.12
CA ARG H 6 24.09 -1.90 22.87
C ARG H 6 23.27 -1.07 23.84
N ALA H 7 23.76 -0.85 25.06
CA ALA H 7 23.03 0.01 25.99
C ALA H 7 23.00 1.47 25.51
N TYR H 8 24.13 1.94 24.93
CA TYR H 8 24.10 3.25 24.29
C TYR H 8 23.15 3.28 23.11
N ALA H 9 23.05 2.17 22.37
CA ALA H 9 22.08 2.10 21.28
C ALA H 9 20.64 2.19 21.80
N ARG H 10 20.38 1.59 22.97
CA ARG H 10 19.07 1.67 23.60
C ARG H 10 18.71 3.10 23.97
N ILE H 11 19.68 3.85 24.51
CA ILE H 11 19.43 5.25 24.85
C ILE H 11 19.15 6.08 23.59
N LEU H 12 19.90 5.84 22.52
CA LEU H 12 19.67 6.61 21.30
C LEU H 12 18.31 6.29 20.66
N GLU H 13 17.86 5.04 20.77
CA GLU H 13 16.51 4.70 20.31
C GLU H 13 15.44 5.39 21.15
N ALA H 14 15.69 5.55 22.46
CA ALA H 14 14.73 6.26 23.30
C ALA H 14 14.64 7.74 22.94
N ASP H 15 15.79 8.36 22.59
CA ASP H 15 15.76 9.73 22.11
C ASP H 15 14.97 9.86 20.80
N ALA H 16 15.11 8.87 19.92
CA ALA H 16 14.31 8.85 18.70
C ALA H 16 12.81 8.77 19.01
N GLU H 17 12.45 8.01 20.05
CA GLU H 17 11.03 7.92 20.43
C GLU H 17 10.50 9.24 20.96
N ILE H 18 11.33 9.97 21.72
CA ILE H 18 10.93 11.29 22.22
C ILE H 18 10.64 12.25 21.06
N LEU H 19 11.54 12.26 20.08
CA LEU H 19 11.36 13.22 18.98
C LEU H 19 10.20 12.83 18.07
N LYS H 20 9.95 11.52 17.89
CA LYS H 20 8.75 11.09 17.16
C LYS H 20 7.47 11.49 17.88
N ALA H 21 7.49 11.48 19.23
CA ALA H 21 6.30 11.90 19.96
C ALA H 21 6.04 13.40 19.80
N GLN H 22 7.10 14.22 19.75
CA GLN H 22 6.88 15.65 19.49
C GLN H 22 6.34 15.88 18.07
N ALA H 23 6.80 15.06 17.11
CA ALA H 23 6.24 15.12 15.77
C ALA H 23 4.75 14.76 15.76
N LYS H 24 4.34 13.81 16.59
CA LYS H 24 2.92 13.47 16.66
C LYS H 24 2.10 14.59 17.30
N ILE H 25 2.67 15.32 18.26
CA ILE H 25 1.99 16.49 18.82
C ILE H 25 1.71 17.53 17.74
N LEU H 26 2.72 17.83 16.91
CA LEU H 26 2.51 18.86 15.89
C LEU H 26 1.60 18.38 14.76
N GLU H 27 1.62 17.08 14.43
CA GLU H 27 0.65 16.55 13.49
C GLU H 27 -0.77 16.62 14.04
N ALA H 28 -0.93 16.50 15.36
CA ALA H 28 -2.25 16.64 15.95
C ALA H 28 -2.75 18.08 15.90
N HIS H 29 -1.84 19.06 16.06
CA HIS H 29 -2.21 20.46 15.79
C HIS H 29 -2.65 20.65 14.35
N ALA H 30 -1.99 19.97 13.40
CA ALA H 30 -2.40 20.07 12.00
C ALA H 30 -3.79 19.48 11.80
N GLU H 31 -4.12 18.40 12.52
CA GLU H 31 -5.45 17.83 12.40
C GLU H 31 -6.52 18.73 13.03
N ILE H 32 -6.19 19.41 14.12
CA ILE H 32 -7.12 20.40 14.70
C ILE H 32 -7.38 21.52 13.71
N LEU H 33 -6.33 22.00 13.04
CA LEU H 33 -6.53 23.09 12.08
C LEU H 33 -7.27 22.62 10.82
N LYS H 34 -7.12 21.36 10.42
CA LYS H 34 -7.90 20.87 9.30
C LYS H 34 -9.34 20.56 9.65
N ALA H 35 -9.63 20.27 10.91
CA ALA H 35 -10.98 19.85 11.26
C ALA H 35 -11.97 21.00 11.28
N GLN H 36 -11.51 22.23 11.52
CA GLN H 36 -12.40 23.38 11.57
C GLN H 36 -12.92 23.73 10.20
N GLN I 1 -1.30 38.86 10.40
CA GLN I 1 -2.49 38.85 9.54
C GLN I 1 -2.31 37.91 8.36
N ALA I 2 -1.11 37.36 8.22
CA ALA I 2 -0.82 36.44 7.13
C ALA I 2 -1.72 35.21 7.18
N GLU I 3 -2.18 34.89 8.38
CA GLU I 3 -3.06 33.73 8.57
C GLU I 3 -4.32 33.79 7.73
N ILE I 4 -4.93 34.98 7.65
CA ILE I 4 -6.13 35.20 6.85
C ILE I 4 -5.84 34.97 5.37
N LEU I 5 -4.63 35.31 4.95
CA LEU I 5 -4.28 35.23 3.55
C LEU I 5 -4.11 33.77 3.13
N ARG I 6 -3.52 32.96 4.01
CA ARG I 6 -3.46 31.52 3.77
C ARG I 6 -4.84 30.88 3.83
N ALA I 7 -5.75 31.44 4.64
CA ALA I 7 -7.11 30.91 4.66
C ALA I 7 -7.83 31.15 3.34
N TYR I 8 -7.61 32.33 2.73
CA TYR I 8 -8.12 32.55 1.37
C TYR I 8 -7.49 31.59 0.37
N ALA I 9 -6.21 31.27 0.56
CA ALA I 9 -5.57 30.29 -0.31
C ALA I 9 -6.20 28.90 -0.14
N ARG I 10 -6.60 28.56 1.08
CA ARG I 10 -7.29 27.29 1.34
C ARG I 10 -8.63 27.21 0.62
N ILE I 11 -9.39 28.32 0.63
CA ILE I 11 -10.67 28.35 -0.10
C ILE I 11 -10.46 28.21 -1.60
N LEU I 12 -9.44 28.88 -2.14
CA LEU I 12 -9.20 28.78 -3.58
C LEU I 12 -8.75 27.37 -3.99
N GLU I 13 -7.99 26.69 -3.13
CA GLU I 13 -7.65 25.29 -3.40
C GLU I 13 -8.88 24.39 -3.36
N ALA I 14 -9.83 24.70 -2.47
CA ALA I 14 -11.07 23.90 -2.44
C ALA I 14 -11.90 24.10 -3.71
N ASP I 15 -11.93 25.32 -4.24
CA ASP I 15 -12.60 25.55 -5.53
C ASP I 15 -11.94 24.78 -6.66
N ALA I 16 -10.60 24.70 -6.63
CA ALA I 16 -9.88 23.89 -7.60
C ALA I 16 -10.26 22.43 -7.50
N GLU I 17 -10.47 21.93 -6.27
CA GLU I 17 -10.88 20.54 -6.09
C GLU I 17 -12.28 20.28 -6.64
N ILE I 18 -13.18 21.24 -6.47
CA ILE I 18 -14.54 21.12 -7.03
C ILE I 18 -14.48 21.00 -8.56
N LEU I 19 -13.69 21.86 -9.20
CA LEU I 19 -13.66 21.84 -10.65
C LEU I 19 -12.94 20.60 -11.20
N LYS I 20 -11.93 20.11 -10.49
CA LYS I 20 -11.30 18.84 -10.87
C LYS I 20 -12.28 17.67 -10.75
N ALA I 21 -13.18 17.71 -9.76
CA ALA I 21 -14.16 16.64 -9.64
C ALA I 21 -15.16 16.66 -10.79
N GLN I 22 -15.56 17.86 -11.24
CA GLN I 22 -16.44 17.92 -12.43
C GLN I 22 -15.73 17.41 -13.68
N ALA I 23 -14.43 17.68 -13.78
CA ALA I 23 -13.64 17.11 -14.88
C ALA I 23 -13.62 15.59 -14.82
N LYS I 24 -13.56 15.02 -13.61
CA LYS I 24 -13.58 13.56 -13.50
C LYS I 24 -14.94 12.97 -13.88
N ILE I 25 -16.02 13.69 -13.59
CA ILE I 25 -17.36 13.27 -14.05
C ILE I 25 -17.41 13.17 -15.57
N LEU I 26 -16.91 14.20 -16.25
CA LEU I 26 -16.99 14.17 -17.71
C LEU I 26 -16.02 13.17 -18.33
N GLU I 27 -14.86 12.93 -17.70
CA GLU I 27 -14.00 11.85 -18.17
C GLU I 27 -14.64 10.48 -17.96
N ALA I 28 -15.47 10.34 -16.93
CA ALA I 28 -16.18 9.08 -16.74
C ALA I 28 -17.25 8.87 -17.80
N HIS I 29 -17.92 9.95 -18.23
CA HIS I 29 -18.80 9.84 -19.40
C HIS I 29 -18.03 9.42 -20.65
N ALA I 30 -16.80 9.93 -20.80
CA ALA I 30 -15.99 9.51 -21.94
C ALA I 30 -15.64 8.03 -21.87
N GLU I 31 -15.40 7.52 -20.66
CA GLU I 31 -15.12 6.08 -20.51
C GLU I 31 -16.35 5.23 -20.77
N ILE I 32 -17.54 5.70 -20.38
CA ILE I 32 -18.78 5.00 -20.72
C ILE I 32 -18.96 4.93 -22.23
N LEU I 33 -18.68 6.03 -22.93
CA LEU I 33 -18.85 6.03 -24.38
C LEU I 33 -17.78 5.19 -25.08
N LYS I 34 -16.58 5.09 -24.51
CA LYS I 34 -15.58 4.21 -25.10
C LYS I 34 -15.82 2.74 -24.80
N ALA I 35 -16.51 2.43 -23.71
CA ALA I 35 -16.66 1.03 -23.33
C ALA I 35 -17.65 0.28 -24.21
N GLN I 36 -18.62 0.97 -24.79
CA GLN I 36 -19.62 0.32 -25.62
C GLN I 36 -19.02 -0.16 -26.93
N GLN J 1 -30.45 24.22 18.29
CA GLN J 1 -31.18 23.48 17.27
C GLN J 1 -30.24 22.62 16.44
N ALA J 2 -28.94 22.78 16.66
CA ALA J 2 -27.93 22.02 15.94
C ALA J 2 -28.11 20.51 16.15
N GLU J 3 -28.69 20.15 17.29
CA GLU J 3 -28.92 18.75 17.63
C GLU J 3 -29.74 18.02 16.58
N ILE J 4 -30.80 18.67 16.07
CA ILE J 4 -31.67 18.10 15.05
C ILE J 4 -30.89 17.87 13.76
N LEU J 5 -29.92 18.74 13.49
CA LEU J 5 -29.18 18.67 12.24
C LEU J 5 -28.21 17.48 12.27
N ARG J 6 -27.60 17.23 13.43
CA ARG J 6 -26.80 16.03 13.61
C ARG J 6 -27.65 14.78 13.58
N ALA J 7 -28.91 14.86 14.04
CA ALA J 7 -29.78 13.69 13.96
C ALA J 7 -30.11 13.34 12.51
N TYR J 8 -30.32 14.35 11.66
CA TYR J 8 -30.45 14.08 10.23
C TYR J 8 -29.18 13.48 9.65
N ALA J 9 -28.02 13.91 10.14
CA ALA J 9 -26.76 13.31 9.70
C ALA J 9 -26.66 11.84 10.11
N ARG J 10 -27.20 11.50 11.29
CA ARG J 10 -27.23 10.12 11.76
C ARG J 10 -28.11 9.25 10.86
N ILE J 11 -29.26 9.78 10.43
CA ILE J 11 -30.12 9.02 9.52
C ILE J 11 -29.44 8.80 8.17
N LEU J 12 -28.76 9.82 7.66
CA LEU J 12 -28.09 9.67 6.36
C LEU J 12 -26.92 8.67 6.44
N GLU J 13 -26.22 8.63 7.57
CA GLU J 13 -25.19 7.61 7.75
C GLU J 13 -25.79 6.21 7.81
N ALA J 14 -26.98 6.07 8.40
CA ALA J 14 -27.64 4.76 8.42
C ALA J 14 -28.06 4.30 7.02
N ASP J 15 -28.50 5.24 6.19
CA ASP J 15 -28.80 4.90 4.78
C ASP J 15 -27.55 4.45 4.03
N ALA J 16 -26.41 5.11 4.33
CA ALA J 16 -25.15 4.67 3.74
C ALA J 16 -24.79 3.25 4.18
N GLU J 17 -25.08 2.90 5.44
CA GLU J 17 -24.81 1.54 5.91
C GLU J 17 -25.69 0.51 5.22
N ILE J 18 -26.95 0.86 4.95
CA ILE J 18 -27.84 -0.05 4.21
C ILE J 18 -27.29 -0.33 2.82
N LEU J 19 -26.87 0.73 2.11
CA LEU J 19 -26.41 0.52 0.75
C LEU J 19 -25.05 -0.20 0.69
N LYS J 20 -24.19 0.02 1.68
CA LYS J 20 -22.96 -0.77 1.77
C LYS J 20 -23.24 -2.24 2.02
N ALA J 21 -24.29 -2.54 2.79
CA ALA J 21 -24.63 -3.95 3.01
C ALA J 21 -25.14 -4.62 1.74
N GLN J 22 -25.91 -3.89 0.92
CA GLN J 22 -26.32 -4.47 -0.37
C GLN J 22 -25.12 -4.70 -1.29
N ALA J 23 -24.14 -3.80 -1.23
CA ALA J 23 -22.90 -4.00 -1.97
C ALA J 23 -22.16 -5.25 -1.50
N LYS J 24 -22.19 -5.53 -0.20
CA LYS J 24 -21.55 -6.75 0.30
C LYS J 24 -22.28 -8.01 -0.14
N ILE J 25 -23.61 -7.94 -0.26
CA ILE J 25 -24.38 -9.07 -0.81
C ILE J 25 -23.93 -9.39 -2.23
N LEU J 26 -23.81 -8.36 -3.07
CA LEU J 26 -23.44 -8.63 -4.46
C LEU J 26 -21.97 -9.04 -4.60
N GLU J 27 -21.09 -8.53 -3.74
CA GLU J 27 -19.71 -9.04 -3.72
C GLU J 27 -19.66 -10.50 -3.28
N ALA J 28 -20.57 -10.91 -2.41
CA ALA J 28 -20.61 -12.32 -2.02
C ALA J 28 -21.09 -13.21 -3.16
N HIS J 29 -22.04 -12.72 -3.97
CA HIS J 29 -22.38 -13.44 -5.21
C HIS J 29 -21.17 -13.56 -6.14
N ALA J 30 -20.35 -12.51 -6.21
CA ALA J 30 -19.14 -12.58 -7.02
C ALA J 30 -18.17 -13.62 -6.49
N GLU J 31 -18.08 -13.76 -5.17
CA GLU J 31 -17.21 -14.78 -4.59
C GLU J 31 -17.74 -16.19 -4.82
N ILE J 32 -19.07 -16.37 -4.80
CA ILE J 32 -19.66 -17.66 -5.16
C ILE J 32 -19.33 -18.02 -6.59
N LEU J 33 -19.43 -17.05 -7.51
CA LEU J 33 -19.13 -17.34 -8.91
C LEU J 33 -17.65 -17.58 -9.15
N LYS J 34 -16.77 -16.95 -8.37
CA LYS J 34 -15.34 -17.23 -8.52
C LYS J 34 -14.93 -18.54 -7.87
N ALA J 35 -15.68 -19.02 -6.89
CA ALA J 35 -15.24 -20.21 -6.17
C ALA J 35 -15.44 -21.49 -6.97
N GLN J 36 -16.41 -21.50 -7.89
CA GLN J 36 -16.68 -22.70 -8.69
C GLN J 36 -15.58 -22.96 -9.69
N GLN K 1 35.89 -19.05 -4.48
CA GLN K 1 36.45 -17.76 -4.04
C GLN K 1 35.67 -16.60 -4.62
N ALA K 2 34.73 -16.91 -5.51
CA ALA K 2 33.91 -15.87 -6.15
C ALA K 2 33.12 -15.08 -5.10
N GLU K 3 32.83 -15.72 -3.98
CA GLU K 3 32.08 -15.08 -2.90
C GLU K 3 32.73 -13.79 -2.41
N ILE K 4 34.05 -13.80 -2.26
CA ILE K 4 34.80 -12.63 -1.82
C ILE K 4 34.68 -11.50 -2.84
N LEU K 5 34.59 -11.87 -4.11
CA LEU K 5 34.57 -10.88 -5.18
C LEU K 5 33.22 -10.16 -5.20
N ARG K 6 32.13 -10.90 -4.96
CA ARG K 6 30.83 -10.29 -4.79
C ARG K 6 30.76 -9.46 -3.52
N ALA K 7 31.50 -9.84 -2.48
CA ALA K 7 31.51 -9.02 -1.27
C ALA K 7 32.18 -7.67 -1.52
N TYR K 8 33.24 -7.66 -2.32
CA TYR K 8 33.82 -6.37 -2.75
C TYR K 8 32.84 -5.57 -3.58
N ALA K 9 32.03 -6.26 -4.40
CA ALA K 9 31.00 -5.55 -5.16
C ALA K 9 29.95 -4.93 -4.24
N ARG K 10 29.62 -5.62 -3.14
CA ARG K 10 28.69 -5.10 -2.15
C ARG K 10 29.21 -3.83 -1.50
N ILE K 11 30.52 -3.82 -1.16
CA ILE K 11 31.12 -2.61 -0.57
C ILE K 11 31.09 -1.45 -1.57
N LEU K 12 31.40 -1.71 -2.84
CA LEU K 12 31.40 -0.64 -3.82
C LEU K 12 29.99 -0.09 -4.06
N GLU K 13 28.97 -0.94 -4.01
CA GLU K 13 27.60 -0.46 -4.09
C GLU K 13 27.22 0.40 -2.89
N ALA K 14 27.74 0.06 -1.70
CA ALA K 14 27.48 0.89 -0.53
C ALA K 14 28.13 2.27 -0.63
N ASP K 15 29.34 2.33 -1.21
CA ASP K 15 29.96 3.63 -1.48
C ASP K 15 29.15 4.47 -2.46
N ALA K 16 28.58 3.81 -3.47
CA ALA K 16 27.68 4.50 -4.40
C ALA K 16 26.46 5.06 -3.68
N GLU K 17 25.94 4.32 -2.70
CA GLU K 17 24.79 4.82 -1.94
C GLU K 17 25.14 6.03 -1.09
N ILE K 18 26.35 6.04 -0.51
CA ILE K 18 26.81 7.21 0.25
C ILE K 18 26.87 8.44 -0.63
N LEU K 19 27.45 8.31 -1.82
CA LEU K 19 27.61 9.49 -2.67
C LEU K 19 26.27 9.96 -3.25
N LYS K 20 25.34 9.04 -3.52
CA LYS K 20 23.99 9.44 -3.92
C LYS K 20 23.27 10.19 -2.80
N ALA K 21 23.53 9.82 -1.55
CA ALA K 21 22.90 10.54 -0.45
C ALA K 21 23.44 11.96 -0.32
N GLN K 22 24.74 12.15 -0.56
CA GLN K 22 25.28 13.52 -0.55
C GLN K 22 24.70 14.34 -1.70
N ALA K 23 24.47 13.71 -2.86
CA ALA K 23 23.81 14.39 -3.95
C ALA K 23 22.39 14.81 -3.57
N LYS K 24 21.69 13.97 -2.80
CA LYS K 24 20.34 14.35 -2.36
C LYS K 24 20.36 15.52 -1.37
N ILE K 25 21.41 15.59 -0.53
CA ILE K 25 21.56 16.75 0.37
C ILE K 25 21.68 18.04 -0.44
N LEU K 26 22.53 18.02 -1.48
CA LEU K 26 22.73 19.27 -2.23
C LEU K 26 21.52 19.60 -3.10
N GLU K 27 20.79 18.59 -3.60
CA GLU K 27 19.52 18.88 -4.28
C GLU K 27 18.48 19.46 -3.32
N ALA K 28 18.53 19.07 -2.05
CA ALA K 28 17.61 19.67 -1.09
C ALA K 28 17.97 21.13 -0.80
N HIS K 29 19.26 21.47 -0.77
CA HIS K 29 19.65 22.88 -0.74
C HIS K 29 19.13 23.65 -1.94
N ALA K 30 19.15 23.01 -3.12
CA ALA K 30 18.60 23.67 -4.30
C ALA K 30 17.10 23.90 -4.18
N GLU K 31 16.39 22.96 -3.55
CA GLU K 31 14.96 23.15 -3.35
C GLU K 31 14.66 24.25 -2.33
N ILE K 32 15.50 24.36 -1.28
CA ILE K 32 15.36 25.46 -0.33
C ILE K 32 15.55 26.80 -1.03
N LEU K 33 16.55 26.88 -1.92
CA LEU K 33 16.80 28.15 -2.61
C LEU K 33 15.72 28.45 -3.64
N LYS K 34 15.10 27.42 -4.24
CA LYS K 34 14.00 27.70 -5.16
C LYS K 34 12.70 28.03 -4.44
N ALA K 35 12.53 27.59 -3.20
CA ALA K 35 11.26 27.79 -2.52
C ALA K 35 11.05 29.22 -2.07
N GLN K 36 12.12 29.96 -1.81
CA GLN K 36 12.00 31.34 -1.34
C GLN K 36 11.51 32.25 -2.44
N GLN L 1 -15.59 -41.16 -3.23
CA GLN L 1 -14.15 -41.34 -3.11
C GLN L 1 -13.43 -40.00 -3.00
N ALA L 2 -14.18 -38.92 -3.18
CA ALA L 2 -13.60 -37.58 -3.09
C ALA L 2 -12.97 -37.32 -1.73
N GLU L 3 -13.47 -38.02 -0.71
CA GLU L 3 -12.96 -37.87 0.65
C GLU L 3 -11.46 -38.15 0.75
N ILE L 4 -11.00 -39.20 0.07
CA ILE L 4 -9.59 -39.57 0.06
C ILE L 4 -8.76 -38.47 -0.59
N LEU L 5 -9.33 -37.79 -1.58
CA LEU L 5 -8.60 -36.78 -2.32
C LEU L 5 -8.39 -35.54 -1.47
N ARG L 6 -9.41 -35.17 -0.69
CA ARG L 6 -9.26 -34.09 0.29
C ARG L 6 -8.30 -34.49 1.41
N ALA L 7 -8.23 -35.77 1.75
CA ALA L 7 -7.27 -36.19 2.77
C ALA L 7 -5.83 -36.03 2.28
N TYR L 8 -5.58 -36.33 0.99
CA TYR L 8 -4.27 -36.03 0.41
C TYR L 8 -3.99 -34.52 0.40
N ALA L 9 -5.04 -33.71 0.19
CA ALA L 9 -4.86 -32.27 0.27
C ALA L 9 -4.50 -31.82 1.69
N ARG L 10 -5.07 -32.48 2.70
CA ARG L 10 -4.73 -32.19 4.08
C ARG L 10 -3.27 -32.50 4.39
N ILE L 11 -2.77 -33.62 3.87
CA ILE L 11 -1.35 -33.96 4.07
C ILE L 11 -0.44 -32.94 3.39
N LEU L 12 -0.80 -32.51 2.18
CA LEU L 12 0.05 -31.54 1.49
C LEU L 12 0.05 -30.17 2.18
N GLU L 13 -1.09 -29.79 2.77
CA GLU L 13 -1.12 -28.56 3.58
C GLU L 13 -0.25 -28.69 4.82
N ALA L 14 -0.19 -29.87 5.42
CA ALA L 14 0.67 -30.07 6.58
C ALA L 14 2.16 -29.98 6.22
N ASP L 15 2.53 -30.48 5.03
CA ASP L 15 3.90 -30.31 4.55
C ASP L 15 4.24 -28.83 4.33
N ALA L 16 3.27 -28.07 3.81
CA ALA L 16 3.46 -26.63 3.67
C ALA L 16 3.69 -25.96 5.03
N GLU L 17 2.98 -26.43 6.07
CA GLU L 17 3.18 -25.86 7.39
C GLU L 17 4.56 -26.17 7.95
N ILE L 18 5.07 -27.37 7.68
CA ILE L 18 6.43 -27.73 8.11
C ILE L 18 7.46 -26.80 7.47
N LEU L 19 7.34 -26.57 6.16
CA LEU L 19 8.34 -25.76 5.49
C LEU L 19 8.22 -24.28 5.87
N LYS L 20 7.02 -23.79 6.14
CA LYS L 20 6.87 -22.43 6.68
C LYS L 20 7.51 -22.29 8.05
N ALA L 21 7.44 -23.35 8.87
CA ALA L 21 8.09 -23.27 10.18
C ALA L 21 9.61 -23.21 10.07
N GLN L 22 10.19 -23.95 9.11
CA GLN L 22 11.63 -23.84 8.89
C GLN L 22 12.02 -22.44 8.39
N ALA L 23 11.16 -21.84 7.57
CA ALA L 23 11.38 -20.46 7.15
C ALA L 23 11.36 -19.51 8.35
N LYS L 24 10.47 -19.76 9.32
CA LYS L 24 10.44 -18.90 10.51
C LYS L 24 11.68 -19.07 11.37
N ILE L 25 12.25 -20.29 11.42
CA ILE L 25 13.52 -20.50 12.12
C ILE L 25 14.63 -19.64 11.51
N LEU L 26 14.73 -19.66 10.18
CA LEU L 26 15.81 -18.89 9.57
C LEU L 26 15.58 -17.38 9.63
N GLU L 27 14.31 -16.94 9.59
CA GLU L 27 14.05 -15.53 9.84
C GLU L 27 14.39 -15.12 11.27
N ALA L 28 14.26 -16.04 12.22
CA ALA L 28 14.65 -15.73 13.59
C ALA L 28 16.17 -15.62 13.73
N HIS L 29 16.93 -16.44 12.99
CA HIS L 29 18.38 -16.23 12.90
C HIS L 29 18.71 -14.86 12.31
N ALA L 30 17.94 -14.42 11.32
CA ALA L 30 18.16 -13.09 10.75
C ALA L 30 17.89 -12.00 11.77
N GLU L 31 16.89 -12.19 12.63
CA GLU L 31 16.61 -11.21 13.68
C GLU L 31 17.69 -11.19 14.76
N ILE L 32 18.25 -12.37 15.09
CA ILE L 32 19.39 -12.42 16.02
C ILE L 32 20.58 -11.66 15.44
N LEU L 33 20.85 -11.82 14.15
CA LEU L 33 21.98 -11.13 13.55
C LEU L 33 21.73 -9.63 13.41
N LYS L 34 20.48 -9.22 13.22
CA LYS L 34 20.20 -7.78 13.19
C LYS L 34 20.19 -7.14 14.57
N ALA L 35 19.93 -7.92 15.62
CA ALA L 35 19.79 -7.31 16.93
C ALA L 35 21.12 -6.90 17.54
N GLN L 36 22.21 -7.56 17.16
CA GLN L 36 23.52 -7.24 17.71
C GLN L 36 24.02 -5.91 17.21
N GLN M 1 -29.31 -7.08 -28.20
CA GLN M 1 -28.40 -8.12 -28.69
C GLN M 1 -26.95 -7.62 -28.69
N ALA M 2 -26.77 -6.34 -28.39
CA ALA M 2 -25.44 -5.75 -28.36
C ALA M 2 -24.55 -6.44 -27.33
N GLU M 3 -25.18 -7.03 -26.31
CA GLU M 3 -24.44 -7.73 -25.27
C GLU M 3 -23.56 -8.84 -25.80
N ILE M 4 -24.09 -9.62 -26.75
CA ILE M 4 -23.35 -10.71 -27.37
C ILE M 4 -22.14 -10.18 -28.12
N LEU M 5 -22.28 -8.99 -28.71
CA LEU M 5 -21.22 -8.43 -29.52
C LEU M 5 -20.06 -7.97 -28.65
N ARG M 6 -20.37 -7.40 -27.48
CA ARG M 6 -19.33 -7.08 -26.51
C ARG M 6 -18.70 -8.33 -25.92
N ALA M 7 -19.46 -9.43 -25.82
CA ALA M 7 -18.87 -10.68 -25.34
C ALA M 7 -17.85 -11.23 -26.34
N TYR M 8 -18.14 -11.11 -27.64
CA TYR M 8 -17.13 -11.45 -28.64
C TYR M 8 -15.90 -10.54 -28.54
N ALA M 9 -16.13 -9.26 -28.20
CA ALA M 9 -14.99 -8.36 -27.99
C ALA M 9 -14.15 -8.78 -26.79
N ARG M 10 -14.80 -9.30 -25.75
CA ARG M 10 -14.10 -9.80 -24.58
C ARG M 10 -13.22 -11.00 -24.92
N ILE M 11 -13.73 -11.91 -25.75
CA ILE M 11 -12.93 -13.06 -26.18
C ILE M 11 -11.73 -12.62 -27.01
N LEU M 12 -11.93 -11.65 -27.91
CA LEU M 12 -10.81 -11.19 -28.73
C LEU M 12 -9.74 -10.47 -27.90
N GLU M 13 -10.15 -9.75 -26.86
CA GLU M 13 -9.18 -9.15 -25.94
C GLU M 13 -8.40 -10.21 -25.17
N ALA M 14 -9.07 -11.32 -24.83
CA ALA M 14 -8.36 -12.41 -24.14
C ALA M 14 -7.33 -13.08 -25.06
N ASP M 15 -7.65 -13.22 -26.35
CA ASP M 15 -6.65 -13.72 -27.31
C ASP M 15 -5.46 -12.79 -27.43
N ALA M 16 -5.71 -11.48 -27.40
CA ALA M 16 -4.62 -10.51 -27.39
C ALA M 16 -3.74 -10.66 -26.15
N GLU M 17 -4.34 -10.96 -25.00
CA GLU M 17 -3.55 -11.17 -23.79
C GLU M 17 -2.69 -12.42 -23.88
N ILE M 18 -3.20 -13.48 -24.50
CA ILE M 18 -2.41 -14.71 -24.70
C ILE M 18 -1.17 -14.41 -25.55
N LEU M 19 -1.37 -13.68 -26.66
CA LEU M 19 -0.24 -13.44 -27.55
C LEU M 19 0.77 -12.46 -26.94
N LYS M 20 0.30 -11.49 -26.15
CA LYS M 20 1.24 -10.64 -25.41
C LYS M 20 2.05 -11.42 -24.40
N ALA M 21 1.45 -12.45 -23.78
CA ALA M 21 2.22 -13.26 -22.84
C ALA M 21 3.30 -14.07 -23.53
N GLN M 22 3.01 -14.58 -24.73
CA GLN M 22 4.07 -15.28 -25.48
C GLN M 22 5.20 -14.33 -25.89
N ALA M 23 4.83 -13.08 -26.21
CA ALA M 23 5.85 -12.06 -26.48
C ALA M 23 6.72 -11.81 -25.24
N LYS M 24 6.12 -11.84 -24.05
CA LYS M 24 6.92 -11.64 -22.84
C LYS M 24 7.84 -12.82 -22.57
N ILE M 25 7.42 -14.04 -22.92
CA ILE M 25 8.31 -15.20 -22.82
C ILE M 25 9.56 -15.03 -23.69
N LEU M 26 9.35 -14.60 -24.94
CA LEU M 26 10.51 -14.46 -25.82
C LEU M 26 11.39 -13.27 -25.46
N GLU M 27 10.80 -12.19 -24.92
CA GLU M 27 11.62 -11.10 -24.39
C GLU M 27 12.43 -11.55 -23.17
N ALA M 28 11.89 -12.49 -22.39
CA ALA M 28 12.66 -13.00 -21.25
C ALA M 28 13.83 -13.87 -21.71
N HIS M 29 13.65 -14.64 -22.80
CA HIS M 29 14.80 -15.31 -23.42
C HIS M 29 15.85 -14.31 -23.89
N ALA M 30 15.41 -13.17 -24.43
CA ALA M 30 16.37 -12.14 -24.83
C ALA M 30 17.13 -11.57 -23.64
N GLU M 31 16.45 -11.43 -22.50
CA GLU M 31 17.13 -10.95 -21.29
C GLU M 31 18.12 -11.98 -20.74
N ILE M 32 17.78 -13.28 -20.83
CA ILE M 32 18.73 -14.33 -20.45
C ILE M 32 19.97 -14.28 -21.33
N LEU M 33 19.79 -14.08 -22.64
CA LEU M 33 20.94 -14.03 -23.52
C LEU M 33 21.76 -12.75 -23.34
N LYS M 34 21.12 -11.64 -22.95
CA LYS M 34 21.90 -10.44 -22.66
C LYS M 34 22.61 -10.50 -21.32
N ALA M 35 22.10 -11.28 -20.38
CA ALA M 35 22.68 -11.26 -19.04
C ALA M 35 24.01 -11.97 -18.96
N GLN M 36 24.26 -12.95 -19.83
CA GLN M 36 25.51 -13.71 -19.80
C GLN M 36 26.67 -12.86 -20.26
N GLN N 1 27.93 -1.76 35.66
CA GLN N 1 27.39 -0.40 35.69
C GLN N 1 26.37 -0.19 34.57
N ALA N 2 26.24 -1.17 33.69
CA ALA N 2 25.32 -1.08 32.57
C ALA N 2 23.88 -0.92 33.07
N GLU N 3 23.61 -1.40 34.27
CA GLU N 3 22.28 -1.30 34.86
C GLU N 3 21.78 0.12 34.95
N ILE N 4 22.65 1.05 35.36
CA ILE N 4 22.31 2.46 35.47
C ILE N 4 21.97 3.04 34.10
N LEU N 5 22.62 2.54 33.06
CA LEU N 5 22.44 3.08 31.73
C LEU N 5 21.07 2.66 31.17
N ARG N 6 20.66 1.43 31.45
CA ARG N 6 19.31 0.99 31.11
C ARG N 6 18.27 1.72 31.95
N ALA N 7 18.61 2.11 33.18
CA ALA N 7 17.65 2.88 33.97
C ALA N 7 17.42 4.27 33.38
N TYR N 8 18.48 4.89 32.86
CA TYR N 8 18.29 6.14 32.11
C TYR N 8 17.46 5.92 30.86
N ALA N 9 17.62 4.77 30.21
CA ALA N 9 16.78 4.45 29.06
C ALA N 9 15.31 4.31 29.45
N ARG N 10 15.05 3.75 30.64
CA ARG N 10 13.69 3.62 31.16
C ARG N 10 13.06 5.00 31.39
N ILE N 11 13.83 5.94 31.94
CA ILE N 11 13.31 7.29 32.15
C ILE N 11 13.00 7.98 30.82
N LEU N 12 13.88 7.81 29.82
CA LEU N 12 13.62 8.44 28.53
C LEU N 12 12.40 7.83 27.83
N GLU N 13 12.17 6.53 27.99
CA GLU N 13 10.95 5.93 27.46
C GLU N 13 9.70 6.47 28.16
N ALA N 14 9.80 6.75 29.47
CA ALA N 14 8.66 7.32 30.17
C ALA N 14 8.35 8.75 29.69
N ASP N 15 9.38 9.53 29.38
CA ASP N 15 9.16 10.84 28.78
C ASP N 15 8.49 10.74 27.42
N ALA N 16 8.88 9.74 26.63
CA ALA N 16 8.20 9.50 25.36
C ALA N 16 6.73 9.17 25.56
N GLU N 17 6.41 8.42 26.62
CA GLU N 17 5.00 8.09 26.90
C GLU N 17 4.20 9.33 27.29
N ILE N 18 4.82 10.25 28.04
CA ILE N 18 4.15 11.50 28.40
C ILE N 18 3.80 12.31 27.16
N LEU N 19 4.77 12.44 26.24
CA LEU N 19 4.52 13.27 25.06
C LEU N 19 3.53 12.61 24.09
N LYS N 20 3.53 11.26 24.01
CA LYS N 20 2.50 10.58 23.23
C LYS N 20 1.11 10.79 23.82
N ALA N 21 1.01 10.87 25.14
CA ALA N 21 -0.30 11.12 25.75
C ALA N 21 -0.80 12.52 25.45
N GLN N 22 0.09 13.52 25.42
CA GLN N 22 -0.34 14.86 25.02
C GLN N 22 -0.78 14.90 23.56
N ALA N 23 -0.10 14.12 22.71
CA ALA N 23 -0.55 13.99 21.33
C ALA N 23 -1.94 13.37 21.23
N LYS N 24 -2.24 12.41 22.10
CA LYS N 24 -3.59 11.82 22.10
C LYS N 24 -4.65 12.81 22.56
N ILE N 25 -4.30 13.70 23.51
CA ILE N 25 -5.23 14.76 23.92
C ILE N 25 -5.58 15.66 22.74
N LEU N 26 -4.57 16.09 21.97
CA LEU N 26 -4.87 16.99 20.86
C LEU N 26 -5.57 16.27 19.70
N GLU N 27 -5.29 14.99 19.49
CA GLU N 27 -6.08 14.23 18.51
C GLU N 27 -7.53 14.08 18.95
N ALA N 28 -7.77 14.01 20.26
CA ALA N 28 -9.15 13.95 20.74
C ALA N 28 -9.88 15.28 20.53
N HIS N 29 -9.18 16.41 20.68
CA HIS N 29 -9.76 17.69 20.27
C HIS N 29 -10.11 17.71 18.79
N ALA N 30 -9.25 17.11 17.96
CA ALA N 30 -9.55 17.02 16.53
C ALA N 30 -10.79 16.19 16.26
N GLU N 31 -10.98 15.12 17.04
CA GLU N 31 -12.18 14.31 16.87
C GLU N 31 -13.44 15.03 17.34
N ILE N 32 -13.33 15.84 18.40
CA ILE N 32 -14.46 16.68 18.82
C ILE N 32 -14.84 17.66 17.73
N LEU N 33 -13.83 18.28 17.10
CA LEU N 33 -14.14 19.25 16.04
C LEU N 33 -14.67 18.57 14.78
N LYS N 34 -14.26 17.33 14.50
CA LYS N 34 -14.84 16.64 13.34
C LYS N 34 -16.23 16.10 13.61
N ALA N 35 -16.57 15.85 14.87
CA ALA N 35 -17.85 15.21 15.16
C ALA N 35 -19.03 16.16 15.00
N GLN N 36 -18.82 17.47 15.18
CA GLN N 36 -19.89 18.43 15.06
C GLN N 36 -20.34 18.60 13.63
N GLN O 1 9.17 40.52 6.59
CA GLN O 1 7.96 40.80 5.84
C GLN O 1 7.87 39.94 4.59
N ALA O 2 8.93 39.19 4.31
CA ALA O 2 8.97 38.33 3.13
C ALA O 2 7.87 37.27 3.20
N GLU O 3 7.43 36.94 4.40
CA GLU O 3 6.38 35.94 4.59
C GLU O 3 5.10 36.30 3.87
N ILE O 4 4.70 37.57 3.92
CA ILE O 4 3.50 38.07 3.26
C ILE O 4 3.63 37.91 1.74
N LEU O 5 4.85 38.07 1.24
CA LEU O 5 5.08 38.04 -0.20
C LEU O 5 4.95 36.61 -0.72
N ARG O 6 5.45 35.64 0.04
CA ARG O 6 5.22 34.24 -0.29
C ARG O 6 3.76 33.85 -0.14
N ALA O 7 3.03 34.49 0.78
CA ALA O 7 1.60 34.19 0.88
C ALA O 7 0.83 34.68 -0.35
N TYR O 8 1.22 35.83 -0.89
CA TYR O 8 0.65 36.25 -2.18
C TYR O 8 1.02 35.28 -3.30
N ALA O 9 2.23 34.73 -3.24
CA ALA O 9 2.61 33.72 -4.23
C ALA O 9 1.75 32.45 -4.11
N ARG O 10 1.39 32.09 -2.87
CA ARG O 10 0.51 30.95 -2.63
C ARG O 10 -0.88 31.17 -3.23
N ILE O 11 -1.41 32.39 -3.09
CA ILE O 11 -2.71 32.71 -3.68
C ILE O 11 -2.66 32.64 -5.20
N LEU O 12 -1.57 33.16 -5.79
CA LEU O 12 -1.48 33.14 -7.26
C LEU O 12 -1.32 31.71 -7.78
N GLU O 13 -0.62 30.84 -7.05
CA GLU O 13 -0.56 29.43 -7.44
C GLU O 13 -1.93 28.76 -7.35
N ALA O 14 -2.74 29.15 -6.36
CA ALA O 14 -4.09 28.59 -6.27
C ALA O 14 -4.98 29.03 -7.43
N ASP O 15 -4.83 30.28 -7.89
CA ASP O 15 -5.54 30.73 -9.09
C ASP O 15 -5.11 29.94 -10.33
N ALA O 16 -3.81 29.64 -10.42
CA ALA O 16 -3.33 28.79 -11.51
C ALA O 16 -3.97 27.40 -11.46
N GLU O 17 -4.17 26.85 -10.26
CA GLU O 17 -4.80 25.55 -10.13
C GLU O 17 -6.27 25.58 -10.56
N ILE O 18 -6.97 26.68 -10.25
CA ILE O 18 -8.35 26.84 -10.70
C ILE O 18 -8.44 26.82 -12.22
N LEU O 19 -7.57 27.59 -12.88
CA LEU O 19 -7.65 27.68 -14.34
C LEU O 19 -7.20 26.38 -15.02
N LYS O 20 -6.25 25.66 -14.43
CA LYS O 20 -5.90 24.33 -14.95
C LYS O 20 -7.06 23.35 -14.82
N ALA O 21 -7.85 23.48 -13.76
CA ALA O 21 -9.00 22.58 -13.61
C ALA O 21 -10.07 22.88 -14.66
N GLN O 22 -10.28 24.16 -15.01
CA GLN O 22 -11.22 24.46 -16.09
C GLN O 22 -10.71 23.94 -17.43
N ALA O 23 -9.39 23.98 -17.63
CA ALA O 23 -8.82 23.37 -18.84
C ALA O 23 -9.06 21.87 -18.88
N LYS O 24 -9.01 21.20 -17.73
CA LYS O 24 -9.29 19.77 -17.70
C LYS O 24 -10.75 19.46 -18.00
N ILE O 25 -11.67 20.34 -17.57
CA ILE O 25 -13.08 20.19 -17.92
C ILE O 25 -13.27 20.22 -19.44
N LEU O 26 -12.64 21.20 -20.09
CA LEU O 26 -12.84 21.30 -21.54
C LEU O 26 -12.12 20.20 -22.31
N GLU O 27 -10.98 19.71 -21.80
CA GLU O 27 -10.37 18.53 -22.41
C GLU O 27 -11.23 17.29 -22.23
N ALA O 28 -11.99 17.21 -21.14
CA ALA O 28 -12.89 16.08 -20.98
C ALA O 28 -14.07 16.15 -21.95
N HIS O 29 -14.57 17.36 -22.24
CA HIS O 29 -15.54 17.50 -23.33
C HIS O 29 -14.95 17.06 -24.67
N ALA O 30 -13.67 17.35 -24.90
CA ALA O 30 -13.03 16.89 -26.13
C ALA O 30 -12.96 15.37 -26.19
N GLU O 31 -12.72 14.72 -25.04
CA GLU O 31 -12.69 13.27 -25.01
C GLU O 31 -14.08 12.65 -25.21
N ILE O 32 -15.13 13.30 -24.69
CA ILE O 32 -16.49 12.86 -24.97
C ILE O 32 -16.81 12.94 -26.45
N LEU O 33 -16.39 14.03 -27.10
CA LEU O 33 -16.65 14.17 -28.53
C LEU O 33 -15.82 13.21 -29.37
N LYS O 34 -14.61 12.86 -28.92
CA LYS O 34 -13.83 11.86 -29.67
C LYS O 34 -14.31 10.45 -29.44
N ALA O 35 -14.97 10.17 -28.31
CA ALA O 35 -15.33 8.79 -28.00
C ALA O 35 -16.51 8.30 -28.84
N GLN O 36 -17.38 9.20 -29.29
CA GLN O 36 -18.54 8.79 -30.07
C GLN O 36 -18.15 8.33 -31.46
N GLN P 1 -38.33 16.42 20.29
CA GLN P 1 -38.83 15.49 19.28
C GLN P 1 -37.69 14.76 18.59
N ALA P 2 -36.45 15.17 18.90
CA ALA P 2 -35.27 14.56 18.32
C ALA P 2 -35.20 13.07 18.64
N GLU P 3 -35.81 12.68 19.75
CA GLU P 3 -35.82 11.29 20.18
C GLU P 3 -36.41 10.35 19.14
N ILE P 4 -37.51 10.76 18.52
CA ILE P 4 -38.17 9.98 17.46
C ILE P 4 -37.25 9.81 16.27
N LEU P 5 -36.43 10.83 16.00
CA LEU P 5 -35.58 10.81 14.83
C LEU P 5 -34.42 9.82 15.02
N ARG P 6 -33.88 9.76 16.24
CA ARG P 6 -32.89 8.74 16.57
C ARG P 6 -33.52 7.35 16.59
N ALA P 7 -34.80 7.24 16.93
CA ALA P 7 -35.45 5.93 16.87
C ALA P 7 -35.58 5.42 15.44
N TYR P 8 -35.88 6.32 14.50
CA TYR P 8 -35.83 5.95 13.08
C TYR P 8 -34.42 5.55 12.66
N ALA P 9 -33.41 6.22 13.20
CA ALA P 9 -32.04 5.82 12.91
C ALA P 9 -31.72 4.42 13.45
N ARG P 10 -32.29 4.08 14.60
CA ARG P 10 -32.12 2.74 15.17
C ARG P 10 -32.74 1.67 14.28
N ILE P 11 -33.93 1.95 13.73
CA ILE P 11 -34.56 1.00 12.81
C ILE P 11 -33.74 0.82 11.54
N LEU P 12 -33.20 1.91 11.00
CA LEU P 12 -32.40 1.79 9.78
C LEU P 12 -31.10 1.04 10.02
N GLU P 13 -30.50 1.19 11.20
CA GLU P 13 -29.31 0.39 11.54
C GLU P 13 -29.67 -1.09 11.67
N ALA P 14 -30.87 -1.40 12.17
CA ALA P 14 -31.28 -2.80 12.26
C ALA P 14 -31.49 -3.42 10.87
N ASP P 15 -32.01 -2.64 9.92
CA ASP P 15 -32.11 -3.11 8.53
C ASP P 15 -30.75 -3.38 7.93
N ALA P 16 -29.77 -2.51 8.25
CA ALA P 16 -28.40 -2.74 7.81
C ALA P 16 -27.84 -4.04 8.37
N GLU P 17 -28.18 -4.37 9.63
CA GLU P 17 -27.71 -5.61 10.23
C GLU P 17 -28.33 -6.83 9.55
N ILE P 18 -29.61 -6.73 9.16
CA ILE P 18 -30.26 -7.83 8.44
C ILE P 18 -29.54 -8.10 7.11
N LEU P 19 -29.25 -7.03 6.36
CA LEU P 19 -28.64 -7.24 5.06
C LEU P 19 -27.19 -7.71 5.16
N LYS P 20 -26.46 -7.27 6.19
CA LYS P 20 -25.11 -7.81 6.44
C LYS P 20 -25.17 -9.29 6.78
N ALA P 21 -26.21 -9.73 7.50
CA ALA P 21 -26.32 -11.15 7.80
C ALA P 21 -26.58 -11.99 6.55
N GLN P 22 -27.39 -11.48 5.62
CA GLN P 22 -27.57 -12.19 4.35
C GLN P 22 -26.27 -12.26 3.54
N ALA P 23 -25.48 -11.19 3.61
CA ALA P 23 -24.16 -11.22 2.98
C ALA P 23 -23.26 -12.28 3.61
N LYS P 24 -23.37 -12.47 4.93
CA LYS P 24 -22.56 -13.52 5.56
C LYS P 24 -23.02 -14.91 5.17
N ILE P 25 -24.33 -15.10 4.94
CA ILE P 25 -24.83 -16.38 4.43
C ILE P 25 -24.20 -16.71 3.07
N LEU P 26 -24.19 -15.73 2.17
CA LEU P 26 -23.66 -16.02 0.84
C LEU P 26 -22.13 -16.16 0.84
N GLU P 27 -21.43 -15.44 1.73
CA GLU P 27 -20.00 -15.70 1.88
C GLU P 27 -19.72 -17.09 2.45
N ALA P 28 -20.63 -17.61 3.28
CA ALA P 28 -20.45 -18.96 3.77
C ALA P 28 -20.67 -20.01 2.68
N HIS P 29 -21.61 -19.75 1.77
CA HIS P 29 -21.70 -20.59 0.56
C HIS P 29 -20.42 -20.54 -0.26
N ALA P 30 -19.79 -19.38 -0.36
CA ALA P 30 -18.52 -19.28 -1.07
C ALA P 30 -17.43 -20.09 -0.38
N GLU P 31 -17.43 -20.12 0.95
CA GLU P 31 -16.45 -20.93 1.68
C GLU P 31 -16.71 -22.42 1.52
N ILE P 32 -17.98 -22.83 1.45
CA ILE P 32 -18.29 -24.24 1.17
C ILE P 32 -17.79 -24.62 -0.22
N LEU P 33 -17.97 -23.74 -1.21
CA LEU P 33 -17.51 -24.07 -2.55
C LEU P 33 -15.99 -24.04 -2.66
N LYS P 34 -15.31 -23.21 -1.87
CA LYS P 34 -13.85 -23.24 -1.88
C LYS P 34 -13.27 -24.42 -1.12
N ALA P 35 -14.00 -24.96 -0.15
CA ALA P 35 -13.43 -26.00 0.69
C ALA P 35 -13.33 -27.35 -0.03
N GLN P 36 -14.19 -27.60 -1.00
CA GLN P 36 -14.18 -28.86 -1.71
C GLN P 36 -12.97 -28.98 -2.60
N GLN Q 1 33.98 -21.64 -15.29
CA GLN Q 1 34.80 -20.52 -14.81
C GLN Q 1 34.20 -19.18 -15.24
N ALA Q 2 33.15 -19.25 -16.07
CA ALA Q 2 32.49 -18.04 -16.55
C ALA Q 2 31.93 -17.21 -15.41
N GLU Q 3 31.62 -17.88 -14.29
CA GLU Q 3 31.09 -17.20 -13.11
C GLU Q 3 31.98 -16.09 -12.61
N ILE Q 4 33.30 -16.35 -12.57
CA ILE Q 4 34.28 -15.36 -12.13
C ILE Q 4 34.28 -14.16 -13.06
N LEU Q 5 34.04 -14.40 -14.34
CA LEU Q 5 34.10 -13.33 -15.33
C LEU Q 5 32.91 -12.40 -15.19
N ARG Q 6 31.74 -12.95 -14.90
CA ARG Q 6 30.58 -12.14 -14.58
C ARG Q 6 30.75 -11.40 -13.25
N ALA Q 7 31.49 -11.99 -12.31
CA ALA Q 7 31.75 -11.29 -11.06
C ALA Q 7 32.63 -10.06 -11.28
N TYR Q 8 33.62 -10.16 -12.17
CA TYR Q 8 34.39 -8.98 -12.56
C TYR Q 8 33.50 -7.94 -13.25
N ALA Q 9 32.52 -8.41 -14.03
CA ALA Q 9 31.58 -7.49 -14.65
C ALA Q 9 30.73 -6.76 -13.60
N ARG Q 10 30.37 -7.48 -12.53
CA ARG Q 10 29.63 -6.87 -11.43
C ARG Q 10 30.43 -5.78 -10.74
N ILE Q 11 31.72 -6.01 -10.52
CA ILE Q 11 32.58 -4.99 -9.91
C ILE Q 11 32.70 -3.76 -10.82
N LEU Q 12 32.85 -3.98 -12.13
CA LEU Q 12 32.97 -2.84 -13.03
C LEU Q 12 31.68 -2.03 -13.11
N GLU Q 13 30.51 -2.70 -13.03
CA GLU Q 13 29.25 -1.97 -12.95
C GLU Q 13 29.14 -1.16 -11.67
N ALA Q 14 29.67 -1.67 -10.56
CA ALA Q 14 29.65 -0.91 -9.31
C ALA Q 14 30.53 0.33 -9.39
N ASP Q 15 31.68 0.23 -10.07
CA ASP Q 15 32.52 1.41 -10.30
C ASP Q 15 31.80 2.46 -11.15
N ALA Q 16 31.04 1.99 -12.16
CA ALA Q 16 30.22 2.90 -12.95
C ALA Q 16 29.17 3.61 -12.09
N GLU Q 17 28.59 2.90 -11.11
CA GLU Q 17 27.62 3.52 -10.23
C GLU Q 17 28.26 4.59 -9.34
N ILE Q 18 29.49 4.34 -8.87
CA ILE Q 18 30.21 5.33 -8.07
C ILE Q 18 30.43 6.62 -8.87
N LEU Q 19 30.88 6.47 -10.11
CA LEU Q 19 31.19 7.67 -10.90
C LEU Q 19 29.92 8.41 -11.32
N LYS Q 20 28.82 7.69 -11.58
CA LYS Q 20 27.54 8.36 -11.82
C LYS Q 20 27.06 9.14 -10.60
N ALA Q 21 27.33 8.62 -9.39
CA ALA Q 21 26.93 9.36 -8.20
C ALA Q 21 27.72 10.64 -8.02
N GLN Q 22 29.02 10.62 -8.37
CA GLN Q 22 29.79 11.87 -8.32
C GLN Q 22 29.30 12.87 -9.37
N ALA Q 23 28.86 12.38 -10.53
CA ALA Q 23 28.24 13.25 -11.52
C ALA Q 23 26.96 13.88 -10.98
N LYS Q 24 26.18 13.12 -10.21
CA LYS Q 24 24.97 13.70 -9.63
C LYS Q 24 25.27 14.75 -8.57
N ILE Q 25 26.37 14.58 -7.82
CA ILE Q 25 26.81 15.62 -6.87
C ILE Q 25 27.10 16.92 -7.59
N LEU Q 26 27.85 16.84 -8.70
CA LEU Q 26 28.20 18.08 -9.39
C LEU Q 26 27.01 18.70 -10.14
N GLU Q 27 26.08 17.88 -10.63
CA GLU Q 27 24.84 18.43 -11.17
C GLU Q 27 24.00 19.11 -10.09
N ALA Q 28 24.07 18.62 -8.85
CA ALA Q 28 23.35 19.29 -7.77
C ALA Q 28 23.99 20.63 -7.42
N HIS Q 29 25.32 20.74 -7.49
CA HIS Q 29 25.96 22.05 -7.39
C HIS Q 29 25.50 23.00 -8.50
N ALA Q 30 25.32 22.46 -9.70
CA ALA Q 30 24.81 23.29 -10.80
C ALA Q 30 23.39 23.77 -10.52
N GLU Q 31 22.57 22.93 -9.90
CA GLU Q 31 21.21 23.36 -9.55
C GLU Q 31 21.20 24.40 -8.43
N ILE Q 32 22.12 24.28 -7.47
CA ILE Q 32 22.25 25.31 -6.44
C ILE Q 32 22.64 26.65 -7.08
N LEU Q 33 23.56 26.62 -8.03
CA LEU Q 33 23.98 27.88 -8.66
C LEU Q 33 22.89 28.45 -9.58
N LYS Q 34 22.06 27.60 -10.18
CA LYS Q 34 20.95 28.12 -10.97
C LYS Q 34 19.80 28.63 -10.12
N ALA Q 35 19.65 28.12 -8.90
CA ALA Q 35 18.49 28.49 -8.11
C ALA Q 35 18.58 29.90 -7.53
N GLN Q 36 19.79 30.41 -7.32
CA GLN Q 36 19.95 31.74 -6.76
C GLN Q 36 19.55 32.82 -7.75
N GLN R 1 -10.36 -46.43 5.27
CA GLN R 1 -8.93 -46.34 5.50
C GLN R 1 -8.46 -44.89 5.56
N ALA R 2 -9.37 -43.97 5.25
CA ALA R 2 -9.05 -42.55 5.26
C ALA R 2 -8.60 -42.10 6.64
N GLU R 3 -9.06 -42.80 7.67
CA GLU R 3 -8.70 -42.47 9.05
C GLU R 3 -7.20 -42.47 9.28
N ILE R 4 -6.49 -43.46 8.73
CA ILE R 4 -5.05 -43.56 8.85
C ILE R 4 -4.36 -42.38 8.19
N LEU R 5 -4.96 -41.88 7.11
CA LEU R 5 -4.35 -40.81 6.34
C LEU R 5 -4.44 -39.48 7.11
N ARG R 6 -5.57 -39.26 7.78
CA ARG R 6 -5.70 -38.12 8.67
C ARG R 6 -4.80 -38.25 9.89
N ALA R 7 -4.53 -39.48 10.34
CA ALA R 7 -3.61 -39.65 11.46
C ALA R 7 -2.18 -39.27 11.06
N TYR R 8 -1.77 -39.59 9.84
CA TYR R 8 -0.50 -39.09 9.33
C TYR R 8 -0.48 -37.57 9.24
N ALA R 9 -1.63 -36.98 8.87
CA ALA R 9 -1.72 -35.52 8.85
C ALA R 9 -1.56 -34.92 10.25
N ARG R 10 -2.10 -35.61 11.26
CA ARG R 10 -1.95 -35.19 12.65
C ARG R 10 -0.48 -35.20 13.08
N ILE R 11 0.26 -36.25 12.69
CA ILE R 11 1.69 -36.30 13.03
C ILE R 11 2.46 -35.18 12.34
N LEU R 12 2.14 -34.90 11.07
CA LEU R 12 2.86 -33.84 10.38
C LEU R 12 2.56 -32.46 10.97
N GLU R 13 1.32 -32.24 11.43
CA GLU R 13 1.01 -31.00 12.13
C GLU R 13 1.77 -30.88 13.44
N ALA R 14 1.98 -32.00 14.14
CA ALA R 14 2.76 -31.95 15.37
C ALA R 14 4.23 -31.62 15.11
N ASP R 15 4.79 -32.13 14.00
CA ASP R 15 6.14 -31.73 13.61
C ASP R 15 6.24 -30.24 13.30
N ALA R 16 5.20 -29.70 12.65
CA ALA R 16 5.15 -28.26 12.42
C ALA R 16 5.12 -27.47 13.73
N GLU R 17 4.43 -27.99 14.75
CA GLU R 17 4.40 -27.32 16.05
C GLU R 17 5.76 -27.33 16.73
N ILE R 18 6.50 -28.44 16.58
CA ILE R 18 7.85 -28.52 17.14
C ILE R 18 8.76 -27.46 16.52
N LEU R 19 8.71 -27.35 15.19
CA LEU R 19 9.61 -26.40 14.52
C LEU R 19 9.21 -24.95 14.78
N LYS R 20 7.91 -24.67 14.91
CA LYS R 20 7.48 -23.33 15.33
C LYS R 20 7.96 -22.98 16.74
N ALA R 21 8.02 -23.98 17.63
CA ALA R 21 8.51 -23.71 18.98
C ALA R 21 10.00 -23.38 18.98
N GLN R 22 10.78 -24.06 18.12
CA GLN R 22 12.21 -23.70 18.02
C GLN R 22 12.38 -22.30 17.44
N ALA R 23 11.51 -21.91 16.50
CA ALA R 23 11.51 -20.54 16.00
C ALA R 23 11.21 -19.54 17.10
N LYS R 24 10.31 -19.88 18.02
CA LYS R 24 10.02 -18.97 19.14
C LYS R 24 11.19 -18.85 20.10
N ILE R 25 11.95 -19.94 20.29
CA ILE R 25 13.18 -19.88 21.11
C ILE R 25 14.17 -18.87 20.52
N LEU R 26 14.39 -18.96 19.20
CA LEU R 26 15.38 -18.05 18.61
C LEU R 26 14.87 -16.60 18.54
N GLU R 27 13.56 -16.40 18.37
CA GLU R 27 13.02 -15.05 18.48
C GLU R 27 13.17 -14.49 19.89
N ALA R 28 13.11 -15.36 20.90
CA ALA R 28 13.32 -14.89 22.27
C ALA R 28 14.77 -14.50 22.51
N HIS R 29 15.73 -15.22 21.90
CA HIS R 29 17.11 -14.74 21.91
C HIS R 29 17.25 -13.39 21.24
N ALA R 30 16.51 -13.16 20.16
CA ALA R 30 16.54 -11.86 19.51
C ALA R 30 16.00 -10.76 20.42
N GLU R 31 14.96 -11.08 21.21
CA GLU R 31 14.43 -10.10 22.14
C GLU R 31 15.40 -9.82 23.30
N ILE R 32 16.13 -10.84 23.76
CA ILE R 32 17.16 -10.63 24.77
C ILE R 32 18.24 -9.69 24.23
N LEU R 33 18.65 -9.91 22.99
CA LEU R 33 19.70 -9.05 22.42
C LEU R 33 19.21 -7.63 22.14
N LYS R 34 17.92 -7.46 21.83
CA LYS R 34 17.39 -6.11 21.66
C LYS R 34 17.15 -5.39 22.98
N ALA R 35 16.93 -6.13 24.06
CA ALA R 35 16.58 -5.48 25.31
C ALA R 35 17.76 -4.80 25.99
N GLN R 36 18.98 -5.28 25.74
CA GLN R 36 20.15 -4.69 26.36
C GLN R 36 20.46 -3.32 25.79
N GLN S 1 -29.58 3.44 -32.23
CA GLN S 1 -28.92 2.31 -32.87
C GLN S 1 -27.42 2.54 -32.97
N ALA S 2 -26.98 3.74 -32.61
CA ALA S 2 -25.56 4.09 -32.65
C ALA S 2 -24.74 3.17 -31.76
N GLU S 3 -25.38 2.62 -30.73
CA GLU S 3 -24.70 1.73 -29.79
C GLU S 3 -24.09 0.51 -30.47
N ILE S 4 -24.81 -0.08 -31.43
CA ILE S 4 -24.34 -1.23 -32.19
C ILE S 4 -23.11 -0.86 -33.01
N LEU S 5 -23.08 0.37 -33.49
CA LEU S 5 -22.00 0.81 -34.36
C LEU S 5 -20.71 0.99 -33.57
N ARG S 6 -20.82 1.51 -32.34
CA ARG S 6 -19.68 1.56 -31.45
C ARG S 6 -19.25 0.17 -31.00
N ALA S 7 -20.19 -0.78 -30.91
CA ALA S 7 -19.79 -2.14 -30.57
C ALA S 7 -18.96 -2.78 -31.68
N TYR S 8 -19.32 -2.52 -32.94
CA TYR S 8 -18.47 -2.95 -34.05
C TYR S 8 -17.10 -2.27 -34.00
N ALA S 9 -17.06 -1.01 -33.57
CA ALA S 9 -15.77 -0.34 -33.41
C ALA S 9 -14.93 -0.99 -32.31
N ARG S 10 -15.58 -1.47 -31.25
CA ARG S 10 -14.89 -2.18 -30.17
C ARG S 10 -14.27 -3.48 -30.67
N ILE S 11 -15.01 -4.22 -31.51
CA ILE S 11 -14.46 -5.46 -32.09
C ILE S 11 -13.27 -5.17 -32.99
N LEU S 12 -13.35 -4.11 -33.80
CA LEU S 12 -12.23 -3.80 -34.69
C LEU S 12 -11.00 -3.35 -33.91
N GLU S 13 -11.18 -2.64 -32.79
CA GLU S 13 -10.05 -2.30 -31.94
C GLU S 13 -9.43 -3.54 -31.32
N ALA S 14 -10.25 -4.55 -30.97
CA ALA S 14 -9.70 -5.79 -30.43
C ALA S 14 -8.88 -6.55 -31.47
N ASP S 15 -9.32 -6.53 -32.73
CA ASP S 15 -8.51 -7.13 -33.81
C ASP S 15 -7.18 -6.41 -33.97
N ALA S 16 -7.19 -5.07 -33.84
CA ALA S 16 -5.94 -4.31 -33.86
C ALA S 16 -5.01 -4.72 -32.73
N GLU S 17 -5.57 -5.00 -31.55
CA GLU S 17 -4.75 -5.44 -30.43
C GLU S 17 -4.13 -6.81 -30.67
N ILE S 18 -4.88 -7.72 -31.31
CA ILE S 18 -4.33 -9.03 -31.67
C ILE S 18 -3.13 -8.89 -32.60
N LEU S 19 -3.28 -8.06 -33.63
CA LEU S 19 -2.19 -7.95 -34.60
C LEU S 19 -0.98 -7.22 -34.04
N LYS S 20 -1.19 -6.25 -33.13
CA LYS S 20 -0.07 -5.62 -32.44
C LYS S 20 0.66 -6.62 -31.55
N ALA S 21 -0.06 -7.57 -30.96
CA ALA S 21 0.61 -8.58 -30.13
C ALA S 21 1.47 -9.51 -30.97
N GLN S 22 1.00 -9.87 -32.18
CA GLN S 22 1.85 -10.68 -33.06
C GLN S 22 3.10 -9.91 -33.50
N ALA S 23 2.94 -8.59 -33.71
CA ALA S 23 4.11 -7.76 -34.00
C ALA S 23 5.10 -7.76 -32.84
N LYS S 24 4.60 -7.77 -31.60
CA LYS S 24 5.51 -7.82 -30.45
C LYS S 24 6.22 -9.16 -30.34
N ILE S 25 5.56 -10.25 -30.74
CA ILE S 25 6.23 -11.56 -30.79
C ILE S 25 7.42 -11.53 -31.75
N LEU S 26 7.20 -10.98 -32.95
CA LEU S 26 8.29 -10.98 -33.93
C LEU S 26 9.39 -9.99 -33.56
N GLU S 27 9.05 -8.87 -32.90
CA GLU S 27 10.10 -8.00 -32.38
C GLU S 27 10.90 -8.67 -31.27
N ALA S 28 10.27 -9.56 -30.50
CA ALA S 28 11.02 -10.29 -29.48
C ALA S 28 11.96 -11.30 -30.10
N HIS S 29 11.57 -11.94 -31.22
CA HIS S 29 12.52 -12.75 -31.97
C HIS S 29 13.70 -11.92 -32.47
N ALA S 30 13.43 -10.68 -32.89
CA ALA S 30 14.53 -9.80 -33.31
C ALA S 30 15.47 -9.48 -32.16
N GLU S 31 14.92 -9.32 -30.95
CA GLU S 31 15.77 -9.07 -29.79
C GLU S 31 16.58 -10.29 -29.40
N ILE S 32 16.02 -11.50 -29.54
CA ILE S 32 16.79 -12.73 -29.31
C ILE S 32 17.94 -12.83 -30.30
N LEU S 33 17.70 -12.49 -31.57
CA LEU S 33 18.77 -12.57 -32.55
C LEU S 33 19.82 -11.48 -32.35
N LYS S 34 19.43 -10.32 -31.84
CA LYS S 34 20.43 -9.29 -31.54
C LYS S 34 21.22 -9.57 -30.28
N ALA S 35 20.65 -10.33 -29.34
CA ALA S 35 21.33 -10.51 -28.06
C ALA S 35 22.51 -11.46 -28.15
N GLN S 36 22.50 -12.39 -29.10
CA GLN S 36 23.59 -13.35 -29.25
C GLN S 36 24.85 -12.69 -29.76
N GLN T 1 21.89 2.65 44.10
CA GLN T 1 21.12 3.88 43.99
C GLN T 1 20.19 3.84 42.78
N ALA T 2 20.33 2.80 41.97
CA ALA T 2 19.49 2.64 40.79
C ALA T 2 18.01 2.58 41.15
N GLU T 3 17.72 2.13 42.36
CA GLU T 3 16.35 2.02 42.84
C GLU T 3 15.60 3.34 42.77
N ILE T 4 16.26 4.43 43.17
CA ILE T 4 15.67 5.77 43.14
C ILE T 4 15.35 6.18 41.71
N LEU T 5 16.17 5.74 40.77
CA LEU T 5 16.01 6.15 39.39
C LEU T 5 14.81 5.46 38.76
N ARG T 6 14.59 4.19 39.11
CA ARG T 6 13.37 3.49 38.71
C ARG T 6 12.15 4.08 39.39
N ALA T 7 12.30 4.59 40.62
CA ALA T 7 11.16 5.23 41.27
C ALA T 7 10.73 6.51 40.55
N TYR T 8 11.72 7.29 40.07
CA TYR T 8 11.38 8.43 39.21
C TYR T 8 10.71 7.98 37.92
N ALA T 9 11.13 6.83 37.38
CA ALA T 9 10.46 6.30 36.19
C ALA T 9 9.02 5.90 36.49
N ARG T 10 8.76 5.39 37.68
CA ARG T 10 7.40 5.06 38.11
C ARG T 10 6.52 6.30 38.19
N ILE T 11 7.05 7.41 38.72
CA ILE T 11 6.29 8.65 38.77
C ILE T 11 5.98 9.18 37.38
N LEU T 12 6.96 9.11 36.47
CA LEU T 12 6.71 9.60 35.11
C LEU T 12 5.69 8.74 34.36
N GLU T 13 5.68 7.43 34.62
CA GLU T 13 4.64 6.58 34.03
C GLU T 13 3.26 6.93 34.59
N ALA T 14 3.18 7.31 35.88
CA ALA T 14 1.91 7.71 36.44
C ALA T 14 1.39 9.02 35.83
N ASP T 15 2.30 9.95 35.54
CA ASP T 15 1.90 11.17 34.82
C ASP T 15 1.38 10.86 33.43
N ALA T 16 2.01 9.90 32.76
CA ALA T 16 1.50 9.45 31.45
C ALA T 16 0.10 8.87 31.57
N GLU T 17 -0.17 8.14 32.65
CA GLU T 17 -1.52 7.59 32.85
C GLU T 17 -2.56 8.68 33.08
N ILE T 18 -2.19 9.74 33.81
CA ILE T 18 -3.10 10.88 34.02
C ILE T 18 -3.46 11.52 32.68
N LEU T 19 -2.45 11.76 31.83
CA LEU T 19 -2.74 12.46 30.58
C LEU T 19 -3.51 11.57 29.59
N LYS T 20 -3.26 10.25 29.62
CA LYS T 20 -4.08 9.34 28.81
C LYS T 20 -5.53 9.33 29.28
N ALA T 21 -5.77 9.48 30.58
CA ALA T 21 -7.15 9.52 31.06
C ALA T 21 -7.87 10.79 30.61
N GLN T 22 -7.16 11.92 30.58
CA GLN T 22 -7.78 13.15 30.04
C GLN T 22 -8.09 13.01 28.55
N ALA T 23 -7.21 12.30 27.82
CA ALA T 23 -7.50 12.00 26.41
C ALA T 23 -8.74 11.15 26.27
N LYS T 24 -8.96 10.20 27.19
CA LYS T 24 -10.16 9.38 27.13
C LYS T 24 -11.42 10.19 27.44
N ILE T 25 -11.33 11.18 28.32
CA ILE T 25 -12.46 12.08 28.57
C ILE T 25 -12.85 12.83 27.30
N LEU T 26 -11.87 13.37 26.59
CA LEU T 26 -12.22 14.13 25.39
C LEU T 26 -12.68 13.24 24.24
N GLU T 27 -12.16 12.01 24.15
CA GLU T 27 -12.71 11.06 23.18
C GLU T 27 -14.15 10.68 23.52
N ALA T 28 -14.50 10.65 24.80
CA ALA T 28 -15.88 10.37 25.17
C ALA T 28 -16.81 11.52 24.80
N HIS T 29 -16.33 12.77 24.92
CA HIS T 29 -17.09 13.89 24.37
C HIS T 29 -17.29 13.76 22.86
N ALA T 30 -16.27 13.26 22.15
CA ALA T 30 -16.42 13.05 20.72
C ALA T 30 -17.46 11.98 20.43
N GLU T 31 -17.54 10.94 21.26
CA GLU T 31 -18.56 9.91 21.07
C GLU T 31 -19.96 10.43 21.38
N ILE T 32 -20.10 11.30 22.39
CA ILE T 32 -21.39 11.95 22.65
C ILE T 32 -21.83 12.78 21.46
N LEU T 33 -20.90 13.53 20.85
CA LEU T 33 -21.27 14.36 19.70
C LEU T 33 -21.56 13.52 18.47
N LYS T 34 -20.92 12.36 18.31
CA LYS T 34 -21.25 11.49 17.18
C LYS T 34 -22.55 10.73 17.39
N ALA T 35 -22.96 10.50 18.63
CA ALA T 35 -24.13 9.66 18.86
C ALA T 35 -25.43 10.37 18.54
N GLN T 36 -25.47 11.70 18.64
CA GLN T 36 -26.68 12.44 18.35
C GLN T 36 -27.02 12.44 16.88
N GLN U 1 19.46 40.63 1.96
CA GLN U 1 18.26 41.17 1.35
C GLN U 1 17.91 40.44 0.06
N ALA U 2 18.80 39.54 -0.37
CA ALA U 2 18.60 38.78 -1.59
C ALA U 2 17.33 37.94 -1.50
N GLU U 3 16.94 37.59 -0.28
CA GLU U 3 15.74 36.78 -0.06
C GLU U 3 14.49 37.41 -0.65
N ILE U 4 14.33 38.73 -0.47
CA ILE U 4 13.20 39.47 -0.99
C ILE U 4 13.18 39.42 -2.52
N LEU U 5 14.36 39.40 -3.12
CA LEU U 5 14.47 39.45 -4.57
C LEU U 5 14.05 38.11 -5.17
N ARG U 6 14.42 37.01 -4.52
CA ARG U 6 13.92 35.69 -4.92
C ARG U 6 12.42 35.57 -4.67
N ALA U 7 11.89 36.24 -3.65
CA ALA U 7 10.45 36.20 -3.43
C ALA U 7 9.69 36.90 -4.56
N TYR U 8 10.23 38.02 -5.07
CA TYR U 8 9.66 38.63 -6.26
C TYR U 8 9.75 37.70 -7.46
N ALA U 9 10.84 36.94 -7.56
CA ALA U 9 10.95 35.95 -8.64
C ALA U 9 9.90 34.86 -8.51
N ARG U 10 9.57 34.47 -7.28
CA ARG U 10 8.51 33.48 -7.04
C ARG U 10 7.16 33.99 -7.50
N ILE U 11 6.86 35.28 -7.22
CA ILE U 11 5.60 35.86 -7.68
C ILE U 11 5.53 35.91 -9.20
N LEU U 12 6.64 36.28 -9.86
CA LEU U 12 6.62 36.34 -11.31
C LEU U 12 6.47 34.96 -11.96
N GLU U 13 7.04 33.93 -11.34
CA GLU U 13 6.83 32.56 -11.82
C GLU U 13 5.36 32.14 -11.65
N ALA U 14 4.71 32.59 -10.57
CA ALA U 14 3.29 32.27 -10.40
C ALA U 14 2.42 32.95 -11.44
N ASP U 15 2.76 34.18 -11.83
CA ASP U 15 2.05 34.84 -12.93
C ASP U 15 2.24 34.10 -14.25
N ALA U 16 3.45 33.57 -14.47
CA ALA U 16 3.68 32.74 -15.66
C ALA U 16 2.81 31.49 -15.64
N GLU U 17 2.61 30.90 -14.46
CA GLU U 17 1.75 29.71 -14.36
C GLU U 17 0.30 30.04 -14.67
N ILE U 18 -0.18 31.22 -14.23
CA ILE U 18 -1.55 31.64 -14.53
C ILE U 18 -1.74 31.78 -16.05
N LEU U 19 -0.80 32.42 -16.71
CA LEU U 19 -0.97 32.65 -18.15
C LEU U 19 -0.83 31.34 -18.95
N LYS U 20 0.03 30.42 -18.51
CA LYS U 20 0.09 29.10 -19.14
C LYS U 20 -1.22 28.33 -18.97
N ALA U 21 -1.89 28.51 -17.83
CA ALA U 21 -3.17 27.83 -17.64
C ALA U 21 -4.25 28.37 -18.57
N GLN U 22 -4.24 29.70 -18.81
CA GLN U 22 -5.20 30.25 -19.78
C GLN U 22 -4.89 29.75 -21.20
N ALA U 23 -3.61 29.58 -21.52
CA ALA U 23 -3.24 28.98 -22.79
C ALA U 23 -3.76 27.55 -22.92
N LYS U 24 -3.74 26.79 -21.82
CA LYS U 24 -4.27 25.44 -21.86
C LYS U 24 -5.79 25.42 -22.04
N ILE U 25 -6.49 26.40 -21.48
CA ILE U 25 -7.94 26.53 -21.71
C ILE U 25 -8.24 26.72 -23.20
N LEU U 26 -7.49 27.63 -23.85
CA LEU U 26 -7.78 27.88 -25.26
C LEU U 26 -7.33 26.72 -26.16
N GLU U 27 -6.26 26.01 -25.79
CA GLU U 27 -5.92 24.78 -26.52
C GLU U 27 -6.97 23.71 -26.36
N ALA U 28 -7.65 23.68 -25.20
CA ALA U 28 -8.74 22.71 -25.03
C ALA U 28 -9.95 23.07 -25.88
N HIS U 29 -10.24 24.37 -26.05
CA HIS U 29 -11.24 24.77 -27.05
C HIS U 29 -10.86 24.33 -28.45
N ALA U 30 -9.56 24.41 -28.78
CA ALA U 30 -9.12 23.94 -30.09
C ALA U 30 -9.32 22.43 -30.25
N GLU U 31 -9.12 21.67 -29.17
CA GLU U 31 -9.36 20.23 -29.25
C GLU U 31 -10.83 19.90 -29.36
N ILE U 32 -11.71 20.67 -28.71
CA ILE U 32 -13.15 20.50 -28.88
C ILE U 32 -13.55 20.76 -30.33
N LEU U 33 -12.99 21.80 -30.94
CA LEU U 33 -13.34 22.10 -32.32
C LEU U 33 -12.76 21.08 -33.30
N LYS U 34 -11.61 20.49 -32.98
CA LYS U 34 -11.09 19.43 -33.85
C LYS U 34 -11.79 18.11 -33.68
N ALA U 35 -12.40 17.86 -32.52
CA ALA U 35 -12.99 16.55 -32.27
C ALA U 35 -14.29 16.34 -33.02
N GLN U 36 -15.02 17.40 -33.33
CA GLN U 36 -16.29 17.28 -34.03
C GLN U 36 -16.09 16.87 -35.47
N GLN V 1 -44.88 7.46 22.29
CA GLN V 1 -45.11 6.39 21.33
C GLN V 1 -43.80 5.83 20.79
N ALA V 2 -42.69 6.48 21.16
CA ALA V 2 -41.37 6.05 20.72
C ALA V 2 -41.07 4.63 21.16
N GLU V 3 -41.70 4.21 22.26
CA GLU V 3 -41.50 2.87 22.80
C GLU V 3 -41.82 1.77 21.79
N ILE V 4 -42.92 1.94 21.04
CA ILE V 4 -43.33 0.98 20.02
C ILE V 4 -42.29 0.91 18.91
N LEU V 5 -41.64 2.04 18.63
CA LEU V 5 -40.70 2.09 17.52
C LEU V 5 -39.41 1.36 17.89
N ARG V 6 -38.98 1.47 19.14
CA ARG V 6 -37.86 0.67 19.63
C ARG V 6 -38.23 -0.81 19.71
N ALA V 7 -39.50 -1.12 19.96
CA ALA V 7 -39.90 -2.53 19.97
C ALA V 7 -39.81 -3.14 18.57
N TYR V 8 -40.18 -2.38 17.53
CA TYR V 8 -39.94 -2.83 16.17
C TYR V 8 -38.46 -3.00 15.88
N ALA V 9 -37.62 -2.12 16.45
CA ALA V 9 -36.18 -2.28 16.29
C ALA V 9 -35.67 -3.56 16.96
N ARG V 10 -36.27 -3.92 18.10
CA ARG V 10 -35.93 -5.17 18.78
C ARG V 10 -36.26 -6.39 17.93
N ILE V 11 -37.42 -6.37 17.27
CA ILE V 11 -37.80 -7.48 16.39
C ILE V 11 -36.84 -7.58 15.20
N LEU V 12 -36.46 -6.44 14.61
CA LEU V 12 -35.55 -6.50 13.48
C LEU V 12 -34.16 -6.99 13.87
N GLU V 13 -33.70 -6.64 15.08
CA GLU V 13 -32.44 -7.20 15.58
C GLU V 13 -32.54 -8.70 15.79
N ALA V 14 -33.69 -9.19 16.22
CA ALA V 14 -33.86 -10.64 16.39
C ALA V 14 -33.84 -11.38 15.04
N ASP V 15 -34.40 -10.77 13.99
CA ASP V 15 -34.30 -11.34 12.66
C ASP V 15 -32.85 -11.38 12.17
N ALA V 16 -32.08 -10.34 12.49
CA ALA V 16 -30.65 -10.35 12.18
C ALA V 16 -29.93 -11.48 12.90
N GLU V 17 -30.32 -11.78 14.14
CA GLU V 17 -29.70 -12.88 14.88
C GLU V 17 -30.02 -14.23 14.24
N ILE V 18 -31.26 -14.40 13.75
CA ILE V 18 -31.63 -15.64 13.07
C ILE V 18 -30.77 -15.86 11.82
N LEU V 19 -30.60 -14.80 11.02
CA LEU V 19 -29.85 -14.98 9.79
C LEU V 19 -28.35 -15.17 10.04
N LYS V 20 -27.81 -14.54 11.09
CA LYS V 20 -26.43 -14.81 11.48
C LYS V 20 -26.24 -16.25 11.93
N ALA V 21 -27.25 -16.83 12.59
CA ALA V 21 -27.14 -18.22 13.00
C ALA V 21 -27.13 -19.17 11.81
N GLN V 22 -27.93 -18.87 10.78
CA GLN V 22 -27.87 -19.70 9.57
C GLN V 22 -26.52 -19.57 8.87
N ALA V 23 -25.93 -18.38 8.91
CA ALA V 23 -24.58 -18.20 8.38
C ALA V 23 -23.56 -19.04 9.16
N LYS V 24 -23.75 -19.16 10.48
CA LYS V 24 -22.83 -20.00 11.26
C LYS V 24 -23.00 -21.48 10.94
N ILE V 25 -24.23 -21.92 10.63
CA ILE V 25 -24.45 -23.30 10.19
C ILE V 25 -23.67 -23.59 8.92
N LEU V 26 -23.74 -22.69 7.93
CA LEU V 26 -23.04 -22.96 6.68
C LEU V 26 -21.52 -22.82 6.82
N GLU V 27 -21.04 -21.94 7.69
CA GLU V 27 -19.60 -21.91 7.97
C GLU V 27 -19.14 -23.19 8.67
N ALA V 28 -20.02 -23.81 9.45
CA ALA V 28 -19.65 -25.08 10.08
C ALA V 28 -19.58 -26.21 9.06
N HIS V 29 -20.46 -26.19 8.05
CA HIS V 29 -20.30 -27.11 6.91
C HIS V 29 -18.98 -26.89 6.20
N ALA V 30 -18.56 -25.63 6.06
CA ALA V 30 -17.27 -25.34 5.44
C ALA V 30 -16.11 -25.90 6.27
N GLU V 31 -16.23 -25.84 7.59
CA GLU V 31 -15.20 -26.41 8.45
C GLU V 31 -15.17 -27.93 8.39
N ILE V 32 -16.34 -28.58 8.26
CA ILE V 32 -16.38 -30.03 8.06
C ILE V 32 -15.68 -30.41 6.76
N LEU V 33 -15.93 -29.64 5.69
CA LEU V 33 -15.30 -29.97 4.42
C LEU V 33 -13.79 -29.67 4.42
N LYS V 34 -13.34 -28.67 5.20
CA LYS V 34 -11.92 -28.44 5.30
C LYS V 34 -11.20 -29.44 6.20
N ALA V 35 -11.92 -30.04 7.15
CA ALA V 35 -11.25 -30.91 8.11
C ALA V 35 -10.85 -32.26 7.51
N GLN V 36 -11.57 -32.73 6.50
CA GLN V 36 -11.26 -34.01 5.89
C GLN V 36 -9.98 -33.96 5.11
N GLN W 1 30.81 -22.98 -26.02
CA GLN W 1 31.84 -22.06 -25.55
C GLN W 1 31.46 -20.62 -25.84
N ALA W 2 30.37 -20.43 -26.57
CA ALA W 2 29.89 -19.09 -26.92
C ALA W 2 29.59 -18.27 -25.67
N GLU W 3 29.26 -18.96 -24.59
CA GLU W 3 28.94 -18.30 -23.33
C GLU W 3 30.06 -17.40 -22.82
N ILE W 4 31.31 -17.89 -22.92
CA ILE W 4 32.48 -17.13 -22.51
C ILE W 4 32.63 -15.88 -23.35
N LEU W 5 32.25 -15.96 -24.63
CA LEU W 5 32.43 -14.86 -25.54
C LEU W 5 31.44 -13.73 -25.23
N ARG W 6 30.21 -14.10 -24.88
CA ARG W 6 29.25 -13.12 -24.39
C ARG W 6 29.66 -12.54 -23.05
N ALA W 7 30.35 -13.32 -22.21
CA ALA W 7 30.83 -12.77 -20.95
C ALA W 7 31.89 -11.70 -21.16
N TYR W 8 32.78 -11.91 -22.15
CA TYR W 8 33.71 -10.85 -22.53
C TYR W 8 32.98 -9.62 -23.07
N ALA W 9 31.88 -9.85 -23.80
CA ALA W 9 31.07 -8.73 -24.26
C ALA W 9 30.45 -7.96 -23.09
N ARG W 10 30.05 -8.67 -22.03
CA ARG W 10 29.52 -8.04 -20.84
C ARG W 10 30.56 -7.16 -20.15
N ILE W 11 31.80 -7.64 -20.07
CA ILE W 11 32.86 -6.83 -19.48
C ILE W 11 33.14 -5.57 -20.31
N LEU W 12 33.15 -5.71 -21.64
CA LEU W 12 33.40 -4.53 -22.47
C LEU W 12 32.27 -3.51 -22.38
N GLU W 13 31.02 -3.97 -22.24
CA GLU W 13 29.92 -3.04 -22.02
C GLU W 13 30.06 -2.33 -20.66
N ALA W 14 30.58 -3.02 -19.65
CA ALA W 14 30.79 -2.37 -18.36
C ALA W 14 31.87 -1.29 -18.44
N ASP W 15 32.93 -1.54 -19.22
CA ASP W 15 33.94 -0.50 -19.45
C ASP W 15 33.36 0.71 -20.16
N ALA W 16 32.46 0.46 -21.12
CA ALA W 16 31.76 1.57 -21.77
C ALA W 16 30.93 2.38 -20.77
N GLU W 17 30.31 1.70 -19.80
CA GLU W 17 29.53 2.43 -18.79
C GLU W 17 30.42 3.28 -17.90
N ILE W 18 31.61 2.78 -17.56
CA ILE W 18 32.56 3.57 -16.76
C ILE W 18 32.95 4.86 -17.50
N LEU W 19 33.27 4.73 -18.79
CA LEU W 19 33.72 5.91 -19.52
C LEU W 19 32.58 6.90 -19.77
N LYS W 20 31.36 6.41 -19.97
CA LYS W 20 30.21 7.30 -20.05
C LYS W 20 29.96 8.05 -18.76
N ALA W 21 30.23 7.41 -17.61
CA ALA W 21 30.06 8.10 -16.34
C ALA W 21 31.09 9.21 -16.16
N GLN W 22 32.33 8.99 -16.61
CA GLN W 22 33.33 10.08 -16.56
C GLN W 22 32.94 11.23 -17.48
N ALA W 23 32.34 10.91 -18.63
CA ALA W 23 31.81 11.96 -19.50
C ALA W 23 30.70 12.75 -18.82
N LYS W 24 29.87 12.09 -18.02
CA LYS W 24 28.83 12.82 -17.30
C LYS W 24 29.39 13.72 -16.21
N ILE W 25 30.50 13.30 -15.57
CA ILE W 25 31.19 14.16 -14.61
C ILE W 25 31.66 15.45 -15.27
N LEU W 26 32.30 15.33 -16.43
CA LEU W 26 32.81 16.54 -17.07
C LEU W 26 31.70 17.41 -17.67
N GLU W 27 30.60 16.81 -18.13
CA GLU W 27 29.44 17.61 -18.52
C GLU W 27 28.82 18.34 -17.33
N ALA W 28 28.90 17.75 -16.14
CA ALA W 28 28.41 18.44 -14.96
C ALA W 28 29.30 19.63 -14.57
N HIS W 29 30.61 19.49 -14.75
CA HIS W 29 31.49 20.67 -14.63
C HIS W 29 31.12 21.76 -15.63
N ALA W 30 30.76 21.37 -16.85
CA ALA W 30 30.33 22.35 -17.83
C ALA W 30 29.04 23.06 -17.41
N GLU W 31 28.13 22.32 -16.76
CA GLU W 31 26.90 22.95 -16.27
C GLU W 31 27.17 23.88 -15.09
N ILE W 32 28.12 23.53 -14.22
CA ILE W 32 28.53 24.44 -13.14
C ILE W 32 29.10 25.73 -13.71
N LEU W 33 29.92 25.62 -14.76
CA LEU W 33 30.51 26.82 -15.34
C LEU W 33 29.48 27.65 -16.11
N LYS W 34 28.46 27.01 -16.69
CA LYS W 34 27.40 27.79 -17.34
C LYS W 34 26.44 28.42 -16.36
N ALA W 35 26.29 27.85 -15.17
CA ALA W 35 25.28 28.35 -14.25
C ALA W 35 25.67 29.67 -13.61
N GLN W 36 26.95 29.95 -13.47
CA GLN W 36 27.41 31.17 -12.84
C GLN W 36 27.13 32.38 -13.73
N GLN X 1 -5.08 -50.10 14.52
CA GLN X 1 -3.70 -49.74 14.87
C GLN X 1 -3.50 -48.23 14.83
N ALA X 2 -4.52 -47.50 14.39
CA ALA X 2 -4.46 -46.05 14.31
C ALA X 2 -4.22 -45.44 15.68
N GLU X 3 -4.64 -46.15 16.72
CA GLU X 3 -4.48 -45.67 18.09
C GLU X 3 -3.02 -45.37 18.44
N ILE X 4 -2.11 -46.25 18.02
CA ILE X 4 -0.68 -46.08 18.27
C ILE X 4 -0.16 -44.84 17.56
N LEU X 5 -0.74 -44.54 16.41
CA LEU X 5 -0.26 -43.42 15.62
C LEU X 5 -0.65 -42.09 16.25
N ARG X 6 -1.86 -42.03 16.81
CA ARG X 6 -2.26 -40.88 17.60
C ARG X 6 -1.47 -40.77 18.89
N ALA X 7 -1.03 -41.90 19.47
CA ALA X 7 -0.19 -41.82 20.65
C ALA X 7 1.17 -41.21 20.35
N TYR X 8 1.74 -41.54 19.18
CA TYR X 8 2.96 -40.85 18.74
C TYR X 8 2.70 -39.36 18.52
N ALA X 9 1.51 -39.01 18.02
CA ALA X 9 1.18 -37.59 17.88
C ALA X 9 1.09 -36.89 19.22
N ARG X 10 0.60 -37.60 20.25
CA ARG X 10 0.55 -37.05 21.61
C ARG X 10 1.95 -36.78 22.16
N ILE X 11 2.89 -37.70 21.91
CA ILE X 11 4.26 -37.47 22.35
C ILE X 11 4.89 -36.27 21.65
N LEU X 12 4.65 -36.15 20.34
CA LEU X 12 5.23 -35.01 19.61
C LEU X 12 4.63 -33.67 20.06
N GLU X 13 3.34 -33.66 20.42
CA GLU X 13 2.75 -32.44 20.98
C GLU X 13 3.36 -32.10 22.34
N ALA X 14 3.70 -33.13 23.14
CA ALA X 14 4.35 -32.86 24.42
C ALA X 14 5.75 -32.27 24.25
N ASP X 15 6.49 -32.74 23.23
CA ASP X 15 7.79 -32.14 22.91
C ASP X 15 7.64 -30.69 22.49
N ALA X 16 6.58 -30.38 21.73
CA ALA X 16 6.30 -28.99 21.37
C ALA X 16 6.03 -28.14 22.61
N GLU X 17 5.35 -28.71 23.60
CA GLU X 17 5.08 -27.97 24.84
C GLU X 17 6.35 -27.70 25.62
N ILE X 18 7.29 -28.65 25.64
CA ILE X 18 8.58 -28.44 26.29
C ILE X 18 9.34 -27.29 25.66
N LEU X 19 9.38 -27.26 24.32
CA LEU X 19 10.17 -26.22 23.66
C LEU X 19 9.49 -24.85 23.77
N LYS X 20 8.15 -24.80 23.79
CA LYS X 20 7.46 -23.54 24.05
C LYS X 20 7.75 -23.03 25.46
N ALA X 21 7.90 -23.93 26.43
CA ALA X 21 8.21 -23.49 27.78
C ALA X 21 9.61 -22.90 27.87
N GLN X 22 10.58 -23.48 27.14
CA GLN X 22 11.92 -22.87 27.11
C GLN X 22 11.90 -21.50 26.44
N ALA X 23 11.06 -21.34 25.41
CA ALA X 23 10.87 -20.03 24.80
C ALA X 23 10.30 -19.02 25.80
N LYS X 24 9.39 -19.46 26.67
CA LYS X 24 8.85 -18.56 27.68
C LYS X 24 9.89 -18.17 28.72
N ILE X 25 10.81 -19.08 29.05
CA ILE X 25 11.93 -18.75 29.95
C ILE X 25 12.77 -17.62 29.36
N LEU X 26 13.12 -17.75 28.08
CA LEU X 26 13.98 -16.71 27.49
C LEU X 26 13.24 -15.40 27.26
N GLU X 27 11.94 -15.44 26.99
CA GLU X 27 11.16 -14.20 26.94
C GLU X 27 11.07 -13.54 28.32
N ALA X 28 11.08 -14.33 29.39
CA ALA X 28 11.08 -13.75 30.72
C ALA X 28 12.42 -13.08 31.04
N HIS X 29 13.53 -13.66 30.56
CA HIS X 29 14.82 -12.94 30.64
C HIS X 29 14.77 -11.62 29.89
N ALA X 30 14.10 -11.61 28.73
CA ALA X 30 13.96 -10.36 27.99
C ALA X 30 13.15 -9.33 28.76
N GLU X 31 12.12 -9.78 29.49
CA GLU X 31 11.35 -8.85 30.30
C GLU X 31 12.13 -8.33 31.50
N ILE X 32 12.99 -9.17 32.09
CA ILE X 32 13.87 -8.70 33.16
C ILE X 32 14.82 -7.63 32.65
N LEU X 33 15.38 -7.84 31.45
CA LEU X 33 16.30 -6.85 30.89
C LEU X 33 15.58 -5.57 30.47
N LYS X 34 14.32 -5.66 30.05
CA LYS X 34 13.59 -4.43 29.73
C LYS X 34 13.11 -3.69 30.96
N ALA X 35 12.92 -4.38 32.09
CA ALA X 35 12.34 -3.74 33.25
C ALA X 35 13.33 -2.81 33.95
N GLN X 36 14.63 -3.06 33.84
CA GLN X 36 15.62 -2.23 34.50
C GLN X 36 15.73 -0.87 33.85
N GLN Y 1 -28.26 14.15 -35.54
CA GLN Y 1 -27.86 12.97 -36.31
C GLN Y 1 -26.35 12.94 -36.53
N ALA Y 2 -25.67 14.01 -36.12
CA ALA Y 2 -24.23 14.10 -36.28
C ALA Y 2 -23.52 12.97 -35.52
N GLU Y 3 -24.17 12.48 -34.47
CA GLU Y 3 -23.60 11.40 -33.66
C GLU Y 3 -23.26 10.16 -34.48
N ILE Y 4 -24.16 9.78 -35.39
CA ILE Y 4 -23.96 8.63 -36.26
C ILE Y 4 -22.75 8.85 -37.17
N LEU Y 5 -22.53 10.09 -37.56
CA LEU Y 5 -21.47 10.40 -38.51
C LEU Y 5 -20.10 10.28 -37.82
N ARG Y 6 -20.02 10.72 -36.56
CA ARG Y 6 -18.81 10.49 -35.77
C ARG Y 6 -18.62 9.02 -35.46
N ALA Y 7 -19.70 8.25 -35.34
CA ALA Y 7 -19.54 6.81 -35.13
C ALA Y 7 -18.93 6.12 -36.35
N TYR Y 8 -19.33 6.55 -37.55
CA TYR Y 8 -18.65 6.07 -38.75
C TYR Y 8 -17.19 6.48 -38.78
N ALA Y 9 -16.89 7.68 -38.28
CA ALA Y 9 -15.48 8.10 -38.18
C ALA Y 9 -14.70 7.22 -37.22
N ARG Y 10 -15.35 6.79 -36.13
CA ARG Y 10 -14.71 5.87 -35.17
C ARG Y 10 -14.38 4.53 -35.82
N ILE Y 11 -15.30 4.01 -36.63
CA ILE Y 11 -15.03 2.74 -37.32
C ILE Y 11 -13.88 2.88 -38.31
N LEU Y 12 -13.84 4.01 -39.05
CA LEU Y 12 -12.75 4.19 -40.01
C LEU Y 12 -11.40 4.35 -39.31
N GLU Y 13 -11.36 4.99 -38.14
CA GLU Y 13 -10.13 5.06 -37.37
C GLU Y 13 -9.69 3.67 -36.89
N ALA Y 14 -10.66 2.81 -36.53
CA ALA Y 14 -10.30 1.45 -36.13
C ALA Y 14 -9.71 0.63 -37.29
N ASP Y 15 -10.24 0.84 -38.51
CA ASP Y 15 -9.64 0.20 -39.68
C ASP Y 15 -8.21 0.68 -39.92
N ALA Y 16 -7.98 1.97 -39.69
CA ALA Y 16 -6.61 2.51 -39.79
C ALA Y 16 -5.69 1.86 -38.77
N GLU Y 17 -6.20 1.58 -37.56
CA GLU Y 17 -5.38 0.91 -36.54
C GLU Y 17 -5.04 -0.52 -36.93
N ILE Y 18 -5.98 -1.22 -37.56
CA ILE Y 18 -5.72 -2.58 -38.05
C ILE Y 18 -4.59 -2.58 -39.07
N LEU Y 19 -4.66 -1.65 -40.03
CA LEU Y 19 -3.65 -1.66 -41.09
C LEU Y 19 -2.28 -1.20 -40.59
N LYS Y 20 -2.25 -0.28 -39.61
CA LYS Y 20 -0.98 0.08 -38.97
C LYS Y 20 -0.38 -1.10 -38.22
N ALA Y 21 -1.22 -1.95 -37.63
CA ALA Y 21 -0.68 -3.12 -36.93
C ALA Y 21 -0.07 -4.13 -37.91
N GLN Y 22 -0.69 -4.30 -39.09
CA GLN Y 22 -0.07 -5.17 -40.10
C GLN Y 22 1.26 -4.60 -40.60
N ALA Y 23 1.34 -3.26 -40.70
CA ALA Y 23 2.61 -2.63 -41.04
C ALA Y 23 3.67 -2.89 -39.98
N LYS Y 24 3.27 -2.92 -38.71
CA LYS Y 24 4.23 -3.21 -37.64
C LYS Y 24 4.71 -4.67 -37.70
N ILE Y 25 3.83 -5.59 -38.09
CA ILE Y 25 4.24 -6.99 -38.29
C ILE Y 25 5.34 -7.09 -39.35
N LEU Y 26 5.13 -6.42 -40.48
CA LEU Y 26 6.13 -6.53 -41.55
C LEU Y 26 7.42 -5.78 -41.22
N GLU Y 27 7.34 -4.68 -40.47
CA GLU Y 27 8.56 -4.04 -39.98
C GLU Y 27 9.31 -4.94 -38.99
N ALA Y 28 8.59 -5.76 -38.23
CA ALA Y 28 9.27 -6.69 -37.33
C ALA Y 28 9.97 -7.80 -38.10
N HIS Y 29 9.37 -8.26 -39.21
CA HIS Y 29 10.11 -9.17 -40.11
C HIS Y 29 11.37 -8.52 -40.65
N ALA Y 30 11.30 -7.22 -40.97
CA ALA Y 30 12.50 -6.52 -41.43
C ALA Y 30 13.57 -6.46 -40.34
N GLU Y 31 13.16 -6.30 -39.08
CA GLU Y 31 14.13 -6.30 -37.99
C GLU Y 31 14.74 -7.68 -37.75
N ILE Y 32 13.94 -8.74 -37.92
CA ILE Y 32 14.49 -10.09 -37.85
C ILE Y 32 15.54 -10.32 -38.93
N LEU Y 33 15.26 -9.85 -40.15
CA LEU Y 33 16.22 -10.04 -41.23
C LEU Y 33 17.46 -9.17 -41.05
N LYS Y 34 17.33 -8.00 -40.43
CA LYS Y 34 18.53 -7.19 -40.17
C LYS Y 34 19.34 -7.70 -39.00
N ALA Y 35 18.71 -8.42 -38.06
CA ALA Y 35 19.44 -8.83 -36.87
C ALA Y 35 20.42 -9.96 -37.12
N GLN Y 36 20.17 -10.79 -38.13
CA GLN Y 36 21.06 -11.91 -38.42
C GLN Y 36 22.37 -11.44 -39.00
N GLN Z 1 14.45 6.44 51.68
CA GLN Z 1 13.49 7.50 51.41
C GLN Z 1 12.69 7.21 50.14
N ALA Z 2 13.08 6.15 49.43
CA ALA Z 2 12.40 5.77 48.20
C ALA Z 2 10.92 5.46 48.45
N GLU Z 3 10.61 5.05 49.68
CA GLU Z 3 9.24 4.73 50.05
C GLU Z 3 8.28 5.88 49.83
N ILE Z 4 8.70 7.09 50.19
CA ILE Z 4 7.88 8.30 50.01
C ILE Z 4 7.63 8.55 48.53
N LEU Z 5 8.60 8.21 47.69
CA LEU Z 5 8.50 8.49 46.27
C LEU Z 5 7.49 7.55 45.61
N ARG Z 6 7.47 6.28 46.04
CA ARG Z 6 6.43 5.36 45.60
C ARG Z 6 5.07 5.75 46.14
N ALA Z 7 5.01 6.37 47.33
CA ALA Z 7 3.73 6.83 47.84
C ALA Z 7 3.15 7.96 46.99
N TYR Z 8 4.02 8.87 46.52
CA TYR Z 8 3.57 9.87 45.55
C TYR Z 8 3.11 9.23 44.25
N ALA Z 9 3.77 8.15 43.84
CA ALA Z 9 3.31 7.42 42.65
C ALA Z 9 1.93 6.80 42.86
N ARG Z 10 1.66 6.33 44.08
CA ARG Z 10 0.36 5.78 44.42
C ARG Z 10 -0.74 6.84 44.33
N ILE Z 11 -0.45 8.05 44.81
CA ILE Z 11 -1.43 9.14 44.71
C ILE Z 11 -1.69 9.51 43.25
N LEU Z 12 -0.64 9.56 42.43
CA LEU Z 12 -0.85 9.91 41.03
C LEU Z 12 -1.63 8.83 40.27
N GLU Z 13 -1.43 7.56 40.63
CA GLU Z 13 -2.25 6.50 40.04
C GLU Z 13 -3.72 6.62 40.46
N ALA Z 14 -3.96 7.07 41.70
CA ALA Z 14 -5.35 7.27 42.14
C ALA Z 14 -6.02 8.42 41.38
N ASP Z 15 -5.27 9.48 41.09
CA ASP Z 15 -5.81 10.56 40.24
C ASP Z 15 -6.14 10.07 38.85
N ALA Z 16 -5.30 9.19 38.29
CA ALA Z 16 -5.60 8.57 37.01
C ALA Z 16 -6.89 7.76 37.06
N GLU Z 17 -7.13 7.07 38.18
CA GLU Z 17 -8.37 6.30 38.31
C GLU Z 17 -9.59 7.20 38.37
N ILE Z 18 -9.48 8.35 39.04
CA ILE Z 18 -10.59 9.31 39.08
C ILE Z 18 -10.94 9.79 37.67
N LEU Z 19 -9.92 10.16 36.89
CA LEU Z 19 -10.21 10.70 35.57
C LEU Z 19 -10.72 9.63 34.60
N LYS Z 20 -10.25 8.38 34.74
CA LYS Z 20 -10.83 7.29 33.96
C LYS Z 20 -12.28 7.05 34.31
N ALA Z 21 -12.66 7.22 35.58
CA ALA Z 21 -14.06 7.05 35.94
C ALA Z 21 -14.95 8.14 35.34
N GLN Z 22 -14.45 9.38 35.27
CA GLN Z 22 -15.22 10.42 34.59
C GLN Z 22 -15.36 10.14 33.09
N ALA Z 23 -14.32 9.56 32.49
CA ALA Z 23 -14.43 9.13 31.10
C ALA Z 23 -15.48 8.05 30.93
N LYS Z 24 -15.60 7.14 31.91
CA LYS Z 24 -16.64 6.11 31.81
C LYS Z 24 -18.05 6.70 31.96
N ILE Z 25 -18.20 7.74 32.77
CA ILE Z 25 -19.49 8.45 32.86
C ILE Z 25 -19.91 9.01 31.51
N LEU Z 26 -18.96 9.68 30.83
CA LEU Z 26 -19.33 10.29 29.55
C LEU Z 26 -19.52 9.25 28.44
N GLU Z 27 -18.79 8.13 28.48
CA GLU Z 27 -19.08 7.04 27.56
C GLU Z 27 -20.45 6.43 27.82
N ALA Z 28 -20.90 6.42 29.07
CA ALA Z 28 -22.24 5.92 29.35
C ALA Z 28 -23.32 6.86 28.83
N HIS Z 29 -23.08 8.17 28.88
CA HIS Z 29 -23.98 9.11 28.18
C HIS Z 29 -24.02 8.84 26.68
N ALA Z 30 -22.86 8.49 26.10
CA ALA Z 30 -22.84 8.16 24.67
C ALA Z 30 -23.65 6.90 24.39
N GLU Z 31 -23.62 5.92 25.29
CA GLU Z 31 -24.42 4.72 25.11
C GLU Z 31 -25.91 4.99 25.27
N ILE Z 32 -26.29 5.89 26.18
CA ILE Z 32 -27.69 6.30 26.30
C ILE Z 32 -28.17 6.96 25.01
N LEU Z 33 -27.33 7.83 24.42
CA LEU Z 33 -27.74 8.49 23.19
C LEU Z 33 -27.76 7.54 22.00
N LYS Z 34 -26.91 6.51 21.99
CA LYS Z 34 -26.99 5.53 20.92
C LYS Z 34 -28.14 4.56 21.08
N ALA Z 35 -28.61 4.34 22.30
CA ALA Z 35 -29.64 3.32 22.50
C ALA Z 35 -31.01 3.76 22.03
N GLN Z 36 -31.29 5.06 22.01
CA GLN Z 36 -32.59 5.55 21.59
C GLN Z 36 -32.78 5.38 20.10
N GLN AA 1 29.21 39.29 -3.55
CA GLN AA 1 28.08 40.08 -4.01
C GLN AA 1 27.51 39.52 -5.31
N ALA AA 2 28.18 38.53 -5.88
CA ALA AA 2 27.75 37.91 -7.12
C ALA AA 2 26.37 37.30 -6.97
N GLU AA 3 26.00 36.93 -5.75
CA GLU AA 3 24.71 36.33 -5.48
C GLU AA 3 23.55 37.21 -5.90
N ILE AA 4 23.65 38.52 -5.62
CA ILE AA 4 22.62 39.49 -6.00
C ILE AA 4 22.49 39.56 -7.51
N LEU AA 5 23.60 39.39 -8.21
CA LEU AA 5 23.60 39.53 -9.66
C LEU AA 5 22.90 38.33 -10.32
N ARG AA 6 23.11 37.14 -9.76
CA ARG AA 6 22.34 35.97 -10.21
C ARG AA 6 20.88 36.08 -9.83
N ALA AA 7 20.56 36.76 -8.73
CA ALA AA 7 19.15 36.96 -8.38
C ALA AA 7 18.45 37.87 -9.39
N TYR AA 8 19.15 38.91 -9.87
CA TYR AA 8 18.60 39.70 -10.97
C TYR AA 8 18.44 38.88 -12.24
N ALA AA 9 19.36 37.94 -12.47
CA ALA AA 9 19.20 37.04 -13.62
C ALA AA 9 17.98 36.14 -13.48
N ARG AA 10 17.68 35.72 -12.24
CA ARG AA 10 16.49 34.92 -11.98
C ARG AA 10 15.21 35.69 -12.28
N ILE AA 11 15.18 36.98 -11.89
CA ILE AA 11 14.01 37.80 -12.19
C ILE AA 11 13.83 38.00 -13.70
N LEU AA 12 14.93 38.22 -14.42
CA LEU AA 12 14.82 38.40 -15.86
C LEU AA 12 14.37 37.12 -16.58
N GLU AA 13 14.80 35.96 -16.08
CA GLU AA 13 14.29 34.69 -16.63
C GLU AA 13 12.80 34.52 -16.36
N ALA AA 14 12.33 34.99 -15.20
CA ALA AA 14 10.89 34.91 -14.92
C ALA AA 14 10.07 35.82 -15.85
N ASP AA 15 10.61 36.99 -16.18
CA ASP AA 15 9.95 37.86 -17.16
C ASP AA 15 9.89 37.19 -18.54
N ALA AA 16 10.96 36.49 -18.91
CA ALA AA 16 10.95 35.72 -20.16
C ALA AA 16 9.87 34.65 -20.14
N GLU AA 17 9.66 34.01 -18.98
CA GLU AA 17 8.61 32.99 -18.89
C GLU AA 17 7.21 33.59 -19.04
N ILE AA 18 7.00 34.80 -18.48
CA ILE AA 18 5.72 35.48 -18.64
C ILE AA 18 5.43 35.76 -20.11
N LEU AA 19 6.43 36.28 -20.83
CA LEU AA 19 6.18 36.65 -22.22
C LEU AA 19 6.02 35.41 -23.12
N LYS AA 20 6.74 34.32 -22.81
CA LYS AA 20 6.50 33.06 -23.53
C LYS AA 20 5.10 32.53 -23.29
N ALA AA 21 4.55 32.72 -22.08
CA ALA AA 21 3.19 32.27 -21.83
C ALA AA 21 2.16 33.07 -22.63
N GLN AA 22 2.39 34.38 -22.77
CA GLN AA 22 1.49 35.17 -23.63
C GLN AA 22 1.58 34.74 -25.09
N ALA AA 23 2.78 34.37 -25.53
CA ALA AA 23 2.94 33.82 -26.87
C ALA AA 23 2.16 32.52 -27.03
N LYS AA 24 2.13 31.69 -25.99
CA LYS AA 24 1.35 30.45 -26.08
C LYS AA 24 -0.15 30.71 -26.12
N ILE AA 25 -0.62 31.76 -25.43
CA ILE AA 25 -2.02 32.16 -25.53
C ILE AA 25 -2.40 32.52 -26.97
N LEU AA 26 -1.56 33.32 -27.62
CA LEU AA 26 -1.91 33.73 -28.98
C LEU AA 26 -1.74 32.59 -30.00
N GLU AA 27 -0.79 31.67 -29.77
CA GLU AA 27 -0.73 30.48 -30.61
C GLU AA 27 -1.95 29.59 -30.41
N ALA AA 28 -2.53 29.58 -29.22
CA ALA AA 28 -3.76 28.81 -29.00
C ALA AA 28 -4.95 29.43 -29.72
N HIS AA 29 -5.01 30.77 -29.78
CA HIS AA 29 -6.00 31.42 -30.65
C HIS AA 29 -5.81 31.04 -32.12
N ALA AA 30 -4.55 30.92 -32.55
CA ALA AA 30 -4.30 30.49 -33.93
C ALA AA 30 -4.78 29.06 -34.16
N GLU AA 31 -4.64 28.20 -33.16
CA GLU AA 31 -5.14 26.82 -33.29
C GLU AA 31 -6.66 26.77 -33.30
N ILE AA 32 -7.33 27.63 -32.52
CA ILE AA 32 -8.79 27.72 -32.58
C ILE AA 32 -9.25 28.16 -33.97
N LEU AA 33 -8.55 29.14 -34.56
CA LEU AA 33 -8.95 29.60 -35.88
C LEU AA 33 -8.63 28.58 -36.97
N LYS AA 34 -7.59 27.76 -36.80
CA LYS AA 34 -7.33 26.71 -37.77
C LYS AA 34 -8.26 25.53 -37.62
N ALA AA 35 -8.81 25.30 -36.43
CA ALA AA 35 -9.60 24.09 -36.22
C ALA AA 35 -10.98 24.18 -36.86
N GLN AA 36 -11.53 25.37 -37.03
CA GLN AA 36 -12.84 25.52 -37.62
C GLN AA 36 -12.83 25.20 -39.10
N GLN BA 1 -49.90 -2.40 24.50
CA GLN BA 1 -49.85 -3.55 23.60
C GLN BA 1 -48.41 -3.89 23.22
N ALA BA 2 -47.48 -3.03 23.63
CA ALA BA 2 -46.08 -3.23 23.31
C ALA BA 2 -45.57 -4.55 23.90
N GLU BA 3 -46.21 -5.00 24.97
CA GLU BA 3 -45.82 -6.26 25.62
C GLU BA 3 -45.85 -7.45 24.68
N ILE BA 4 -46.89 -7.53 23.85
CA ILE BA 4 -47.04 -8.61 22.88
C ILE BA 4 -45.91 -8.57 21.86
N LEU BA 5 -45.44 -7.36 21.54
CA LEU BA 5 -44.43 -7.20 20.51
C LEU BA 5 -43.07 -7.67 21.03
N ARG BA 6 -42.78 -7.39 22.30
CA ARG BA 6 -41.59 -7.95 22.93
C ARG BA 6 -41.69 -9.46 23.10
N ALA BA 7 -42.91 -9.99 23.28
CA ALA BA 7 -43.05 -11.44 23.37
C ALA BA 7 -42.73 -12.11 22.03
N TYR BA 8 -43.14 -11.50 20.92
CA TYR BA 8 -42.70 -11.99 19.61
C TYR BA 8 -41.19 -11.90 19.45
N ALA BA 9 -40.58 -10.85 20.01
CA ALA BA 9 -39.12 -10.76 19.98
C ALA BA 9 -38.46 -11.87 20.78
N ARG BA 10 -39.09 -12.27 21.89
CA ARG BA 10 -38.59 -13.38 22.71
C ARG BA 10 -38.62 -14.70 21.92
N ILE BA 11 -39.72 -14.93 21.17
CA ILE BA 11 -39.80 -16.15 20.36
C ILE BA 11 -38.74 -16.16 19.27
N LEU BA 12 -38.51 -15.00 18.62
CA LEU BA 12 -37.51 -14.96 17.57
C LEU BA 12 -36.09 -15.17 18.11
N GLU BA 13 -35.82 -14.67 19.31
CA GLU BA 13 -34.53 -14.95 19.95
C GLU BA 13 -34.37 -16.44 20.27
N ALA BA 14 -35.47 -17.10 20.66
CA ALA BA 14 -35.39 -18.53 20.92
C ALA BA 14 -35.11 -19.34 19.64
N ASP BA 15 -35.69 -18.91 18.52
CA ASP BA 15 -35.36 -19.54 17.23
C ASP BA 15 -33.89 -19.36 16.86
N ALA BA 16 -33.35 -18.16 17.17
CA ALA BA 16 -31.91 -17.94 16.96
C ALA BA 16 -31.07 -18.87 17.82
N GLU BA 17 -31.51 -19.15 19.05
CA GLU BA 17 -30.77 -20.08 19.91
C GLU BA 17 -30.80 -21.50 19.38
N ILE BA 18 -31.95 -21.92 18.80
CA ILE BA 18 -32.03 -23.25 18.19
C ILE BA 18 -31.03 -23.39 17.05
N LEU BA 19 -30.98 -22.37 16.18
CA LEU BA 19 -30.10 -22.49 15.01
C LEU BA 19 -28.62 -22.39 15.39
N LYS BA 20 -28.30 -21.60 16.43
CA LYS BA 20 -26.92 -21.60 16.94
C LYS BA 20 -26.53 -22.94 17.53
N ALA BA 21 -27.48 -23.65 18.14
CA ALA BA 21 -27.16 -24.97 18.68
C ALA BA 21 -26.89 -25.98 17.57
N GLN BA 22 -27.63 -25.89 16.46
CA GLN BA 22 -27.31 -26.78 15.32
C GLN BA 22 -25.95 -26.45 14.72
N ALA BA 23 -25.58 -25.16 14.71
CA ALA BA 23 -24.24 -24.78 14.29
C ALA BA 23 -23.17 -25.37 15.20
N LYS BA 24 -23.45 -25.44 16.50
CA LYS BA 24 -22.48 -26.05 17.42
C LYS BA 24 -22.35 -27.55 17.20
N ILE BA 25 -23.45 -28.22 16.83
CA ILE BA 25 -23.38 -29.65 16.49
C ILE BA 25 -22.45 -29.88 15.31
N LEU BA 26 -22.59 -29.06 14.26
CA LEU BA 26 -21.75 -29.29 13.08
C LEU BA 26 -20.30 -28.86 13.32
N GLU BA 27 -20.06 -27.85 14.16
CA GLU BA 27 -18.68 -27.54 14.56
C GLU BA 27 -18.07 -28.67 15.37
N ALA BA 28 -18.89 -29.39 16.15
CA ALA BA 28 -18.35 -30.53 16.89
C ALA BA 28 -18.00 -31.69 15.97
N HIS BA 29 -18.77 -31.90 14.90
CA HIS BA 29 -18.35 -32.84 13.85
C HIS BA 29 -17.03 -32.43 13.23
N ALA BA 30 -16.83 -31.13 13.02
CA ALA BA 30 -15.56 -30.66 12.49
C ALA BA 30 -14.40 -30.94 13.45
N GLU BA 31 -14.66 -30.82 14.75
CA GLU BA 31 -13.61 -31.13 15.72
C GLU BA 31 -13.31 -32.63 15.79
N ILE BA 32 -14.33 -33.48 15.62
CA ILE BA 32 -14.10 -34.92 15.53
C ILE BA 32 -13.23 -35.25 14.32
N LEU BA 33 -13.51 -34.61 13.19
CA LEU BA 33 -12.72 -34.90 11.99
C LEU BA 33 -11.31 -34.33 12.08
N LYS BA 34 -11.11 -33.23 12.82
CA LYS BA 34 -9.75 -32.74 13.00
C LYS BA 34 -8.96 -33.52 14.03
N ALA BA 35 -9.64 -34.19 14.97
CA ALA BA 35 -8.92 -34.85 16.05
C ALA BA 35 -8.25 -36.14 15.59
N GLN BA 36 -8.77 -36.79 14.56
CA GLN BA 36 -8.19 -38.03 14.08
C GLN BA 36 -6.86 -37.81 13.40
N GLN CA 1 26.63 -22.89 -36.49
CA GLN CA 1 27.85 -22.21 -36.07
C GLN CA 1 27.72 -20.70 -36.23
N ALA CA 2 26.62 -20.26 -36.83
CA ALA CA 2 26.37 -18.84 -37.05
C ALA CA 2 26.32 -18.08 -35.73
N GLU CA 3 25.95 -18.78 -34.67
CA GLU CA 3 25.85 -18.18 -33.34
C GLU CA 3 27.16 -17.54 -32.89
N ILE CA 4 28.28 -18.23 -33.13
CA ILE CA 4 29.60 -17.72 -32.78
C ILE CA 4 29.91 -16.45 -33.55
N LEU CA 5 29.42 -16.37 -34.78
CA LEU CA 5 29.74 -15.23 -35.64
C LEU CA 5 29.00 -13.99 -35.17
N ARG CA 6 27.75 -14.16 -34.73
CA ARG CA 6 27.01 -13.07 -34.10
C ARG CA 6 27.62 -12.68 -32.77
N ALA CA 7 28.23 -13.63 -32.05
CA ALA CA 7 28.89 -13.28 -30.80
C ALA CA 7 30.12 -12.40 -31.03
N TYR CA 8 30.86 -12.68 -32.10
CA TYR CA 8 31.95 -11.77 -32.50
C TYR CA 8 31.41 -10.40 -32.89
N ALA CA 9 30.23 -10.37 -33.53
CA ALA CA 9 29.62 -9.09 -33.85
C ALA CA 9 29.23 -8.32 -32.59
N ARG CA 10 28.79 -9.03 -31.55
CA ARG CA 10 28.47 -8.42 -30.26
C ARG CA 10 29.71 -7.78 -29.61
N ILE CA 11 30.85 -8.49 -29.68
CA ILE CA 11 32.09 -7.92 -29.13
C ILE CA 11 32.52 -6.67 -29.89
N LEU CA 12 32.39 -6.71 -31.23
CA LEU CA 12 32.80 -5.52 -32.01
C LEU CA 12 31.88 -4.33 -31.75
N GLU CA 13 30.58 -4.58 -31.52
CA GLU CA 13 29.69 -3.49 -31.14
C GLU CA 13 30.05 -2.91 -29.77
N ALA CA 14 30.52 -3.77 -28.85
CA ALA CA 14 30.94 -3.26 -27.54
C ALA CA 14 32.20 -2.40 -27.65
N ASP CA 15 33.12 -2.76 -28.53
CA ASP CA 15 34.29 -1.91 -28.79
C ASP CA 15 33.88 -0.56 -29.36
N ALA CA 16 32.88 -0.56 -30.25
CA ALA CA 16 32.34 0.70 -30.77
C ALA CA 16 31.76 1.56 -29.66
N GLU CA 17 31.10 0.93 -28.68
CA GLU CA 17 30.55 1.69 -27.55
C GLU CA 17 31.63 2.30 -26.68
N ILE CA 18 32.75 1.57 -26.49
CA ILE CA 18 33.88 2.12 -25.74
C ILE CA 18 34.43 3.37 -26.42
N LEU CA 19 34.63 3.29 -27.73
CA LEU CA 19 35.23 4.43 -28.42
C LEU CA 19 34.28 5.62 -28.52
N LYS CA 20 32.97 5.37 -28.62
CA LYS CA 20 32.00 6.46 -28.56
C LYS CA 20 32.01 7.13 -27.18
N ALA CA 21 32.23 6.36 -26.12
CA ALA CA 21 32.28 6.97 -24.80
C ALA CA 21 33.51 7.86 -24.64
N GLN CA 22 34.66 7.46 -25.22
CA GLN CA 22 35.82 8.34 -25.18
C GLN CA 22 35.59 9.62 -25.98
N ALA CA 23 34.85 9.50 -27.09
CA ALA CA 23 34.46 10.70 -27.84
C ALA CA 23 33.57 11.63 -27.02
N LYS CA 24 32.69 11.05 -26.20
CA LYS CA 24 31.86 11.90 -25.33
C LYS CA 24 32.66 12.58 -24.24
N ILE CA 25 33.72 11.93 -23.74
CA ILE CA 25 34.63 12.58 -22.78
C ILE CA 25 35.28 13.82 -23.39
N LEU CA 26 35.78 13.68 -24.62
CA LEU CA 26 36.46 14.83 -25.23
C LEU CA 26 35.48 15.93 -25.65
N GLU CA 27 34.26 15.56 -26.05
CA GLU CA 27 33.24 16.58 -26.29
C GLU CA 27 32.86 17.31 -25.00
N ALA CA 28 32.92 16.63 -23.86
CA ALA CA 28 32.64 17.31 -22.60
C ALA CA 28 33.76 18.28 -22.22
N HIS CA 29 35.02 17.93 -22.53
CA HIS CA 29 36.10 18.91 -22.41
C HIS CA 29 35.86 20.13 -23.30
N ALA CA 30 35.34 19.91 -24.50
CA ALA CA 30 35.02 21.02 -25.38
C ALA CA 30 33.92 21.91 -24.79
N GLU CA 31 32.94 21.30 -24.12
CA GLU CA 31 31.89 22.09 -23.48
C GLU CA 31 32.40 22.86 -22.27
N ILE CA 32 33.35 22.29 -21.51
CA ILE CA 32 34.00 23.02 -20.42
C ILE CA 32 34.74 24.23 -20.96
N LEU CA 33 35.45 24.06 -22.07
CA LEU CA 33 36.20 25.18 -22.64
C LEU CA 33 35.28 26.24 -23.25
N LYS CA 34 34.12 25.83 -23.78
CA LYS CA 34 33.18 26.84 -24.28
C LYS CA 34 32.42 27.54 -23.18
N ALA CA 35 32.26 26.91 -22.01
CA ALA CA 35 31.43 27.51 -20.98
C ALA CA 35 32.11 28.68 -20.29
N GLN CA 36 33.43 28.72 -20.24
CA GLN CA 36 34.15 29.80 -19.59
C GLN CA 36 34.03 31.10 -20.36
N GLN DA 1 -0.07 -52.13 24.42
CA GLN DA 1 1.18 -51.52 24.83
C GLN DA 1 1.11 -50.00 24.70
N ALA DA 2 0.03 -49.51 24.11
CA ALA DA 2 -0.16 -48.07 23.93
C ALA DA 2 -0.16 -47.33 25.26
N GLU DA 3 -0.53 -48.04 26.32
CA GLU DA 3 -0.58 -47.46 27.66
C GLU DA 3 0.76 -46.88 28.10
N ILE DA 4 1.84 -47.61 27.83
CA ILE DA 4 3.20 -47.17 28.16
C ILE DA 4 3.55 -45.89 27.40
N LEU DA 5 3.03 -45.77 26.18
CA LEU DA 5 3.38 -44.65 25.34
C LEU DA 5 2.70 -43.36 25.84
N ARG DA 6 1.45 -43.50 26.30
CA ARG DA 6 0.79 -42.38 26.97
C ARG DA 6 1.44 -42.05 28.30
N ALA DA 7 2.01 -43.04 28.98
CA ALA DA 7 2.71 -42.73 30.23
C ALA DA 7 3.97 -41.91 29.98
N TYR DA 8 4.69 -42.20 28.88
CA TYR DA 8 5.80 -41.33 28.48
C TYR DA 8 5.31 -39.93 28.13
N ALA DA 9 4.13 -39.84 27.52
CA ALA DA 9 3.56 -38.52 27.23
C ALA DA 9 3.23 -37.76 28.52
N ARG DA 10 2.79 -38.48 29.55
CA ARG DA 10 2.51 -37.86 30.85
C ARG DA 10 3.79 -37.30 31.49
N ILE DA 11 4.90 -38.04 31.39
CA ILE DA 11 6.16 -37.55 31.91
C ILE DA 11 6.63 -36.30 31.16
N LEU DA 12 6.49 -36.31 29.83
CA LEU DA 12 6.92 -35.13 29.06
C LEU DA 12 6.06 -33.90 29.36
N GLU DA 13 4.76 -34.10 29.61
CA GLU DA 13 3.92 -32.98 30.03
C GLU DA 13 4.34 -32.45 31.40
N ALA DA 14 4.78 -33.34 32.30
CA ALA DA 14 5.25 -32.87 33.61
C ALA DA 14 6.55 -32.06 33.49
N ASP DA 15 7.44 -32.45 32.58
CA ASP DA 15 8.63 -31.64 32.31
C ASP DA 15 8.27 -30.26 31.77
N ALA DA 16 7.26 -30.21 30.90
CA ALA DA 16 6.76 -28.92 30.42
C ALA DA 16 6.23 -28.05 31.56
N GLU DA 17 5.57 -28.67 32.54
CA GLU DA 17 5.07 -27.91 33.69
C GLU DA 17 6.21 -27.36 34.54
N ILE DA 18 7.28 -28.14 34.70
CA ILE DA 18 8.46 -27.66 35.45
C ILE DA 18 9.05 -26.41 34.77
N LEU DA 19 9.22 -26.48 33.45
CA LEU DA 19 9.85 -25.35 32.77
C LEU DA 19 8.95 -24.12 32.71
N LYS DA 20 7.63 -24.31 32.63
CA LYS DA 20 6.71 -23.18 32.73
C LYS DA 20 6.76 -22.54 34.11
N ALA DA 21 6.98 -23.35 35.16
CA ALA DA 21 7.09 -22.76 36.49
C ALA DA 21 8.36 -21.92 36.65
N GLN DA 22 9.46 -22.36 36.04
CA GLN DA 22 10.67 -21.52 36.06
C GLN DA 22 10.47 -20.22 35.28
N ALA DA 23 9.71 -20.28 34.19
CA ALA DA 23 9.35 -19.07 33.46
C ALA DA 23 8.53 -18.12 34.32
N LYS DA 24 7.64 -18.67 35.16
CA LYS DA 24 6.86 -17.81 36.05
C LYS DA 24 7.72 -17.17 37.14
N ILE DA 25 8.75 -17.88 37.60
CA ILE DA 25 9.71 -17.29 38.56
C ILE DA 25 10.39 -16.07 37.95
N LEU DA 26 10.87 -16.21 36.71
CA LEU DA 26 11.58 -15.08 36.12
C LEU DA 26 10.64 -13.94 35.72
N GLU DA 27 9.40 -14.24 35.34
CA GLU DA 27 8.42 -13.17 35.14
C GLU DA 27 8.10 -12.45 36.45
N ALA DA 28 8.15 -13.15 37.58
CA ALA DA 28 7.93 -12.49 38.86
C ALA DA 28 9.09 -11.57 39.22
N HIS DA 29 10.33 -11.97 38.88
CA HIS DA 29 11.45 -11.02 39.01
C HIS DA 29 11.25 -9.79 38.14
N ALA DA 30 10.69 -9.96 36.94
CA ALA DA 30 10.41 -8.82 36.09
C ALA DA 30 9.36 -7.91 36.72
N GLU DA 31 8.37 -8.49 37.39
CA GLU DA 31 7.37 -7.66 38.08
C GLU DA 31 7.94 -6.94 39.28
N ILE DA 32 8.87 -7.56 40.01
CA ILE DA 32 9.56 -6.88 41.11
C ILE DA 32 10.35 -5.68 40.57
N LEU DA 33 11.04 -5.87 39.44
CA LEU DA 33 11.81 -4.76 38.89
C LEU DA 33 10.93 -3.67 38.30
N LYS DA 34 9.74 -4.01 37.79
CA LYS DA 34 8.85 -2.96 37.33
C LYS DA 34 8.13 -2.24 38.46
N ALA DA 35 7.97 -2.88 39.61
CA ALA DA 35 7.19 -2.26 40.67
C ALA DA 35 7.92 -1.13 41.37
N GLN DA 36 9.24 -1.16 41.38
CA GLN DA 36 10.02 -0.12 42.05
C GLN DA 36 9.95 1.20 41.30
N GLN EA 1 -25.26 24.68 -38.25
CA GLN EA 1 -25.14 23.51 -39.13
C GLN EA 1 -23.68 23.23 -39.48
N ALA EA 2 -22.79 24.13 -39.08
CA ALA EA 2 -21.37 23.98 -39.35
C ALA EA 2 -20.82 22.70 -38.73
N GLU EA 3 -21.47 22.23 -37.66
CA GLU EA 3 -21.04 21.01 -36.98
C GLU EA 3 -21.01 19.80 -37.90
N ILE EA 4 -22.03 19.67 -38.75
CA ILE EA 4 -22.11 18.56 -39.71
C ILE EA 4 -20.96 18.64 -40.71
N LEU EA 5 -20.54 19.85 -41.04
CA LEU EA 5 -19.50 20.04 -42.05
C LEU EA 5 -18.15 19.63 -41.50
N ARG EA 6 -17.89 19.95 -40.23
CA ARG EA 6 -16.69 19.45 -39.56
C ARG EA 6 -16.74 17.95 -39.37
N ALA EA 7 -17.93 17.36 -39.20
CA ALA EA 7 -18.01 15.91 -39.09
C ALA EA 7 -17.63 15.22 -40.41
N TYR EA 8 -18.04 15.81 -41.54
CA TYR EA 8 -17.56 15.32 -42.83
C TYR EA 8 -16.05 15.46 -42.96
N ALA EA 9 -15.50 16.55 -42.40
CA ALA EA 9 -14.05 16.71 -42.42
C ALA EA 9 -13.35 15.63 -41.58
N ARG EA 10 -13.98 15.23 -40.47
CA ARG EA 10 -13.46 14.15 -39.63
C ARG EA 10 -13.43 12.83 -40.39
N ILE EA 11 -14.49 12.54 -41.15
CA ILE EA 11 -14.50 11.30 -41.95
C ILE EA 11 -13.42 11.33 -43.03
N LEU EA 12 -13.23 12.47 -43.69
CA LEU EA 12 -12.21 12.53 -44.72
C LEU EA 12 -10.80 12.40 -44.15
N GLU EA 13 -10.56 12.93 -42.94
CA GLU EA 13 -9.28 12.72 -42.28
C GLU EA 13 -9.07 11.24 -41.93
N ALA EA 14 -10.14 10.54 -41.56
CA ALA EA 14 -10.01 9.11 -41.27
C ALA EA 14 -9.67 8.30 -42.52
N ASP EA 15 -10.24 8.68 -43.68
CA ASP EA 15 -9.86 8.05 -44.93
C ASP EA 15 -8.39 8.29 -45.27
N ALA EA 16 -7.90 9.50 -44.99
CA ALA EA 16 -6.48 9.79 -45.16
C ALA EA 16 -5.62 8.91 -44.28
N GLU EA 17 -6.07 8.63 -43.05
CA GLU EA 17 -5.31 7.76 -42.15
C GLU EA 17 -5.27 6.32 -42.67
N ILE EA 18 -6.37 5.85 -43.26
CA ILE EA 18 -6.40 4.50 -43.85
C ILE EA 18 -5.37 4.39 -44.98
N LEU EA 19 -5.34 5.38 -45.85
CA LEU EA 19 -4.44 5.28 -47.00
C LEU EA 19 -2.98 5.46 -46.59
N LYS EA 20 -2.70 6.28 -45.57
CA LYS EA 20 -1.35 6.35 -45.02
C LYS EA 20 -0.90 5.03 -44.41
N ALA EA 21 -1.83 4.29 -43.79
CA ALA EA 21 -1.47 3.00 -43.24
C ALA EA 21 -1.13 1.98 -44.32
N GLN EA 22 -1.85 2.02 -45.45
CA GLN EA 22 -1.48 1.13 -46.56
C GLN EA 22 -0.11 1.50 -47.14
N ALA EA 23 0.19 2.80 -47.17
CA ALA EA 23 1.53 3.23 -47.58
C ALA EA 23 2.60 2.70 -46.63
N LYS EA 24 2.31 2.65 -45.33
CA LYS EA 24 3.28 2.10 -44.39
C LYS EA 24 3.47 0.60 -44.57
N ILE EA 25 2.41 -0.12 -44.94
CA ILE EA 25 2.54 -1.56 -45.27
C ILE EA 25 3.51 -1.76 -46.42
N LEU EA 26 3.36 -0.97 -47.49
CA LEU EA 26 4.23 -1.18 -48.65
C LEU EA 26 5.66 -0.70 -48.39
N GLU EA 27 5.84 0.34 -47.56
CA GLU EA 27 7.19 0.71 -47.15
C GLU EA 27 7.84 -0.37 -46.30
N ALA EA 28 7.03 -1.11 -45.52
CA ALA EA 28 7.59 -2.21 -44.75
C ALA EA 28 8.03 -3.37 -45.65
N HIS EA 29 7.28 -3.63 -46.73
CA HIS EA 29 7.76 -4.57 -47.74
C HIS EA 29 9.08 -4.12 -48.35
N ALA EA 30 9.22 -2.81 -48.58
CA ALA EA 30 10.49 -2.29 -49.10
C ALA EA 30 11.63 -2.51 -48.11
N GLU EA 31 11.35 -2.38 -46.82
CA GLU EA 31 12.38 -2.63 -45.81
C GLU EA 31 12.75 -4.10 -45.72
N ILE EA 32 11.77 -5.00 -45.89
CA ILE EA 32 12.06 -6.43 -45.95
C ILE EA 32 12.97 -6.75 -47.14
N LEU EA 33 12.68 -6.14 -48.29
CA LEU EA 33 13.51 -6.42 -49.46
C LEU EA 33 14.90 -5.78 -49.35
N LYS EA 34 15.04 -4.66 -48.64
CA LYS EA 34 16.36 -4.11 -48.43
C LYS EA 34 17.16 -4.85 -47.38
N ALA EA 35 16.49 -5.52 -46.44
CA ALA EA 35 17.22 -6.14 -45.34
C ALA EA 35 17.96 -7.41 -45.75
N GLN EA 36 17.49 -8.10 -46.78
CA GLN EA 36 18.13 -9.33 -47.23
C GLN EA 36 19.45 -9.05 -47.89
N GLN FA 1 5.81 9.28 58.33
CA GLN FA 1 4.70 10.14 57.91
C GLN FA 1 4.08 9.63 56.61
N ALA FA 2 4.71 8.62 56.02
CA ALA FA 2 4.22 8.03 54.77
C ALA FA 2 2.81 7.48 54.93
N GLU FA 3 2.47 7.10 56.17
CA GLU FA 3 1.14 6.55 56.45
C GLU FA 3 0.02 7.49 56.07
N ILE FA 4 0.18 8.79 56.36
CA ILE FA 4 -0.81 9.80 56.02
C ILE FA 4 -0.97 9.91 54.51
N LEU FA 5 0.12 9.70 53.79
CA LEU FA 5 0.10 9.86 52.34
C LEU FA 5 -0.67 8.72 51.68
N ARG FA 6 -0.50 7.50 52.21
CA ARG FA 6 -1.32 6.38 51.76
C ARG FA 6 -2.78 6.54 52.17
N ALA FA 7 -3.04 7.22 53.29
CA ALA FA 7 -4.44 7.47 53.67
C ALA FA 7 -5.12 8.42 52.69
N TYR FA 8 -4.38 9.45 52.21
CA TYR FA 8 -4.92 10.28 51.14
C TYR FA 8 -5.14 9.48 49.86
N ALA FA 9 -4.27 8.51 49.59
CA ALA FA 9 -4.48 7.64 48.44
C ALA FA 9 -5.74 6.79 48.59
N ARG FA 10 -6.03 6.36 49.82
CA ARG FA 10 -7.25 5.61 50.10
C ARG FA 10 -8.50 6.44 49.83
N ILE FA 11 -8.47 7.72 50.24
CA ILE FA 11 -9.61 8.60 49.98
C ILE FA 11 -9.80 8.82 48.48
N LEU FA 12 -8.71 9.01 47.73
CA LEU FA 12 -8.84 9.22 46.30
C LEU FA 12 -9.35 7.98 45.57
N GLU FA 13 -8.97 6.78 46.04
CA GLU FA 13 -9.54 5.56 45.49
C GLU FA 13 -11.03 5.45 45.78
N ALA FA 14 -11.46 5.92 46.96
CA ALA FA 14 -12.90 5.88 47.27
C ALA FA 14 -13.70 6.84 46.38
N ASP FA 15 -13.11 8.00 46.05
CA ASP FA 15 -13.76 8.91 45.10
C ASP FA 15 -13.87 8.28 43.71
N ALA FA 16 -12.84 7.54 43.30
CA ALA FA 16 -12.91 6.80 42.05
C ALA FA 16 -14.03 5.76 42.06
N GLU FA 17 -14.25 5.11 43.21
CA GLU FA 17 -15.34 4.13 43.31
C GLU FA 17 -16.70 4.80 43.20
N ILE FA 18 -16.85 6.00 43.78
CA ILE FA 18 -18.12 6.74 43.66
C ILE FA 18 -18.41 7.06 42.20
N LEU FA 19 -17.41 7.55 41.48
CA LEU FA 19 -17.67 7.95 40.09
C LEU FA 19 -17.90 6.74 39.18
N LYS FA 20 -17.23 5.61 39.45
CA LYS FA 20 -17.53 4.38 38.73
C LYS FA 20 -18.95 3.90 38.97
N ALA FA 21 -19.46 4.09 40.19
CA ALA FA 21 -20.84 3.69 40.46
C ALA FA 21 -21.85 4.56 39.72
N GLN FA 22 -21.56 5.86 39.58
CA GLN FA 22 -22.45 6.70 38.77
C GLN FA 22 -22.41 6.29 37.29
N ALA FA 23 -21.22 5.88 36.82
CA ALA FA 23 -21.12 5.34 35.45
C ALA FA 23 -21.96 4.08 35.29
N LYS FA 24 -22.00 3.24 36.32
CA LYS FA 24 -22.84 2.03 36.23
C LYS FA 24 -24.32 2.35 36.22
N ILE FA 25 -24.73 3.41 36.94
CA ILE FA 25 -26.13 3.87 36.88
C ILE FA 25 -26.51 4.27 35.45
N LEU FA 26 -25.65 5.05 34.79
CA LEU FA 26 -26.00 5.50 33.45
C LEU FA 26 -25.91 4.37 32.42
N GLU FA 27 -25.00 3.41 32.61
CA GLU FA 27 -25.00 2.22 31.75
C GLU FA 27 -26.26 1.39 31.95
N ALA FA 28 -26.82 1.38 33.16
CA ALA FA 28 -28.07 0.66 33.38
C ALA FA 28 -29.24 1.35 32.70
N HIS FA 29 -29.24 2.70 32.67
CA HIS FA 29 -30.22 3.40 31.82
C HIS FA 29 -30.09 3.03 30.36
N ALA FA 30 -28.84 2.87 29.89
CA ALA FA 30 -28.63 2.45 28.50
C ALA FA 30 -29.18 1.05 28.26
N GLU FA 31 -29.06 0.16 29.24
CA GLU FA 31 -29.61 -1.19 29.09
C GLU FA 31 -31.14 -1.18 29.11
N ILE FA 32 -31.75 -0.30 29.92
CA ILE FA 32 -33.21 -0.15 29.89
C ILE FA 32 -33.67 0.33 28.52
N LEU FA 33 -32.95 1.29 27.94
CA LEU FA 33 -33.35 1.80 26.63
C LEU FA 33 -33.10 0.78 25.52
N LYS FA 34 -32.10 -0.08 25.65
CA LYS FA 34 -31.90 -1.13 24.65
C LYS FA 34 -32.87 -2.28 24.80
N ALA FA 35 -33.40 -2.51 26.00
CA ALA FA 35 -34.25 -3.68 26.21
C ALA FA 35 -35.63 -3.53 25.60
N GLN FA 36 -36.12 -2.30 25.46
CA GLN FA 36 -37.45 -2.08 24.90
C GLN FA 36 -37.48 -2.38 23.42
N GLN GA 1 38.10 36.70 -9.98
CA GLN GA 1 37.10 37.71 -10.29
C GLN GA 1 36.34 37.37 -11.57
N ALA GA 2 36.78 36.32 -12.26
CA ALA GA 2 36.15 35.89 -13.49
C ALA GA 2 34.69 35.52 -13.27
N GLU GA 3 34.36 35.12 -12.04
CA GLU GA 3 33.00 34.74 -11.69
C GLU GA 3 31.98 35.84 -11.95
N ILE GA 4 32.35 37.09 -11.61
CA ILE GA 4 31.49 38.25 -11.83
C ILE GA 4 31.26 38.46 -13.31
N LEU GA 5 32.26 38.15 -14.12
CA LEU GA 5 32.17 38.40 -15.55
C LEU GA 5 31.22 37.41 -16.22
N ARG GA 6 31.25 36.16 -15.75
CA ARG GA 6 30.26 35.18 -16.20
C ARG GA 6 28.86 35.52 -15.69
N ALA GA 7 28.76 36.16 -14.52
CA ALA GA 7 27.45 36.56 -14.05
C ALA GA 7 26.84 37.66 -14.92
N TYR GA 8 27.68 38.60 -15.39
CA TYR GA 8 27.21 39.57 -16.39
C TYR GA 8 26.80 38.88 -17.68
N ALA GA 9 27.52 37.82 -18.06
CA ALA GA 9 27.11 37.06 -19.25
C ALA GA 9 25.76 36.37 -19.05
N ARG GA 10 25.48 35.92 -17.83
CA ARG GA 10 24.19 35.32 -17.51
C ARG GA 10 23.06 36.33 -17.64
N ILE GA 11 23.28 37.56 -17.17
CA ILE GA 11 22.27 38.61 -17.32
C ILE GA 11 22.02 38.94 -18.78
N LEU GA 12 23.07 39.02 -19.58
CA LEU GA 12 22.89 39.34 -21.00
C LEU GA 12 22.16 38.22 -21.75
N GLU GA 13 22.41 36.96 -21.36
CA GLU GA 13 21.64 35.86 -21.95
C GLU GA 13 20.17 35.93 -21.56
N ALA GA 14 19.87 36.38 -20.33
CA ALA GA 14 18.47 36.53 -19.94
C ALA GA 14 17.77 37.63 -20.72
N ASP GA 15 18.48 38.73 -21.01
CA ASP GA 15 17.91 39.76 -21.88
C ASP GA 15 17.63 39.23 -23.28
N ALA GA 16 18.52 38.39 -23.80
CA ALA GA 16 18.28 37.74 -25.09
C ALA GA 16 17.03 36.87 -25.05
N GLU GA 17 16.79 36.19 -23.92
CA GLU GA 17 15.59 35.36 -23.79
C GLU GA 17 14.32 36.21 -23.77
N ILE GA 18 14.37 37.38 -23.12
CA ILE GA 18 13.22 38.29 -23.13
C ILE GA 18 12.88 38.74 -24.54
N LEU GA 19 13.90 39.13 -25.31
CA LEU GA 19 13.61 39.63 -26.65
C LEU GA 19 13.17 38.53 -27.61
N LYS GA 20 13.68 37.30 -27.43
CA LYS GA 20 13.18 36.17 -28.21
C LYS GA 20 11.72 35.87 -27.88
N ALA GA 21 11.31 36.06 -26.63
CA ALA GA 21 9.91 35.84 -26.28
C ALA GA 21 9.00 36.87 -26.92
N GLN GA 22 9.44 38.13 -27.00
CA GLN GA 22 8.63 39.13 -27.72
C GLN GA 22 8.54 38.81 -29.21
N ALA GA 23 9.61 38.27 -29.78
CA ALA GA 23 9.56 37.81 -31.17
C ALA GA 23 8.55 36.68 -31.35
N LYS GA 24 8.45 35.79 -30.35
CA LYS GA 24 7.46 34.71 -30.45
C LYS GA 24 6.03 35.24 -30.34
N ILE GA 25 5.82 36.30 -29.55
CA ILE GA 25 4.49 36.95 -29.49
C ILE GA 25 4.09 37.47 -30.87
N LEU GA 26 5.00 38.17 -31.54
CA LEU GA 26 4.63 38.73 -32.83
C LEU GA 26 4.51 37.67 -33.93
N GLU GA 27 5.30 36.59 -33.85
CA GLU GA 27 5.07 35.47 -34.76
C GLU GA 27 3.73 34.80 -34.51
N ALA GA 28 3.25 34.80 -33.28
CA ALA GA 28 1.92 34.25 -33.01
C ALA GA 28 0.82 35.12 -33.58
N HIS GA 29 1.00 36.45 -33.54
CA HIS GA 29 0.08 37.33 -34.27
C HIS GA 29 0.08 37.04 -35.77
N ALA GA 30 1.25 36.73 -36.33
CA ALA GA 30 1.32 36.37 -37.73
C ALA GA 30 0.57 35.08 -38.02
N GLU GA 31 0.63 34.12 -37.09
CA GLU GA 31 -0.12 32.87 -37.27
C GLU GA 31 -1.62 33.08 -37.15
N ILE GA 32 -2.06 33.99 -36.25
CA ILE GA 32 -3.48 34.34 -36.18
C ILE GA 32 -3.96 34.96 -37.49
N LEU GA 33 -3.14 35.85 -38.07
CA LEU GA 33 -3.55 36.48 -39.33
C LEU GA 33 -3.51 35.50 -40.49
N LYS GA 34 -2.63 34.51 -40.47
CA LYS GA 34 -2.63 33.51 -41.54
C LYS GA 34 -3.75 32.49 -41.37
N ALA GA 35 -4.24 32.27 -40.16
CA ALA GA 35 -5.21 31.21 -39.95
C ALA GA 35 -6.60 31.58 -40.47
N GLN GA 36 -6.92 32.87 -40.51
CA GLN GA 36 -8.24 33.30 -40.98
C GLN GA 36 -8.40 33.10 -42.46
N GLN HA 1 -53.29 -12.84 27.10
CA GLN HA 1 -52.96 -14.01 26.30
C GLN HA 1 -51.46 -14.11 26.05
N ALA HA 2 -50.73 -13.07 26.46
CA ALA HA 2 -49.28 -13.04 26.28
C ALA HA 2 -48.61 -14.20 27.00
N GLU HA 3 -49.25 -14.69 28.05
CA GLU HA 3 -48.72 -15.81 28.83
C GLU HA 3 -48.45 -17.04 27.99
N ILE HA 4 -49.39 -17.37 27.08
CA ILE HA 4 -49.24 -18.52 26.19
C ILE HA 4 -48.05 -18.34 25.27
N LEU HA 5 -47.79 -17.09 24.89
CA LEU HA 5 -46.73 -16.82 23.93
C LEU HA 5 -45.35 -17.00 24.58
N ARG HA 6 -45.23 -16.59 25.86
CA ARG HA 6 -44.03 -16.89 26.62
C ARG HA 6 -43.88 -18.36 26.89
N ALA HA 7 -44.99 -19.10 27.02
CA ALA HA 7 -44.89 -20.54 27.21
C ALA HA 7 -44.34 -21.24 25.97
N TYR HA 8 -44.73 -20.76 24.78
CA TYR HA 8 -44.10 -21.26 23.55
C TYR HA 8 -42.63 -20.90 23.50
N ALA HA 9 -42.27 -19.73 24.02
CA ALA HA 9 -40.85 -19.36 24.09
C ALA HA 9 -40.08 -20.29 25.04
N ARG HA 10 -40.72 -20.73 26.12
CA ARG HA 10 -40.11 -21.67 27.05
C ARG HA 10 -39.85 -23.02 26.39
N ILE HA 11 -40.81 -23.49 25.58
CA ILE HA 11 -40.60 -24.76 24.85
C ILE HA 11 -39.47 -24.65 23.85
N LEU HA 12 -39.39 -23.51 23.14
CA LEU HA 12 -38.32 -23.36 22.15
C LEU HA 12 -36.93 -23.26 22.82
N GLU HA 13 -36.86 -22.66 24.01
CA GLU HA 13 -35.60 -22.66 24.75
C GLU HA 13 -35.23 -24.06 25.20
N ALA HA 14 -36.22 -24.88 25.55
CA ALA HA 14 -35.91 -26.26 25.93
C ALA HA 14 -35.38 -27.08 24.75
N ASP HA 15 -35.92 -26.84 23.55
CA ASP HA 15 -35.37 -27.48 22.35
C ASP HA 15 -33.93 -27.06 22.09
N ALA HA 16 -33.63 -25.78 22.33
CA ALA HA 16 -32.25 -25.31 22.22
C ALA HA 16 -31.33 -26.01 23.21
N GLU HA 17 -31.83 -26.28 24.42
CA GLU HA 17 -31.02 -27.00 25.41
C GLU HA 17 -30.75 -28.44 24.99
N ILE HA 18 -31.74 -29.09 24.37
CA ILE HA 18 -31.54 -30.46 23.85
C ILE HA 18 -30.44 -30.48 22.80
N LEU HA 19 -30.48 -29.54 21.86
CA LEU HA 19 -29.50 -29.57 20.79
C LEU HA 19 -28.10 -29.17 21.27
N LYS HA 20 -28.02 -28.27 22.26
CA LYS HA 20 -26.72 -27.98 22.87
C LYS HA 20 -26.14 -29.20 23.60
N ALA HA 21 -27.01 -30.02 24.19
CA ALA HA 21 -26.51 -31.22 24.85
C ALA HA 21 -25.97 -32.24 23.85
N GLN HA 22 -26.61 -32.37 22.69
CA GLN HA 22 -26.05 -33.24 21.65
C GLN HA 22 -24.71 -32.71 21.13
N ALA HA 23 -24.58 -31.39 21.05
CA ALA HA 23 -23.28 -30.80 20.70
C ALA HA 23 -22.21 -31.13 21.73
N LYS HA 24 -22.59 -31.16 23.02
CA LYS HA 24 -21.62 -31.51 24.04
C LYS HA 24 -21.21 -32.98 23.97
N ILE HA 25 -22.14 -33.86 23.56
CA ILE HA 25 -21.79 -35.28 23.34
C ILE HA 25 -20.72 -35.40 22.25
N LEU HA 26 -20.92 -34.70 21.13
CA LEU HA 26 -19.94 -34.84 20.06
C LEU HA 26 -18.61 -34.15 20.36
N GLU HA 27 -18.64 -33.06 21.13
CA GLU HA 27 -17.37 -32.48 21.61
C GLU HA 27 -16.65 -33.42 22.56
N ALA HA 28 -17.39 -34.23 23.33
CA ALA HA 28 -16.73 -35.20 24.19
C ALA HA 28 -16.10 -36.33 23.39
N HIS HA 29 -16.73 -36.75 22.29
CA HIS HA 29 -16.06 -37.67 21.37
C HIS HA 29 -14.78 -37.07 20.80
N ALA HA 30 -14.79 -35.76 20.51
CA ALA HA 30 -13.57 -35.10 20.04
C ALA HA 30 -12.48 -35.11 21.10
N GLU HA 31 -12.87 -34.95 22.37
CA GLU HA 31 -11.88 -35.00 23.45
C GLU HA 31 -11.33 -36.41 23.65
N ILE HA 32 -12.16 -37.45 23.48
CA ILE HA 32 -11.67 -38.83 23.53
C ILE HA 32 -10.66 -39.07 22.41
N LEU HA 33 -10.94 -38.57 21.21
CA LEU HA 33 -10.01 -38.77 20.11
C LEU HA 33 -8.73 -37.96 20.27
N LYS HA 34 -8.79 -36.79 20.92
CA LYS HA 34 -7.56 -36.05 21.16
C LYS HA 34 -6.76 -36.62 22.31
N ALA HA 35 -7.39 -37.32 23.25
CA ALA HA 35 -6.66 -37.78 24.42
C ALA HA 35 -5.73 -38.95 24.12
N GLN HA 36 -6.04 -39.76 23.12
CA GLN HA 36 -5.20 -40.90 22.78
C GLN HA 36 -3.88 -40.48 22.18
N GLN IA 1 21.74 -21.23 -46.53
CA GLN IA 1 23.09 -20.80 -46.16
C GLN IA 1 23.23 -19.29 -46.21
N ALA IA 2 22.18 -18.62 -46.69
CA ALA IA 2 22.19 -17.16 -46.79
C ALA IA 2 22.37 -16.52 -45.42
N GLU IA 3 21.96 -17.23 -44.38
CA GLU IA 3 22.08 -16.72 -43.01
C GLU IA 3 23.51 -16.36 -42.64
N ILE IA 4 24.46 -17.21 -43.03
CA ILE IA 4 25.88 -16.98 -42.76
C ILE IA 4 26.36 -15.72 -43.47
N LEU IA 5 25.80 -15.46 -44.64
CA LEU IA 5 26.25 -14.33 -45.45
C LEU IA 5 25.78 -13.02 -44.84
N ARG IA 6 24.56 -13.00 -44.30
CA ARG IA 6 24.10 -11.85 -43.55
C ARG IA 6 24.86 -11.68 -42.24
N ALA IA 7 25.33 -12.78 -41.64
CA ALA IA 7 26.14 -12.65 -40.44
C ALA IA 7 27.49 -11.99 -40.73
N TYR IA 8 28.09 -12.31 -41.88
CA TYR IA 8 29.28 -11.58 -42.31
C TYR IA 8 28.97 -10.11 -42.56
N ALA IA 9 27.78 -9.82 -43.08
CA ALA IA 9 27.38 -8.42 -43.26
C ALA IA 9 27.25 -7.70 -41.93
N ARG IA 10 26.77 -8.41 -40.90
CA ARG IA 10 26.66 -7.84 -39.55
C ARG IA 10 28.03 -7.50 -38.99
N ILE IA 11 29.01 -8.37 -39.20
CA ILE IA 11 30.38 -8.09 -38.72
C ILE IA 11 30.97 -6.88 -39.45
N LEU IA 12 30.75 -6.78 -40.76
CA LEU IA 12 31.28 -5.64 -41.49
C LEU IA 12 30.63 -4.32 -41.07
N GLU IA 13 29.33 -4.35 -40.76
CA GLU IA 13 28.68 -3.16 -40.21
C GLU IA 13 29.25 -2.77 -38.86
N ALA IA 14 29.61 -3.76 -38.03
CA ALA IA 14 30.22 -3.45 -36.75
C ALA IA 14 31.60 -2.81 -36.90
N ASP IA 15 32.38 -3.26 -37.90
CA ASP IA 15 33.65 -2.60 -38.19
C ASP IA 15 33.46 -1.16 -38.65
N ALA IA 16 32.41 -0.91 -39.44
CA ALA IA 16 32.07 0.46 -39.82
C ALA IA 16 31.74 1.31 -38.61
N GLU IA 17 31.06 0.73 -37.61
CA GLU IA 17 30.73 1.48 -36.39
C GLU IA 17 31.98 1.83 -35.59
N ILE IA 18 32.96 0.90 -35.55
CA ILE IA 18 34.23 1.18 -34.86
C ILE IA 18 34.94 2.36 -35.50
N LEU IA 19 35.02 2.36 -36.83
CA LEU IA 19 35.76 3.42 -37.51
C LEU IA 19 35.04 4.77 -37.43
N LYS IA 20 33.70 4.76 -37.45
CA LYS IA 20 32.95 5.99 -37.21
C LYS IA 20 33.18 6.54 -35.81
N ALA IA 21 33.34 5.66 -34.83
CA ALA IA 21 33.62 6.14 -33.47
C ALA IA 21 34.99 6.79 -33.36
N GLN IA 22 35.99 6.24 -34.07
CA GLN IA 22 37.30 6.90 -34.08
C GLN IA 22 37.24 8.27 -34.77
N ALA IA 23 36.41 8.37 -35.83
CA ALA IA 23 36.19 9.66 -36.45
C ALA IA 23 35.56 10.66 -35.49
N LYS IA 24 34.64 10.19 -34.63
CA LYS IA 24 34.05 11.09 -33.64
C LYS IA 24 35.05 11.54 -32.59
N ILE IA 25 36.00 10.67 -32.23
CA ILE IA 25 37.07 11.07 -31.31
C ILE IA 25 37.89 12.22 -31.91
N LEU IA 26 38.27 12.10 -33.18
CA LEU IA 26 39.10 13.15 -33.77
C LEU IA 26 38.30 14.43 -34.03
N GLU IA 27 37.01 14.32 -34.34
CA GLU IA 27 36.18 15.53 -34.42
C GLU IA 27 36.04 16.21 -33.06
N ALA IA 28 36.06 15.43 -31.97
CA ALA IA 28 36.01 16.04 -30.65
C ALA IA 28 37.31 16.77 -30.32
N HIS IA 29 38.46 16.23 -30.76
CA HIS IA 29 39.70 17.00 -30.67
C HIS IA 29 39.63 18.31 -31.44
N ALA IA 30 38.98 18.27 -32.62
CA ALA IA 30 38.80 19.51 -33.38
C ALA IA 30 37.93 20.51 -32.64
N GLU IA 31 36.91 20.03 -31.93
CA GLU IA 31 36.08 20.94 -31.15
C GLU IA 31 36.81 21.51 -29.95
N ILE IA 32 37.69 20.72 -29.32
CA ILE IA 32 38.54 21.24 -28.24
C ILE IA 32 39.46 22.34 -28.76
N LEU IA 33 40.04 22.14 -29.94
CA LEU IA 33 40.92 23.16 -30.49
C LEU IA 33 40.17 24.40 -30.96
N LYS IA 34 38.92 24.25 -31.41
CA LYS IA 34 38.15 25.44 -31.75
C LYS IA 34 37.61 26.18 -30.55
N ALA IA 35 37.43 25.50 -29.42
CA ALA IA 35 36.81 26.15 -28.28
C ALA IA 35 37.72 27.13 -27.57
N GLN IA 36 39.03 26.92 -27.65
CA GLN IA 36 39.99 27.81 -26.98
C GLN IA 36 40.05 29.16 -27.66
N GLN JA 1 4.31 -52.59 34.80
CA GLN JA 1 5.39 -51.73 35.26
C GLN JA 1 5.07 -50.26 35.00
N ALA JA 2 3.96 -50.01 34.30
CA ALA JA 2 3.55 -48.65 33.99
C ALA JA 2 3.30 -47.84 35.25
N GLU JA 3 2.96 -48.54 36.34
CA GLU JA 3 2.69 -47.89 37.61
C GLU JA 3 3.86 -47.05 38.10
N ILE JA 4 5.09 -47.58 37.97
CA ILE JA 4 6.29 -46.88 38.37
C ILE JA 4 6.49 -45.62 37.55
N LEU JA 5 6.07 -45.66 36.29
CA LEU JA 5 6.29 -44.55 35.38
C LEU JA 5 5.35 -43.40 35.73
N ARG JA 6 4.12 -43.71 36.10
CA ARG JA 6 3.20 -42.70 36.62
C ARG JA 6 3.66 -42.16 37.97
N ALA JA 7 4.34 -42.99 38.77
CA ALA JA 7 4.86 -42.49 40.04
C ALA JA 7 5.97 -41.46 39.82
N TYR JA 8 6.83 -41.68 38.81
CA TYR JA 8 7.80 -40.66 38.44
C TYR JA 8 7.10 -39.40 37.93
N ALA JA 9 5.98 -39.56 37.23
CA ALA JA 9 5.22 -38.39 36.80
C ALA JA 9 4.65 -37.62 37.98
N ARG JA 10 4.24 -38.33 39.04
CA ARG JA 10 3.75 -37.70 40.26
C ARG JA 10 4.85 -36.88 40.93
N ILE JA 11 6.07 -37.41 40.98
CA ILE JA 11 7.18 -36.66 41.57
C ILE JA 11 7.49 -35.40 40.75
N LEU JA 12 7.47 -35.52 39.42
CA LEU JA 12 7.75 -34.34 38.60
C LEU JA 12 6.67 -33.26 38.73
N GLU JA 13 5.41 -33.68 38.89
CA GLU JA 13 4.35 -32.71 39.16
C GLU JA 13 4.55 -32.02 40.51
N ALA JA 14 5.05 -32.75 41.51
CA ALA JA 14 5.31 -32.13 42.80
C ALA JA 14 6.45 -31.10 42.73
N ASP JA 15 7.47 -31.38 41.91
CA ASP JA 15 8.53 -30.39 41.68
C ASP JA 15 7.98 -29.14 41.00
N ALA JA 16 7.06 -29.32 40.06
CA ALA JA 16 6.39 -28.18 39.44
C ALA JA 16 5.62 -27.36 40.46
N GLU JA 17 4.98 -28.02 41.44
CA GLU JA 17 4.26 -27.29 42.47
C GLU JA 17 5.20 -26.48 43.37
N ILE JA 18 6.37 -27.03 43.67
CA ILE JA 18 7.38 -26.30 44.46
C ILE JA 18 7.80 -25.03 43.74
N LEU JA 19 8.09 -25.14 42.45
CA LEU JA 19 8.58 -23.97 41.72
C LEU JA 19 7.48 -22.93 41.51
N LYS JA 20 6.23 -23.37 41.32
CA LYS JA 20 5.11 -22.41 41.28
C LYS JA 20 4.93 -21.68 42.60
N ALA JA 21 5.20 -22.36 43.72
CA ALA JA 21 5.08 -21.68 45.01
C ALA JA 21 6.16 -20.61 45.19
N GLN JA 22 7.38 -20.89 44.71
CA GLN JA 22 8.42 -19.85 44.76
C GLN JA 22 8.06 -18.66 43.87
N ALA JA 23 7.43 -18.93 42.72
CA ALA JA 23 6.93 -17.84 41.88
C ALA JA 23 5.87 -17.01 42.60
N LYS JA 24 5.02 -17.65 43.40
CA LYS JA 24 4.02 -16.89 44.15
C LYS JA 24 4.65 -16.04 45.25
N ILE JA 25 5.75 -16.52 45.86
CA ILE JA 25 6.49 -15.71 46.83
C ILE JA 25 7.01 -14.43 46.18
N LEU JA 26 7.61 -14.55 44.99
CA LEU JA 26 8.17 -13.36 44.36
C LEU JA 26 7.09 -12.43 43.82
N GLU JA 27 5.95 -12.97 43.36
CA GLU JA 27 4.82 -12.12 43.01
C GLU JA 27 4.27 -11.38 44.22
N ALA JA 28 4.34 -11.99 45.40
CA ALA JA 28 3.88 -11.30 46.61
C ALA JA 28 4.84 -10.17 46.99
N HIS JA 29 6.15 -10.36 46.78
CA HIS JA 29 7.07 -9.22 46.91
C HIS JA 29 6.73 -8.10 45.94
N ALA JA 30 6.32 -8.45 44.71
CA ALA JA 30 5.92 -7.42 43.75
C ALA JA 30 4.68 -6.68 44.23
N GLU JA 31 3.75 -7.39 44.86
CA GLU JA 31 2.56 -6.72 45.40
C GLU JA 31 2.88 -5.82 46.58
N ILE JA 32 3.84 -6.22 47.43
CA ILE JA 32 4.29 -5.35 48.51
C ILE JA 32 4.91 -4.07 47.95
N LEU JA 33 5.71 -4.20 46.90
CA LEU JA 33 6.34 -3.01 46.32
C LEU JA 33 5.33 -2.13 45.58
N LYS JA 34 4.28 -2.71 45.01
CA LYS JA 34 3.24 -1.89 44.39
C LYS JA 34 2.32 -1.23 45.40
N ALA JA 35 2.17 -1.82 46.59
CA ALA JA 35 1.20 -1.28 47.53
C ALA JA 35 1.66 0.01 48.19
N GLN JA 36 2.96 0.22 48.31
CA GLN JA 36 3.48 1.42 48.95
C GLN JA 36 3.24 2.65 48.10
N GLN KA 1 -20.62 34.69 -40.54
CA GLN KA 1 -20.79 33.60 -41.49
C GLN KA 1 -19.43 33.10 -41.99
N ALA KA 2 -18.37 33.79 -41.61
CA ALA KA 2 -17.02 33.42 -42.01
C ALA KA 2 -16.66 32.02 -41.54
N GLU KA 3 -17.30 31.58 -40.45
CA GLU KA 3 -17.05 30.26 -39.89
C GLU KA 3 -17.31 29.14 -40.88
N ILE KA 4 -18.40 29.25 -41.65
CA ILE KA 4 -18.75 28.26 -42.66
C ILE KA 4 -17.69 28.21 -43.75
N LEU KA 5 -17.08 29.36 -44.05
CA LEU KA 5 -16.12 29.44 -45.13
C LEU KA 5 -14.80 28.76 -44.72
N ARG KA 6 -14.41 28.92 -43.47
CA ARG KA 6 -13.26 28.16 -42.94
C ARG KA 6 -13.57 26.68 -42.84
N ALA KA 7 -14.83 26.31 -42.61
CA ALA KA 7 -15.18 24.89 -42.58
C ALA KA 7 -15.02 24.25 -43.97
N TYR KA 8 -15.40 24.99 -45.03
CA TYR KA 8 -15.12 24.52 -46.38
C TYR KA 8 -13.62 24.42 -46.64
N ALA KA 9 -12.84 25.34 -46.07
CA ALA KA 9 -11.40 25.24 -46.19
C ALA KA 9 -10.85 23.99 -45.50
N ARG KA 10 -11.45 23.62 -44.36
CA ARG KA 10 -11.07 22.41 -43.65
C ARG KA 10 -11.33 21.15 -44.49
N ILE KA 11 -12.48 21.12 -45.17
CA ILE KA 11 -12.79 19.98 -46.05
C ILE KA 11 -11.81 19.90 -47.20
N LEU KA 12 -11.46 21.04 -47.80
CA LEU KA 12 -10.52 21.00 -48.92
C LEU KA 12 -9.12 20.58 -48.49
N GLU KA 13 -8.71 20.96 -47.28
CA GLU KA 13 -7.43 20.48 -46.75
C GLU KA 13 -7.47 18.97 -46.51
N ALA KA 14 -8.62 18.44 -46.09
CA ALA KA 14 -8.72 16.99 -45.90
C ALA KA 14 -8.64 16.24 -47.24
N ASP KA 15 -9.21 16.80 -48.30
CA ASP KA 15 -9.05 16.21 -49.64
C ASP KA 15 -7.60 16.21 -50.09
N ALA KA 16 -6.88 17.30 -49.77
CA ALA KA 16 -5.45 17.35 -50.05
C ALA KA 16 -4.68 16.26 -49.31
N GLU KA 17 -5.09 15.97 -48.06
CA GLU KA 17 -4.43 14.90 -47.30
C GLU KA 17 -4.70 13.52 -47.91
N ILE KA 18 -5.91 13.30 -48.42
CA ILE KA 18 -6.23 12.03 -49.09
C ILE KA 18 -5.32 11.83 -50.31
N LEU KA 19 -5.19 12.88 -51.13
CA LEU KA 19 -4.40 12.71 -52.35
C LEU KA 19 -2.90 12.59 -52.06
N LYS KA 20 -2.40 13.26 -51.02
CA LYS KA 20 -1.02 13.06 -50.59
C LYS KA 20 -0.79 11.63 -50.11
N ALA KA 21 -1.78 11.02 -49.46
CA ALA KA 21 -1.61 9.65 -49.02
C ALA KA 21 -1.55 8.67 -50.20
N GLN KA 22 -2.34 8.92 -51.25
CA GLN KA 22 -2.22 8.09 -52.45
C GLN KA 22 -0.86 8.25 -53.13
N ALA KA 23 -0.32 9.47 -53.09
CA ALA KA 23 1.04 9.69 -53.59
C ALA KA 23 2.06 8.91 -52.78
N LYS KA 24 1.86 8.81 -51.46
CA LYS KA 24 2.79 8.03 -50.65
C LYS KA 24 2.69 6.53 -50.94
N ILE KA 25 1.49 6.04 -51.27
CA ILE KA 25 1.33 4.64 -51.70
C ILE KA 25 2.17 4.36 -52.95
N LEU KA 26 2.06 5.24 -53.95
CA LEU KA 26 2.80 4.98 -55.18
C LEU KA 26 4.31 5.18 -55.03
N GLU KA 27 4.74 6.10 -54.16
CA GLU KA 27 6.16 6.19 -53.84
C GLU KA 27 6.66 4.95 -53.12
N ALA KA 28 5.80 4.31 -52.33
CA ALA KA 28 6.22 3.06 -51.69
C ALA KA 28 6.35 1.92 -52.68
N HIS KA 29 5.49 1.88 -53.71
CA HIS KA 29 5.71 0.95 -54.82
C HIS KA 29 7.04 1.22 -55.52
N ALA KA 30 7.41 2.49 -55.67
CA ALA KA 30 8.69 2.82 -56.27
C ALA KA 30 9.85 2.33 -55.41
N GLU KA 31 9.70 2.40 -54.09
CA GLU KA 31 10.75 1.89 -53.19
C GLU KA 31 10.84 0.38 -53.23
N ILE KA 32 9.70 -0.32 -53.37
CA ILE KA 32 9.73 -1.78 -53.54
C ILE KA 32 10.47 -2.15 -54.83
N LEU KA 33 10.22 -1.41 -55.91
CA LEU KA 33 10.88 -1.73 -57.17
C LEU KA 33 12.36 -1.36 -57.14
N LYS KA 34 12.76 -0.34 -56.37
CA LYS KA 34 14.18 -0.05 -56.25
C LYS KA 34 14.91 -1.00 -55.32
N ALA KA 35 14.21 -1.61 -54.37
CA ALA KA 35 14.89 -2.43 -53.38
C ALA KA 35 15.35 -3.77 -53.95
N GLN KA 36 14.68 -4.29 -54.97
CA GLN KA 36 15.05 -5.57 -55.54
C GLN KA 36 16.35 -5.48 -56.30
N GLN LA 1 -3.77 10.94 64.07
CA GLN LA 1 -4.96 11.54 63.48
C GLN LA 1 -5.36 10.85 62.19
N ALA LA 2 -4.52 9.93 61.73
CA ALA LA 2 -4.78 9.19 60.51
C ALA LA 2 -6.08 8.40 60.60
N GLU LA 3 -6.46 8.05 61.83
CA GLU LA 3 -7.69 7.29 62.06
C GLU LA 3 -8.93 7.99 61.50
N ILE LA 4 -9.02 9.30 61.70
CA ILE LA 4 -10.13 10.09 61.21
C ILE LA 4 -10.17 10.08 59.70
N LEU LA 5 -9.01 10.02 59.07
CA LEU LA 5 -8.93 10.08 57.62
C LEU LA 5 -9.42 8.77 57.00
N ARG LA 6 -9.09 7.65 57.63
CA ARG LA 6 -9.66 6.37 57.21
C ARG LA 6 -11.14 6.30 57.50
N ALA LA 7 -11.62 6.98 58.53
CA ALA LA 7 -13.06 6.99 58.78
C ALA LA 7 -13.81 7.75 57.68
N TYR LA 8 -13.24 8.84 57.19
CA TYR LA 8 -13.81 9.50 56.01
C TYR LA 8 -13.77 8.60 54.79
N ALA LA 9 -12.72 7.78 54.66
CA ALA LA 9 -12.67 6.82 53.56
C ALA LA 9 -13.77 5.77 53.68
N ARG LA 10 -14.09 5.37 54.92
CA ARG LA 10 -15.18 4.43 55.17
C ARG LA 10 -16.53 5.01 54.74
N ILE LA 11 -16.76 6.29 55.05
CA ILE LA 11 -18.01 6.93 54.63
C ILE LA 11 -18.11 7.01 53.11
N LEU LA 12 -16.99 7.34 52.45
CA LEU LA 12 -17.03 7.44 50.98
C LEU LA 12 -17.26 6.07 50.32
N GLU LA 13 -16.72 5.00 50.92
CA GLU LA 13 -17.01 3.67 50.41
C GLU LA 13 -18.48 3.30 50.60
N ALA LA 14 -19.08 3.75 51.70
CA ALA LA 14 -20.51 3.49 51.90
C ALA LA 14 -21.38 4.22 50.88
N ASP LA 15 -20.99 5.45 50.51
CA ASP LA 15 -21.69 6.16 49.44
C ASP LA 15 -21.57 5.43 48.09
N ALA LA 16 -20.39 4.86 47.84
CA ALA LA 16 -20.21 4.04 46.63
C ALA LA 16 -21.13 2.83 46.65
N GLU LA 17 -21.33 2.22 47.83
CA GLU LA 17 -22.25 1.07 47.92
C GLU LA 17 -23.69 1.47 47.66
N ILE LA 18 -24.10 2.65 48.13
CA ILE LA 18 -25.45 3.15 47.85
C ILE LA 18 -25.68 3.31 46.35
N LEU LA 19 -24.71 3.93 45.67
CA LEU LA 19 -24.91 4.18 44.24
C LEU LA 19 -24.83 2.90 43.41
N LYS LA 20 -24.01 1.92 43.83
CA LYS LA 20 -24.02 0.62 43.17
C LYS LA 20 -25.36 -0.10 43.36
N ALA LA 21 -26.00 0.08 44.51
CA ALA LA 21 -27.30 -0.55 44.71
C ALA LA 21 -28.37 0.07 43.81
N GLN LA 22 -28.31 1.39 43.60
CA GLN LA 22 -29.26 2.00 42.65
C GLN LA 22 -29.02 1.52 41.22
N ALA LA 23 -27.74 1.29 40.88
CA ALA LA 23 -27.42 0.70 39.58
C ALA LA 23 -28.00 -0.70 39.45
N LYS LA 24 -28.00 -1.48 40.53
CA LYS LA 24 -28.59 -2.81 40.48
C LYS LA 24 -30.10 -2.76 40.33
N ILE LA 25 -30.75 -1.75 40.92
CA ILE LA 25 -32.20 -1.56 40.72
C ILE LA 25 -32.52 -1.34 39.24
N LEU LA 26 -31.75 -0.46 38.59
CA LEU LA 26 -32.05 -0.17 37.19
C LEU LA 26 -31.67 -1.33 36.26
N GLU LA 27 -30.62 -2.09 36.60
CA GLU LA 27 -30.34 -3.31 35.84
C GLU LA 27 -31.45 -4.35 36.01
N ALA LA 28 -32.10 -4.37 37.17
CA ALA LA 28 -33.22 -5.29 37.35
C ALA LA 28 -34.44 -4.87 36.52
N HIS LA 29 -34.67 -3.56 36.38
CA HIS LA 29 -35.67 -3.09 35.42
C HIS LA 29 -35.34 -3.52 34.00
N ALA LA 30 -34.05 -3.49 33.64
CA ALA LA 30 -33.65 -3.96 32.32
C ALA LA 30 -33.92 -5.44 32.14
N GLU LA 31 -33.73 -6.23 33.20
CA GLU LA 31 -34.03 -7.66 33.11
C GLU LA 31 -35.53 -7.93 33.02
N ILE LA 32 -36.35 -7.13 33.70
CA ILE LA 32 -37.80 -7.24 33.55
C ILE LA 32 -38.23 -6.94 32.12
N LEU LA 33 -37.63 -5.92 31.51
CA LEU LA 33 -37.99 -5.58 30.14
C LEU LA 33 -37.47 -6.61 29.14
N LYS LA 34 -36.34 -7.26 29.43
CA LYS LA 34 -35.88 -8.30 28.52
C LYS LA 34 -36.65 -9.60 28.69
N ALA LA 35 -37.24 -9.85 29.87
CA ALA LA 35 -37.88 -11.13 30.10
C ALA LA 35 -39.20 -11.28 29.37
N GLN LA 36 -39.88 -10.17 29.09
CA GLN LA 36 -41.17 -10.23 28.42
C GLN LA 36 -41.02 -10.63 26.96
N GLN MA 1 45.84 33.11 -17.35
CA GLN MA 1 45.03 34.31 -17.51
C GLN MA 1 44.13 34.21 -18.73
N ALA MA 2 44.31 33.15 -19.51
CA ALA MA 2 43.52 32.94 -20.72
C ALA MA 2 42.03 32.82 -20.38
N GLU MA 3 41.74 32.39 -19.16
CA GLU MA 3 40.36 32.22 -18.71
C GLU MA 3 39.55 33.51 -18.81
N ILE MA 4 40.17 34.64 -18.42
CA ILE MA 4 39.51 35.94 -18.48
C ILE MA 4 39.21 36.31 -19.93
N LEU MA 5 40.07 35.89 -20.84
CA LEU MA 5 39.93 36.27 -22.24
C LEU MA 5 38.75 35.52 -22.88
N ARG MA 6 38.59 34.24 -22.51
CA ARG MA 6 37.42 33.50 -22.92
C ARG MA 6 36.15 34.04 -22.27
N ALA MA 7 36.25 34.59 -21.06
CA ALA MA 7 35.07 35.18 -20.43
C ALA MA 7 34.61 36.43 -21.19
N TYR MA 8 35.56 37.23 -21.67
CA TYR MA 8 35.20 38.35 -22.55
C TYR MA 8 34.57 37.85 -23.84
N ALA MA 9 35.06 36.72 -24.35
CA ALA MA 9 34.43 36.13 -25.55
C ALA MA 9 33.00 35.69 -25.28
N ARG MA 10 32.74 35.19 -24.06
CA ARG MA 10 31.38 34.80 -23.67
C ARG MA 10 30.44 36.01 -23.62
N ILE MA 11 30.93 37.13 -23.11
CA ILE MA 11 30.11 38.36 -23.09
C ILE MA 11 29.81 38.84 -24.50
N LEU MA 12 30.82 38.79 -25.39
CA LEU MA 12 30.58 39.25 -26.76
C LEU MA 12 29.60 38.34 -27.51
N GLU MA 13 29.64 37.03 -27.24
CA GLU MA 13 28.64 36.13 -27.82
C GLU MA 13 27.24 36.43 -27.29
N ALA MA 14 27.13 36.82 -26.02
CA ALA MA 14 25.82 37.18 -25.49
C ALA MA 14 25.26 38.45 -26.13
N ASP MA 15 26.14 39.42 -26.41
CA ASP MA 15 25.71 40.61 -27.17
C ASP MA 15 25.22 40.26 -28.57
N ALA MA 16 25.91 39.30 -29.21
CA ALA MA 16 25.45 38.82 -30.51
C ALA MA 16 24.06 38.18 -30.42
N GLU MA 17 23.79 37.47 -29.32
CA GLU MA 17 22.47 36.86 -29.14
C GLU MA 17 21.38 37.91 -28.95
N ILE MA 18 21.70 38.99 -28.24
CA ILE MA 18 20.74 40.10 -28.07
C ILE MA 18 20.38 40.70 -29.42
N LEU MA 19 21.38 40.97 -30.25
CA LEU MA 19 21.10 41.63 -31.53
C LEU MA 19 20.39 40.69 -32.51
N LYS MA 20 20.68 39.38 -32.46
CA LYS MA 20 19.92 38.42 -33.26
C LYS MA 20 18.47 38.36 -32.82
N ALA MA 21 18.20 38.53 -31.52
CA ALA MA 21 16.81 38.51 -31.07
C ALA MA 21 16.05 39.74 -31.55
N GLN MA 22 16.71 40.91 -31.60
CA GLN MA 22 16.04 42.09 -32.17
C GLN MA 22 15.77 41.91 -33.67
N ALA MA 23 16.69 41.24 -34.37
CA ALA MA 23 16.44 40.90 -35.76
C ALA MA 23 15.24 39.99 -35.93
N LYS MA 24 15.06 39.05 -34.99
CA LYS MA 24 13.87 38.18 -35.07
C LYS MA 24 12.59 38.94 -34.80
N ILE MA 25 12.62 39.95 -33.92
CA ILE MA 25 11.45 40.81 -33.70
C ILE MA 25 11.04 41.51 -35.00
N LEU MA 26 12.02 42.08 -35.70
CA LEU MA 26 11.67 42.81 -36.92
C LEU MA 26 11.26 41.88 -38.07
N GLU MA 27 11.83 40.67 -38.13
CA GLU MA 27 11.35 39.68 -39.09
C GLU MA 27 9.92 39.24 -38.77
N ALA MA 28 9.55 39.23 -37.49
CA ALA MA 28 8.18 38.88 -37.14
C ALA MA 28 7.20 40.00 -37.55
N HIS MA 29 7.63 41.26 -37.45
CA HIS MA 29 6.83 42.35 -38.03
C HIS MA 29 6.66 42.18 -39.54
N ALA MA 30 7.72 41.71 -40.22
CA ALA MA 30 7.60 41.46 -41.65
C ALA MA 30 6.61 40.35 -41.95
N GLU MA 31 6.57 39.33 -41.09
CA GLU MA 31 5.59 38.25 -41.29
C GLU MA 31 4.16 38.71 -41.01
N ILE MA 32 3.97 39.59 -40.03
CA ILE MA 32 2.65 40.19 -39.80
C ILE MA 32 2.20 40.98 -41.02
N LEU MA 33 3.11 41.76 -41.61
CA LEU MA 33 2.73 42.55 -42.78
C LEU MA 33 2.50 41.67 -44.01
N LYS MA 34 3.19 40.54 -44.13
CA LYS MA 34 2.92 39.66 -45.25
C LYS MA 34 1.65 38.83 -45.07
N ALA MA 35 1.22 38.60 -43.82
CA ALA MA 35 0.09 37.72 -43.60
C ALA MA 35 -1.24 38.37 -43.96
N GLN MA 36 -1.33 39.70 -43.90
CA GLN MA 36 -2.57 40.39 -44.21
C GLN MA 36 -2.88 40.33 -45.69
N GLN NA 1 -55.01 -23.52 30.25
CA GLN NA 1 -54.41 -24.68 29.58
C GLN NA 1 -52.90 -24.51 29.45
N ALA NA 2 -52.40 -23.33 29.83
CA ALA NA 2 -50.97 -23.05 29.76
C ALA NA 2 -50.18 -24.02 30.62
N GLU NA 3 -50.82 -24.55 31.65
CA GLU NA 3 -50.16 -25.50 32.56
C GLU NA 3 -49.62 -26.72 31.84
N ILE NA 4 -50.39 -27.26 30.90
CA ILE NA 4 -49.97 -28.42 30.11
C ILE NA 4 -48.75 -28.09 29.27
N LEU NA 5 -48.66 -26.85 28.81
CA LEU NA 5 -47.59 -26.44 27.93
C LEU NA 5 -46.27 -26.33 28.70
N ARG NA 6 -46.35 -25.83 29.93
CA ARG NA 6 -45.18 -25.84 30.80
C ARG NA 6 -44.80 -27.26 31.21
N ALA NA 7 -45.77 -28.16 31.31
CA ALA NA 7 -45.43 -29.55 31.62
C ALA NA 7 -44.66 -30.21 30.48
N TYR NA 8 -45.03 -29.90 29.23
CA TYR NA 8 -44.22 -30.34 28.10
C TYR NA 8 -42.81 -29.73 28.14
N ALA NA 9 -42.72 -28.48 28.59
CA ALA NA 9 -41.40 -27.87 28.74
C ALA NA 9 -40.56 -28.58 29.81
N ARG NA 10 -41.21 -29.04 30.87
CA ARG NA 10 -40.53 -29.81 31.91
C ARG NA 10 -39.98 -31.13 31.38
N ILE NA 11 -40.76 -31.82 30.54
CA ILE NA 11 -40.28 -33.06 29.93
C ILE NA 11 -39.09 -32.81 29.02
N LEU NA 12 -39.15 -31.74 28.22
CA LEU NA 12 -38.04 -31.45 27.33
C LEU NA 12 -36.77 -31.07 28.08
N GLU NA 13 -36.90 -30.37 29.22
CA GLU NA 13 -35.73 -30.10 30.05
C GLU NA 13 -35.16 -31.38 30.65
N ALA NA 14 -36.02 -32.35 30.98
CA ALA NA 14 -35.51 -33.62 31.50
C ALA NA 14 -34.74 -34.40 30.42
N ASP NA 15 -35.20 -34.34 29.17
CA ASP NA 15 -34.45 -34.94 28.07
C ASP NA 15 -33.08 -34.28 27.89
N ALA NA 16 -33.04 -32.96 28.05
CA ALA NA 16 -31.77 -32.25 28.01
C ALA NA 16 -30.83 -32.72 29.12
N GLU NA 17 -31.38 -33.00 30.31
CA GLU NA 17 -30.55 -33.49 31.40
C GLU NA 17 -29.99 -34.88 31.12
N ILE NA 18 -30.79 -35.74 30.48
CA ILE NA 18 -30.31 -37.07 30.10
C ILE NA 18 -29.13 -36.96 29.14
N LEU NA 19 -29.25 -36.10 28.12
CA LEU NA 19 -28.19 -36.03 27.13
C LEU NA 19 -26.92 -35.36 27.70
N LYS NA 20 -27.09 -34.39 28.61
CA LYS NA 20 -25.92 -33.83 29.29
C LYS NA 20 -25.22 -34.88 30.15
N ALA NA 21 -25.97 -35.81 30.75
CA ALA NA 21 -25.32 -36.85 31.54
C ALA NA 21 -24.53 -37.81 30.66
N GLN NA 22 -25.03 -38.13 29.47
CA GLN NA 22 -24.22 -38.95 28.55
C GLN NA 22 -22.96 -38.23 28.09
N ALA NA 23 -23.06 -36.91 27.91
CA ALA NA 23 -21.86 -36.12 27.62
C ALA NA 23 -20.85 -36.17 28.76
N LYS NA 24 -21.33 -36.19 30.00
CA LYS NA 24 -20.40 -36.29 31.13
C LYS NA 24 -19.74 -37.67 31.20
N ILE NA 25 -20.46 -38.73 30.81
CA ILE NA 25 -19.85 -40.06 30.72
C ILE NA 25 -18.68 -40.06 29.73
N LEU NA 26 -18.90 -39.49 28.55
CA LEU NA 26 -17.82 -39.51 27.56
C LEU NA 26 -16.67 -38.58 27.91
N GLU NA 27 -16.95 -37.45 28.59
CA GLU NA 27 -15.86 -36.63 29.11
C GLU NA 27 -15.07 -37.36 30.19
N ALA NA 28 -15.73 -38.24 30.95
CA ALA NA 28 -14.99 -39.01 31.95
C ALA NA 28 -14.09 -40.06 31.29
N HIS NA 29 -14.54 -40.66 30.18
CA HIS NA 29 -13.64 -41.49 29.39
C HIS NA 29 -12.43 -40.71 28.88
N ALA NA 30 -12.65 -39.45 28.48
CA ALA NA 30 -11.54 -38.61 28.05
C ALA NA 30 -10.56 -38.35 29.19
N GLU NA 31 -11.07 -38.18 30.41
CA GLU NA 31 -10.20 -37.99 31.56
C GLU NA 31 -9.42 -39.26 31.92
N ILE NA 32 -10.04 -40.43 31.77
CA ILE NA 32 -9.32 -41.69 31.97
C ILE NA 32 -8.19 -41.82 30.96
N LEU NA 33 -8.44 -41.45 29.70
CA LEU NA 33 -7.40 -41.57 28.69
C LEU NA 33 -6.30 -40.52 28.88
N LYS NA 34 -6.62 -39.35 29.42
CA LYS NA 34 -5.58 -38.38 29.71
C LYS NA 34 -4.78 -38.72 30.96
N ALA NA 35 -5.36 -39.47 31.89
CA ALA NA 35 -4.68 -39.69 33.15
C ALA NA 35 -3.53 -40.69 33.02
N GLN NA 36 -3.60 -41.60 32.06
CA GLN NA 36 -2.55 -42.61 31.89
C GLN NA 36 -1.27 -41.99 31.37
N GLN OA 1 16.49 -17.94 -55.94
CA GLN OA 1 17.91 -17.80 -55.67
C GLN OA 1 18.32 -16.33 -55.64
N ALA OA 2 17.38 -15.45 -55.98
CA ALA OA 2 17.64 -14.01 -55.99
C ALA OA 2 18.04 -13.52 -54.61
N GLU OA 3 17.59 -14.23 -53.57
CA GLU OA 3 17.91 -13.86 -52.19
C GLU OA 3 19.40 -13.78 -51.92
N ILE OA 4 20.16 -14.76 -52.45
CA ILE OA 4 21.60 -14.80 -52.29
C ILE OA 4 22.25 -13.59 -52.96
N LEU OA 5 21.66 -13.14 -54.06
CA LEU OA 5 22.24 -12.06 -54.84
C LEU OA 5 22.07 -10.73 -54.10
N ARG OA 6 20.92 -10.54 -53.45
CA ARG OA 6 20.72 -9.38 -52.58
C ARG OA 6 21.61 -9.46 -51.35
N ALA OA 7 21.91 -10.68 -50.87
CA ALA OA 7 22.83 -10.79 -49.73
C ALA OA 7 24.24 -10.34 -50.10
N TYR OA 8 24.69 -10.67 -51.32
CA TYR OA 8 25.95 -10.13 -51.80
C TYR OA 8 25.90 -8.61 -51.94
N ALA OA 9 24.74 -8.08 -52.33
CA ALA OA 9 24.59 -6.62 -52.38
C ALA OA 9 24.69 -6.00 -50.99
N ARG OA 10 24.16 -6.70 -49.98
CA ARG OA 10 24.27 -6.23 -48.60
C ARG OA 10 25.73 -6.17 -48.12
N ILE OA 11 26.52 -7.19 -48.48
CA ILE OA 11 27.94 -7.19 -48.12
C ILE OA 11 28.68 -6.05 -48.81
N LEU OA 12 28.38 -5.80 -50.09
CA LEU OA 12 29.06 -4.72 -50.79
C LEU OA 12 28.68 -3.34 -50.24
N GLU OA 13 27.43 -3.17 -49.80
CA GLU OA 13 27.06 -1.93 -49.12
C GLU OA 13 27.78 -1.76 -47.80
N ALA OA 14 28.03 -2.86 -47.09
CA ALA OA 14 28.78 -2.77 -45.83
C ALA OA 14 30.24 -2.37 -46.07
N ASP OA 15 30.84 -2.86 -47.16
CA ASP OA 15 32.19 -2.42 -47.53
C ASP OA 15 32.22 -0.94 -47.87
N ALA OA 16 31.17 -0.45 -48.54
CA ALA OA 16 31.06 0.98 -48.81
C ALA OA 16 30.99 1.78 -47.51
N GLU OA 17 30.28 1.26 -46.50
CA GLU OA 17 30.21 1.96 -45.21
C GLU OA 17 31.56 2.01 -44.51
N ILE OA 18 32.34 0.94 -44.61
CA ILE OA 18 33.69 0.92 -44.02
C ILE OA 18 34.56 2.01 -44.66
N LEU OA 19 34.53 2.10 -45.99
CA LEU OA 19 35.41 3.06 -46.64
C LEU OA 19 34.94 4.50 -46.42
N LYS OA 20 33.63 4.74 -46.31
CA LYS OA 20 33.13 6.06 -45.93
C LYS OA 20 33.57 6.45 -44.53
N ALA OA 21 33.64 5.48 -43.61
CA ALA OA 21 34.10 5.79 -42.27
C ALA OA 21 35.57 6.17 -42.24
N GLN OA 22 36.40 5.51 -43.07
CA GLN OA 22 37.81 5.94 -43.16
C GLN OA 22 37.94 7.34 -43.75
N ALA OA 23 37.07 7.66 -44.71
CA ALA OA 23 37.03 9.03 -45.24
C ALA OA 23 36.66 10.04 -44.15
N LYS OA 24 35.76 9.67 -43.25
CA LYS OA 24 35.40 10.58 -42.17
C LYS OA 24 36.55 10.77 -41.17
N ILE OA 25 37.36 9.71 -40.95
CA ILE OA 25 38.56 9.85 -40.12
C ILE OA 25 39.51 10.88 -40.70
N LEU OA 26 39.77 10.79 -42.01
CA LEU OA 26 40.73 11.72 -42.60
C LEU OA 26 40.17 13.15 -42.71
N GLU OA 27 38.84 13.28 -42.90
CA GLU OA 27 38.25 14.62 -42.83
C GLU OA 27 38.34 15.21 -41.42
N ALA OA 28 38.30 14.35 -40.39
CA ALA OA 28 38.46 14.85 -39.04
C ALA OA 28 39.89 15.31 -38.77
N HIS OA 29 40.88 14.62 -39.35
CA HIS OA 29 42.26 15.15 -39.32
C HIS OA 29 42.36 16.51 -40.01
N ALA OA 30 41.62 16.68 -41.11
CA ALA OA 30 41.62 17.98 -41.79
C ALA OA 30 41.01 19.07 -40.91
N GLU OA 31 39.97 18.72 -40.14
CA GLU OA 31 39.38 19.69 -39.22
C GLU OA 31 40.30 20.02 -38.06
N ILE OA 32 41.07 19.05 -37.56
CA ILE OA 32 42.07 19.32 -36.53
C ILE OA 32 43.13 20.29 -37.06
N LEU OA 33 43.57 20.08 -38.31
CA LEU OA 33 44.59 20.97 -38.86
C LEU OA 33 44.04 22.36 -39.17
N LYS OA 34 42.75 22.46 -39.52
CA LYS OA 34 42.17 23.79 -39.72
C LYS OA 34 41.87 24.52 -38.42
N ALA OA 35 41.67 23.79 -37.33
CA ALA OA 35 41.26 24.44 -36.09
C ALA OA 35 42.40 25.19 -35.42
N GLN OA 36 43.64 24.76 -35.62
CA GLN OA 36 44.77 25.41 -34.99
C GLN OA 36 45.03 26.78 -35.57
N GLN PA 1 7.74 -51.57 45.49
CA GLN PA 1 8.61 -50.49 45.96
C GLN PA 1 8.07 -49.13 45.56
N ALA PA 2 7.00 -49.13 44.77
CA ALA PA 2 6.38 -47.89 44.31
C ALA PA 2 5.88 -47.07 45.49
N GLU PA 3 5.57 -47.73 46.59
CA GLU PA 3 5.08 -47.06 47.79
C GLU PA 3 6.04 -45.99 48.30
N ILE PA 4 7.34 -46.30 48.30
CA ILE PA 4 8.37 -45.37 48.74
C ILE PA 4 8.41 -44.15 47.83
N LEU PA 5 8.13 -44.36 46.55
CA LEU PA 5 8.23 -43.28 45.58
C LEU PA 5 7.07 -42.29 45.76
N ARG PA 6 5.88 -42.81 46.06
CA ARG PA 6 4.76 -41.94 46.42
C ARG PA 6 5.00 -41.25 47.76
N ALA PA 7 5.73 -41.88 48.68
CA ALA PA 7 6.04 -41.22 49.93
C ALA PA 7 6.97 -40.02 49.71
N TYR PA 8 7.94 -40.15 48.80
CA TYR PA 8 8.74 -38.99 48.42
C TYR PA 8 7.88 -37.92 47.76
N ALA PA 9 6.88 -38.33 46.99
CA ALA PA 9 5.96 -37.34 46.41
C ALA PA 9 5.17 -36.61 47.49
N ARG PA 10 4.80 -37.32 48.56
CA ARG PA 10 4.10 -36.71 49.69
C ARG PA 10 4.96 -35.66 50.37
N ILE PA 11 6.25 -35.95 50.56
CA ILE PA 11 7.16 -34.98 51.16
C ILE PA 11 7.31 -33.74 50.28
N LEU PA 12 7.43 -33.94 48.96
CA LEU PA 12 7.58 -32.79 48.08
C LEU PA 12 6.32 -31.92 48.03
N GLU PA 13 5.14 -32.55 48.13
CA GLU PA 13 3.90 -31.76 48.25
C GLU PA 13 3.85 -30.97 49.54
N ALA PA 14 4.39 -31.53 50.63
CA ALA PA 14 4.42 -30.79 51.89
C ALA PA 14 5.35 -29.59 51.82
N ASP PA 15 6.48 -29.72 51.11
CA ASP PA 15 7.36 -28.57 50.88
C ASP PA 15 6.67 -27.49 50.06
N ALA PA 16 5.88 -27.90 49.08
CA ALA PA 16 5.07 -26.94 48.31
C ALA PA 16 4.08 -26.20 49.20
N GLU PA 17 3.50 -26.91 50.18
CA GLU PA 17 2.57 -26.26 51.10
C GLU PA 17 3.26 -25.24 52.00
N ILE PA 18 4.49 -25.54 52.43
CA ILE PA 18 5.27 -24.59 53.23
C ILE PA 18 5.53 -23.31 52.44
N LEU PA 19 5.94 -23.46 51.19
CA LEU PA 19 6.28 -22.25 50.42
C LEU PA 19 5.04 -21.45 50.03
N LYS PA 20 3.91 -22.12 49.79
CA LYS PA 20 2.66 -21.39 49.59
C LYS PA 20 2.23 -20.62 50.83
N ALA PA 21 2.50 -21.17 52.02
CA ALA PA 21 2.15 -20.44 53.23
C ALA PA 21 3.01 -19.19 53.41
N GLN PA 22 4.30 -19.26 53.04
CA GLN PA 22 5.12 -18.05 53.09
C GLN PA 22 4.66 -17.00 52.09
N ALA PA 23 4.18 -17.46 50.92
CA ALA PA 23 3.57 -16.54 49.96
C ALA PA 23 2.33 -15.87 50.52
N LYS PA 24 1.54 -16.60 51.31
CA LYS PA 24 0.36 -15.99 51.92
C LYS PA 24 0.73 -14.97 52.99
N ILE PA 25 1.83 -15.20 53.71
CA ILE PA 25 2.33 -14.20 54.67
C ILE PA 25 2.67 -12.90 53.96
N LEU PA 26 3.39 -12.98 52.84
CA LEU PA 26 3.78 -11.75 52.16
C LEU PA 26 2.61 -11.07 51.46
N GLU PA 27 1.63 -11.85 50.97
CA GLU PA 27 0.40 -11.22 50.46
C GLU PA 27 -0.38 -10.54 51.56
N ALA PA 28 -0.31 -11.04 52.80
CA ALA PA 28 -0.98 -10.36 53.90
C ALA PA 28 -0.29 -9.06 54.26
N HIS PA 29 1.05 -9.01 54.16
CA HIS PA 29 1.75 -7.72 54.27
C HIS PA 29 1.31 -6.75 53.20
N ALA PA 30 1.08 -7.25 51.98
CA ALA PA 30 0.58 -6.38 50.90
C ALA PA 30 -0.80 -5.85 51.22
N GLU PA 31 -1.66 -6.66 51.85
CA GLU PA 31 -2.98 -6.19 52.23
C GLU PA 31 -2.93 -5.17 53.36
N ILE PA 32 -1.99 -5.33 54.31
CA ILE PA 32 -1.79 -4.32 55.35
C ILE PA 32 -1.36 -3.00 54.74
N LEU PA 33 -0.45 -3.05 53.76
CA LEU PA 33 0.00 -1.81 53.13
C LEU PA 33 -1.08 -1.17 52.26
N LYS PA 34 -1.97 -1.97 51.67
CA LYS PA 34 -3.06 -1.38 50.90
C LYS PA 34 -4.17 -0.85 51.78
N ALA PA 35 -4.32 -1.37 52.99
CA ALA PA 35 -5.46 -0.97 53.81
C ALA PA 35 -5.29 0.43 54.41
N GLN PA 36 -4.06 0.88 54.60
CA GLN PA 36 -3.83 2.19 55.18
C GLN PA 36 -4.20 3.30 54.22
N GLN QA 1 -14.42 43.89 -42.57
CA GLN QA 1 -14.85 42.93 -43.57
C GLN QA 1 -13.66 42.23 -44.22
N ALA QA 2 -12.46 42.69 -43.90
CA ALA QA 2 -11.24 42.13 -44.44
C ALA QA 2 -11.11 40.65 -44.09
N GLU QA 3 -11.73 40.26 -42.99
CA GLU QA 3 -11.68 38.87 -42.54
C GLU QA 3 -12.21 37.90 -43.58
N ILE QA 4 -13.32 38.26 -44.23
CA ILE QA 4 -13.92 37.42 -45.28
C ILE QA 4 -12.97 37.28 -46.45
N LEU QA 5 -12.19 38.31 -46.72
CA LEU QA 5 -11.31 38.31 -47.88
C LEU QA 5 -10.13 37.38 -47.65
N ARG QA 6 -9.60 37.37 -46.42
CA ARG QA 6 -8.58 36.39 -46.05
C ARG QA 6 -9.14 34.98 -46.02
N ALA QA 7 -10.43 34.81 -45.69
CA ALA QA 7 -11.02 33.48 -45.74
C ALA QA 7 -11.10 32.94 -47.16
N TYR QA 8 -11.42 33.82 -48.13
CA TYR QA 8 -11.33 33.42 -49.54
C TYR QA 8 -9.90 33.07 -49.93
N ALA QA 9 -8.92 33.80 -49.37
CA ALA QA 9 -7.52 33.45 -49.64
C ALA QA 9 -7.17 32.08 -49.08
N ARG QA 10 -7.74 31.73 -47.92
CA ARG QA 10 -7.52 30.41 -47.32
C ARG QA 10 -8.09 29.30 -48.21
N ILE QA 11 -9.27 29.51 -48.78
CA ILE QA 11 -9.84 28.53 -49.70
C ILE QA 11 -8.99 28.35 -50.95
N LEU QA 12 -8.49 29.47 -51.50
CA LEU QA 12 -7.66 29.36 -52.70
C LEU QA 12 -6.32 28.66 -52.42
N GLU QA 13 -5.76 28.87 -51.22
CA GLU QA 13 -4.56 28.12 -50.85
C GLU QA 13 -4.84 26.63 -50.71
N ALA QA 14 -6.04 26.28 -50.22
CA ALA QA 14 -6.39 24.86 -50.13
C ALA QA 14 -6.54 24.21 -51.50
N ASP QA 15 -7.09 24.95 -52.47
CA ASP QA 15 -7.14 24.45 -53.85
C ASP QA 15 -5.75 24.23 -54.43
N ALA QA 16 -4.82 25.15 -54.10
CA ALA QA 16 -3.43 24.97 -54.52
C ALA QA 16 -2.82 23.70 -53.91
N GLU QA 17 -3.18 23.39 -52.66
CA GLU QA 17 -2.67 22.16 -52.03
C GLU QA 17 -3.22 20.91 -52.70
N ILE QA 18 -4.49 20.94 -53.11
CA ILE QA 18 -5.08 19.82 -53.84
C ILE QA 18 -4.33 19.56 -55.14
N LEU QA 19 -4.07 20.62 -55.90
CA LEU QA 19 -3.42 20.42 -57.20
C LEU QA 19 -1.95 20.01 -57.06
N LYS QA 20 -1.27 20.51 -56.01
CA LYS QA 20 0.09 20.02 -55.73
C LYS QA 20 0.09 18.54 -55.36
N ALA QA 21 -0.94 18.07 -54.67
CA ALA QA 21 -0.99 16.65 -54.33
C ALA QA 21 -1.19 15.78 -55.57
N GLN QA 22 -2.01 16.25 -56.52
CA GLN QA 22 -2.14 15.50 -57.79
C GLN QA 22 -0.82 15.48 -58.56
N ALA QA 23 -0.07 16.58 -58.50
CA ALA QA 23 1.27 16.60 -59.11
C ALA QA 23 2.19 15.59 -58.45
N LYS QA 24 2.08 15.41 -57.13
CA LYS QA 24 2.91 14.42 -56.45
C LYS QA 24 2.52 12.99 -56.83
N ILE QA 25 1.22 12.75 -57.09
CA ILE QA 25 0.78 11.43 -57.58
C ILE QA 25 1.45 11.11 -58.92
N LEU QA 26 1.44 12.08 -59.84
CA LEU QA 26 2.02 11.80 -61.16
C LEU QA 26 3.54 11.72 -61.12
N GLU QA 27 4.19 12.47 -60.23
CA GLU QA 27 5.63 12.29 -60.04
C GLU QA 27 5.95 10.92 -59.45
N ALA QA 28 5.06 10.37 -58.63
CA ALA QA 28 5.28 9.03 -58.11
C ALA QA 28 5.13 7.97 -59.19
N HIS QA 29 4.20 8.17 -60.13
CA HIS QA 29 4.17 7.30 -61.31
C HIS QA 29 5.46 7.38 -62.11
N ALA QA 30 6.04 8.59 -62.21
CA ALA QA 30 7.32 8.72 -62.90
C ALA QA 30 8.43 7.97 -62.18
N GLU QA 31 8.39 7.97 -60.85
CA GLU QA 31 9.40 7.20 -60.09
C GLU QA 31 9.21 5.70 -60.23
N ILE QA 32 7.96 5.23 -60.31
CA ILE QA 32 7.70 3.82 -60.59
C ILE QA 32 8.26 3.42 -61.95
N LEU QA 33 8.06 4.27 -62.96
CA LEU QA 33 8.57 3.95 -64.29
C LEU QA 33 10.09 4.04 -64.36
N LYS QA 34 10.71 4.92 -63.57
CA LYS QA 34 12.17 4.94 -63.56
C LYS QA 34 12.78 3.81 -62.76
N ALA QA 35 12.05 3.25 -61.80
CA ALA QA 35 12.66 2.25 -60.93
C ALA QA 35 12.82 0.90 -61.62
N GLN QA 36 11.99 0.59 -62.60
CA GLN QA 36 12.08 -0.69 -63.29
C GLN QA 36 13.31 -0.76 -64.17
N GLN RA 1 -13.96 11.19 68.89
CA GLN RA 1 -15.18 11.54 68.18
C GLN RA 1 -15.34 10.69 66.92
N ALA RA 2 -14.31 9.92 66.60
CA ALA RA 2 -14.32 9.06 65.42
C ALA RA 2 -15.47 8.06 65.47
N GLU RA 3 -15.89 7.72 66.68
CA GLU RA 3 -16.98 6.77 66.88
C GLU RA 3 -18.26 7.19 66.19
N ILE RA 4 -18.60 8.48 66.27
CA ILE RA 4 -19.79 9.03 65.64
C ILE RA 4 -19.69 8.90 64.12
N LEU RA 5 -18.48 9.02 63.60
CA LEU RA 5 -18.29 9.00 62.16
C LEU RA 5 -18.48 7.58 61.60
N ARG RA 6 -18.02 6.58 62.36
CA ARG RA 6 -18.31 5.19 62.00
C ARG RA 6 -19.78 4.87 62.16
N ALA RA 7 -20.47 5.52 63.11
CA ALA RA 7 -21.90 5.29 63.24
C ALA RA 7 -22.68 5.82 62.03
N TYR RA 8 -22.25 6.97 61.50
CA TYR RA 8 -22.82 7.44 60.23
C TYR RA 8 -22.52 6.47 59.09
N ALA RA 9 -21.33 5.87 59.11
CA ALA RA 9 -21.02 4.86 58.10
C ALA RA 9 -21.91 3.64 58.22
N ARG RA 10 -22.27 3.26 59.45
CA ARG RA 10 -23.20 2.15 59.69
C ARG RA 10 -24.59 2.45 59.13
N ILE RA 11 -25.07 3.68 59.31
CA ILE RA 11 -26.37 4.06 58.74
C ILE RA 11 -26.34 4.03 57.22
N LEU RA 12 -25.25 4.52 56.62
CA LEU RA 12 -25.18 4.51 55.15
C LEU RA 12 -25.09 3.08 54.59
N GLU RA 13 -24.42 2.17 55.30
CA GLU RA 13 -24.43 0.77 54.88
C GLU RA 13 -25.82 0.16 54.99
N ALA RA 14 -26.60 0.56 56.00
CA ALA RA 14 -27.97 0.05 56.12
C ALA RA 14 -28.86 0.55 54.97
N ASP RA 15 -28.66 1.80 54.54
CA ASP RA 15 -29.37 2.31 53.36
C ASP RA 15 -29.01 1.52 52.10
N ALA RA 16 -27.73 1.16 51.97
CA ALA RA 16 -27.31 0.31 50.86
C ALA RA 16 -27.99 -1.05 50.89
N GLU RA 17 -28.19 -1.60 52.10
CA GLU RA 17 -28.88 -2.89 52.22
C GLU RA 17 -30.35 -2.78 51.81
N ILE RA 18 -31.00 -1.67 52.15
CA ILE RA 18 -32.40 -1.44 51.74
C ILE RA 18 -32.50 -1.42 50.21
N LEU RA 19 -31.60 -0.68 49.56
CA LEU RA 19 -31.72 -0.56 48.11
C LEU RA 19 -31.35 -1.86 47.39
N LYS RA 20 -30.40 -2.64 47.95
CA LYS RA 20 -30.12 -3.97 47.40
C LYS RA 20 -31.32 -4.90 47.53
N ALA RA 21 -32.09 -4.76 48.61
CA ALA RA 21 -33.27 -5.60 48.76
C ALA RA 21 -34.35 -5.26 47.74
N GLN RA 22 -34.51 -3.96 47.43
CA GLN RA 22 -35.45 -3.60 46.36
C GLN RA 22 -35.00 -4.11 45.00
N ALA RA 23 -33.68 -4.12 44.78
CA ALA RA 23 -33.15 -4.73 43.56
C ALA RA 23 -33.46 -6.23 43.50
N LYS RA 24 -33.41 -6.92 44.64
CA LYS RA 24 -33.76 -8.34 44.64
C LYS RA 24 -35.24 -8.57 44.38
N ILE RA 25 -36.11 -7.66 44.83
CA ILE RA 25 -37.54 -7.75 44.50
C ILE RA 25 -37.75 -7.68 42.99
N LEU RA 26 -37.10 -6.72 42.34
CA LEU RA 26 -37.32 -6.59 40.90
C LEU RA 26 -36.66 -7.71 40.09
N GLU RA 27 -35.53 -8.25 40.57
CA GLU RA 27 -34.97 -9.44 39.94
C GLU RA 27 -35.89 -10.65 40.11
N ALA RA 28 -36.63 -10.72 41.21
CA ALA RA 28 -37.58 -11.81 41.37
C ALA RA 28 -38.77 -11.67 40.43
N HIS RA 29 -39.22 -10.44 40.18
CA HIS RA 29 -40.20 -10.23 39.10
C HIS RA 29 -39.67 -10.69 37.74
N ALA RA 30 -38.38 -10.44 37.48
CA ALA RA 30 -37.78 -10.90 36.24
C ALA RA 30 -37.77 -12.43 36.15
N GLU RA 31 -37.54 -13.10 37.29
CA GLU RA 31 -37.58 -14.56 37.30
C GLU RA 31 -38.99 -15.11 37.11
N ILE RA 32 -40.00 -14.42 37.66
CA ILE RA 32 -41.39 -14.81 37.41
C ILE RA 32 -41.72 -14.69 35.93
N LEU RA 33 -41.27 -13.60 35.29
CA LEU RA 33 -41.57 -13.43 33.87
C LEU RA 33 -40.78 -14.40 33.00
N LYS RA 34 -39.58 -14.82 33.42
CA LYS RA 34 -38.87 -15.83 32.65
C LYS RA 34 -39.40 -17.23 32.86
N ALA RA 35 -40.05 -17.50 33.99
CA ALA RA 35 -40.47 -18.86 34.28
C ALA RA 35 -41.68 -19.29 33.46
N GLN RA 36 -42.52 -18.35 33.05
CA GLN RA 36 -43.71 -18.69 32.28
C GLN RA 36 -43.36 -19.14 30.88
N GLN SA 1 52.23 28.82 -25.60
CA GLN SA 1 51.64 30.15 -25.60
C GLN SA 1 50.63 30.31 -26.74
N ALA SA 2 50.57 29.30 -27.60
CA ALA SA 2 49.66 29.33 -28.74
C ALA SA 2 48.20 29.45 -28.28
N GLU SA 3 47.93 28.97 -27.07
CA GLU SA 3 46.58 29.02 -26.51
C GLU SA 3 46.02 30.43 -26.46
N ILE SA 4 46.85 31.39 -26.05
CA ILE SA 4 46.45 32.79 -25.97
C ILE SA 4 46.10 33.33 -27.35
N LEU SA 5 46.80 32.84 -28.37
CA LEU SA 5 46.62 33.35 -29.72
C LEU SA 5 45.29 32.87 -30.29
N ARG SA 6 44.92 31.61 -30.00
CA ARG SA 6 43.60 31.12 -30.35
C ARG SA 6 42.51 31.82 -29.56
N ALA SA 7 42.80 32.24 -28.33
CA ALA SA 7 41.80 32.98 -27.56
C ALA SA 7 41.53 34.36 -28.18
N TYR SA 8 42.57 35.01 -28.70
CA TYR SA 8 42.35 36.24 -29.47
C TYR SA 8 41.54 35.96 -30.73
N ALA SA 9 41.77 34.80 -31.36
CA ALA SA 9 40.96 34.44 -32.52
C ALA SA 9 39.49 34.24 -32.15
N ARG SA 10 39.24 33.69 -30.96
CA ARG SA 10 37.88 33.51 -30.46
C ARG SA 10 37.18 34.86 -30.27
N ILE SA 11 37.90 35.84 -29.72
CA ILE SA 11 37.31 37.18 -29.55
C ILE SA 11 37.00 37.82 -30.90
N LEU SA 12 37.90 37.67 -31.88
CA LEU SA 12 37.65 38.27 -33.18
C LEU SA 12 36.48 37.61 -33.90
N GLU SA 13 36.29 36.30 -33.72
CA GLU SA 13 35.11 35.63 -34.26
C GLU SA 13 33.84 36.13 -33.59
N ALA SA 14 33.90 36.44 -32.29
CA ALA SA 14 32.71 36.98 -31.62
C ALA SA 14 32.35 38.37 -32.13
N ASP SA 15 33.36 39.20 -32.43
CA ASP SA 15 33.10 40.49 -33.06
C ASP SA 15 32.45 40.34 -34.43
N ALA SA 16 32.90 39.35 -35.20
CA ALA SA 16 32.26 39.05 -36.48
C ALA SA 16 30.79 38.66 -36.30
N GLU SA 17 30.49 37.91 -35.23
CA GLU SA 17 29.09 37.54 -34.97
C GLU SA 17 28.23 38.75 -34.62
N ILE SA 18 28.79 39.70 -33.87
CA ILE SA 18 28.06 40.94 -33.55
C ILE SA 18 27.71 41.70 -34.82
N LEU SA 19 28.68 41.85 -35.71
CA LEU SA 19 28.43 42.65 -36.91
C LEU SA 19 27.48 41.93 -37.88
N LYS SA 20 27.55 40.60 -37.95
CA LYS SA 20 26.56 39.85 -38.73
C LYS SA 20 25.15 40.01 -38.17
N ALA SA 21 25.02 40.11 -36.85
CA ALA SA 21 23.69 40.31 -36.27
C ALA SA 21 23.13 41.69 -36.61
N GLN SA 22 23.98 42.72 -36.64
CA GLN SA 22 23.50 44.04 -37.07
C GLN SA 22 23.09 44.03 -38.54
N ALA SA 23 23.82 43.26 -39.37
CA ALA SA 23 23.41 43.09 -40.75
C ALA SA 23 22.04 42.42 -40.87
N LYS SA 24 21.77 41.46 -39.98
CA LYS SA 24 20.45 40.82 -40.01
C LYS SA 24 19.34 41.77 -39.57
N ILE SA 25 19.63 42.69 -38.64
CA ILE SA 25 18.65 43.71 -38.26
C ILE SA 25 18.28 44.57 -39.47
N LEU SA 26 19.29 45.03 -40.22
CA LEU SA 26 18.97 45.90 -41.36
C LEU SA 26 18.33 45.14 -42.51
N GLU SA 27 18.66 43.86 -42.70
CA GLU SA 27 17.93 43.06 -43.68
C GLU SA 27 16.48 42.85 -43.26
N ALA SA 28 16.21 42.80 -41.96
CA ALA SA 28 14.83 42.68 -41.51
C ALA SA 28 14.05 43.97 -41.75
N HIS SA 29 14.69 45.14 -41.61
CA HIS SA 29 14.07 46.38 -42.06
C HIS SA 29 13.76 46.36 -43.54
N ALA SA 30 14.66 45.78 -44.34
CA ALA SA 30 14.39 45.67 -45.78
C ALA SA 30 13.19 44.77 -46.05
N GLU SA 31 13.03 43.71 -45.27
CA GLU SA 31 11.87 42.84 -45.44
C GLU SA 31 10.57 43.52 -45.02
N ILE SA 32 10.62 44.34 -43.96
CA ILE SA 32 9.44 45.14 -43.58
C ILE SA 32 9.06 46.10 -44.70
N LEU SA 33 10.04 46.74 -45.31
CA LEU SA 33 9.72 47.68 -46.39
C LEU SA 33 9.24 46.97 -47.66
N LYS SA 34 9.71 45.74 -47.91
CA LYS SA 34 9.18 45.00 -49.06
C LYS SA 34 7.81 44.40 -48.81
N ALA SA 35 7.45 44.16 -47.55
CA ALA SA 35 6.20 43.47 -47.29
C ALA SA 35 4.98 44.37 -47.48
N GLN SA 36 5.15 45.69 -47.31
CA GLN SA 36 4.02 46.61 -47.47
C GLN SA 36 3.60 46.72 -48.91
N GLN TA 1 -55.10 -34.13 34.09
CA GLN TA 1 -54.26 -35.18 33.57
C GLN TA 1 -52.79 -34.76 33.55
N ALA TA 2 -52.55 -33.49 33.87
CA ALA TA 2 -51.18 -32.96 33.88
C ALA TA 2 -50.31 -33.71 34.89
N GLU TA 3 -50.94 -34.28 35.91
CA GLU TA 3 -50.21 -35.02 36.93
C GLU TA 3 -49.39 -36.17 36.35
N ILE TA 4 -49.97 -36.91 35.40
CA ILE TA 4 -49.29 -38.02 34.74
C ILE TA 4 -48.08 -37.53 33.97
N LEU TA 5 -48.18 -36.32 33.43
CA LEU TA 5 -47.11 -35.79 32.59
C LEU TA 5 -45.91 -35.39 33.45
N ARG TA 6 -46.17 -34.83 34.63
CA ARG TA 6 -45.11 -34.57 35.59
C ARG TA 6 -44.52 -35.86 36.14
N ALA TA 7 -45.33 -36.93 36.24
CA ALA TA 7 -44.78 -38.21 36.68
C ALA TA 7 -43.80 -38.78 35.66
N TYR TA 8 -44.11 -38.63 34.36
CA TYR TA 8 -43.13 -38.99 33.34
C TYR TA 8 -41.88 -38.14 33.44
N ALA TA 9 -42.03 -36.86 33.79
CA ALA TA 9 -40.86 -36.01 33.99
C ALA TA 9 -40.01 -36.49 35.17
N ARG TA 10 -40.67 -36.99 36.22
CA ARG TA 10 -39.96 -37.55 37.37
C ARG TA 10 -39.14 -38.77 36.98
N ILE TA 11 -39.71 -39.65 36.15
CA ILE TA 11 -38.97 -40.83 35.68
C ILE TA 11 -37.76 -40.42 34.84
N LEU TA 12 -37.94 -39.43 33.96
CA LEU TA 12 -36.81 -39.01 33.13
C LEU TA 12 -35.70 -38.35 33.94
N GLU TA 13 -36.06 -37.62 35.01
CA GLU TA 13 -35.04 -37.08 35.91
C GLU TA 13 -34.30 -38.19 36.65
N ALA TA 14 -35.00 -39.28 36.99
CA ALA TA 14 -34.32 -40.41 37.64
C ALA TA 14 -33.34 -41.10 36.70
N ASP TA 15 -33.69 -41.20 35.41
CA ASP TA 15 -32.74 -41.74 34.43
C ASP TA 15 -31.51 -40.85 34.29
N ALA TA 16 -31.71 -39.53 34.35
CA ALA TA 16 -30.58 -38.60 34.35
C ALA TA 16 -29.68 -38.82 35.57
N GLU TA 17 -30.28 -39.12 36.73
CA GLU TA 17 -29.47 -39.38 37.93
C GLU TA 17 -28.65 -40.66 37.79
N ILE TA 18 -29.23 -41.69 37.16
CA ILE TA 18 -28.49 -42.93 36.93
C ILE TA 18 -27.27 -42.67 36.05
N LEU TA 19 -27.45 -41.93 34.97
CA LEU TA 19 -26.33 -41.72 34.06
C LEU TA 19 -25.26 -40.80 34.66
N LYS TA 20 -25.67 -39.81 35.48
CA LYS TA 20 -24.69 -39.01 36.21
C LYS TA 20 -23.89 -39.85 37.20
N ALA TA 21 -24.52 -40.86 37.81
CA ALA TA 21 -23.78 -41.72 38.73
C ALA TA 21 -22.74 -42.57 38.00
N GLN TA 22 -23.07 -43.05 36.78
CA GLN TA 22 -22.07 -43.78 36.01
C GLN TA 22 -20.91 -42.86 35.59
N ALA TA 23 -21.21 -41.59 35.30
CA ALA TA 23 -20.16 -40.62 35.04
C ALA TA 23 -19.26 -40.42 36.25
N LYS TA 24 -19.84 -40.44 37.45
CA LYS TA 24 -19.01 -40.30 38.65
C LYS TA 24 -18.13 -41.53 38.88
N ILE TA 25 -18.61 -42.73 38.51
CA ILE TA 25 -17.78 -43.93 38.58
C ILE TA 25 -16.54 -43.79 37.69
N LEU TA 26 -16.74 -43.33 36.45
CA LEU TA 26 -15.60 -43.23 35.55
C LEU TA 26 -14.66 -42.07 35.93
N GLU TA 27 -15.20 -40.98 36.49
CA GLU TA 27 -14.32 -39.95 37.02
C GLU TA 27 -13.51 -40.44 38.21
N ALA TA 28 -14.07 -41.38 38.99
CA ALA TA 28 -13.30 -41.94 40.10
C ALA TA 28 -12.18 -42.85 39.60
N HIS TA 29 -12.41 -43.58 38.51
CA HIS TA 29 -11.30 -44.29 37.85
C HIS TA 29 -10.22 -43.34 37.38
N ALA TA 30 -10.62 -42.17 36.87
CA ALA TA 30 -9.63 -41.17 36.45
C ALA TA 30 -8.83 -40.66 37.65
N GLU TA 31 -9.47 -40.52 38.81
CA GLU TA 31 -8.75 -40.08 40.00
C GLU TA 31 -7.80 -41.16 40.51
N ILE TA 32 -8.19 -42.44 40.40
CA ILE TA 32 -7.28 -43.54 40.75
C ILE TA 32 -6.05 -43.52 39.85
N LEU TA 33 -6.26 -43.29 38.55
CA LEU TA 33 -5.11 -43.27 37.64
C LEU TA 33 -4.24 -42.04 37.83
N LYS TA 34 -4.82 -40.91 38.25
CA LYS TA 34 -3.98 -39.75 38.54
C LYS TA 34 -3.26 -39.85 39.87
N ALA TA 35 -3.78 -40.63 40.81
CA ALA TA 35 -3.17 -40.65 42.14
C ALA TA 35 -1.87 -41.44 42.18
N GLN TA 36 -1.69 -42.40 41.29
CA GLN TA 36 -0.47 -43.20 41.28
C GLN TA 36 0.72 -42.40 40.80
N GLN UA 1 11.21 -13.05 -64.62
CA GLN UA 1 12.66 -13.17 -64.47
C GLN UA 1 13.32 -11.80 -64.37
N ALA UA 2 12.53 -10.75 -64.58
CA ALA UA 2 13.04 -9.39 -64.51
C ALA UA 2 13.64 -9.09 -63.14
N GLU UA 3 13.15 -9.78 -62.13
CA GLU UA 3 13.63 -9.58 -60.76
C GLU UA 3 15.13 -9.80 -60.62
N ILE UA 4 15.65 -10.83 -61.28
CA ILE UA 4 17.08 -11.15 -61.26
C ILE UA 4 17.88 -10.02 -61.89
N LEU UA 5 17.29 -9.39 -62.91
CA LEU UA 5 18.00 -8.36 -63.65
C LEU UA 5 18.13 -7.09 -62.82
N ARG UA 6 17.09 -6.75 -62.06
CA ARG UA 6 17.18 -5.66 -61.11
C ARG UA 6 18.12 -5.99 -59.96
N ALA UA 7 18.24 -7.27 -59.59
CA ALA UA 7 19.20 -7.63 -58.56
C ALA UA 7 20.64 -7.42 -59.02
N TYR UA 8 20.93 -7.73 -60.29
CA TYR UA 8 22.23 -7.37 -60.86
C TYR UA 8 22.44 -5.86 -60.88
N ALA UA 9 21.37 -5.10 -61.13
CA ALA UA 9 21.48 -3.65 -61.07
C ALA UA 9 21.80 -3.16 -59.66
N ARG UA 10 21.24 -3.83 -58.66
CA ARG UA 10 21.53 -3.50 -57.26
C ARG UA 10 23.01 -3.74 -56.92
N ILE UA 11 23.57 -4.85 -57.41
CA ILE UA 11 24.99 -5.12 -57.18
C ILE UA 11 25.87 -4.08 -57.85
N LEU UA 12 25.52 -3.69 -59.08
CA LEU UA 12 26.34 -2.69 -59.77
C LEU UA 12 26.26 -1.32 -59.10
N GLU UA 13 25.09 -0.96 -58.54
CA GLU UA 13 25.00 0.27 -57.77
C GLU UA 13 25.85 0.20 -56.50
N ALA UA 14 25.95 -0.98 -55.87
CA ALA UA 14 26.79 -1.12 -54.69
C ALA UA 14 28.28 -0.96 -55.04
N ASP UA 15 28.70 -1.47 -56.20
CA ASP UA 15 30.07 -1.24 -56.67
C ASP UA 15 30.34 0.23 -56.90
N ALA UA 16 29.35 0.95 -57.45
CA ALA UA 16 29.49 2.40 -57.61
C ALA UA 16 29.66 3.10 -56.27
N GLU UA 17 28.95 2.62 -55.23
CA GLU UA 17 29.10 3.22 -53.90
C GLU UA 17 30.49 2.97 -53.31
N ILE UA 18 31.05 1.79 -53.55
CA ILE UA 18 32.41 1.49 -53.10
C ILE UA 18 33.41 2.46 -53.73
N LEU UA 19 33.30 2.66 -55.05
CA LEU UA 19 34.29 3.51 -55.71
C LEU UA 19 34.11 4.98 -55.35
N LYS UA 20 32.87 5.43 -55.12
CA LYS UA 20 32.65 6.79 -54.62
C LYS UA 20 33.26 6.98 -53.23
N ALA UA 21 33.23 5.94 -52.40
CA ALA UA 21 33.84 6.06 -51.07
C ALA UA 21 35.36 6.17 -51.16
N GLN UA 22 35.98 5.45 -52.09
CA GLN UA 22 37.44 5.62 -52.28
C GLN UA 22 37.77 7.02 -52.80
N ALA UA 23 36.90 7.58 -53.64
CA ALA UA 23 37.07 8.96 -54.08
C ALA UA 23 36.97 9.93 -52.90
N LYS UA 24 36.08 9.65 -51.95
CA LYS UA 24 36.00 10.53 -50.77
C LYS UA 24 37.23 10.42 -49.88
N ILE UA 25 37.84 9.23 -49.80
CA ILE UA 25 39.11 9.09 -49.07
C ILE UA 25 40.20 9.98 -49.67
N LEU UA 26 40.32 9.95 -51.00
CA LEU UA 26 41.39 10.74 -51.61
C LEU UA 26 41.08 12.25 -51.59
N GLU UA 27 39.80 12.64 -51.65
CA GLU UA 27 39.47 14.05 -51.43
C GLU UA 27 39.77 14.48 -50.01
N ALA UA 28 39.66 13.58 -49.04
CA ALA UA 28 40.01 13.93 -47.67
C ALA UA 28 41.52 14.11 -47.51
N HIS UA 29 42.32 13.30 -48.21
CA HIS UA 29 43.76 13.58 -48.27
C HIS UA 29 44.06 14.95 -48.88
N ALA UA 30 43.28 15.34 -49.90
CA ALA UA 30 43.46 16.66 -50.48
C ALA UA 30 43.12 17.76 -49.49
N GLU UA 31 42.11 17.54 -48.65
CA GLU UA 31 41.77 18.53 -47.62
C GLU UA 31 42.82 18.60 -46.52
N ILE UA 32 43.44 17.47 -46.16
CA ILE UA 32 44.55 17.48 -45.21
C ILE UA 32 45.72 18.28 -45.77
N LEU UA 33 46.02 18.10 -47.06
CA LEU UA 33 47.13 18.84 -47.64
C LEU UA 33 46.82 20.32 -47.82
N LYS UA 34 45.55 20.68 -48.03
CA LYS UA 34 45.22 22.10 -48.10
C LYS UA 34 45.16 22.76 -46.73
N ALA UA 35 44.91 21.99 -45.68
CA ALA UA 35 44.71 22.62 -44.37
C ALA UA 35 46.02 23.09 -43.75
N GLN UA 36 47.15 22.47 -44.09
CA GLN UA 36 48.42 22.85 -43.53
C GLN UA 36 48.89 24.19 -44.04
N GLN VA 1 9.98 -49.25 56.30
CA GLN VA 1 10.60 -48.01 56.74
C GLN VA 1 9.85 -46.80 56.21
N ALA VA 2 8.88 -47.04 55.32
CA ALA VA 2 8.10 -45.98 54.73
C ALA VA 2 7.36 -45.17 55.79
N GLU VA 3 7.07 -45.81 56.91
CA GLU VA 3 6.36 -45.16 58.01
C GLU VA 3 7.08 -43.91 58.51
N ILE VA 4 8.40 -43.98 58.64
CA ILE VA 4 9.21 -42.84 59.08
C ILE VA 4 9.11 -41.70 58.08
N LEU VA 5 8.99 -42.03 56.81
CA LEU VA 5 8.98 -41.02 55.77
C LEU VA 5 7.66 -40.25 55.77
N ARG VA 6 6.56 -40.96 56.03
CA ARG VA 6 5.28 -40.29 56.23
C ARG VA 6 5.26 -39.48 57.51
N ALA VA 7 6.02 -39.91 58.53
CA ALA VA 7 6.09 -39.11 59.76
C ALA VA 7 6.80 -37.78 59.52
N TYR VA 8 7.86 -37.80 58.70
CA TYR VA 8 8.48 -36.54 58.28
C TYR VA 8 7.51 -35.68 57.48
N ALA VA 9 6.67 -36.32 56.66
CA ALA VA 9 5.65 -35.55 55.94
C ALA VA 9 4.64 -34.91 56.89
N ARG VA 10 4.31 -35.61 57.98
CA ARG VA 10 3.41 -35.06 59.00
C ARG VA 10 4.01 -33.83 59.68
N ILE VA 11 5.32 -33.87 59.97
CA ILE VA 11 5.98 -32.71 60.57
C ILE VA 11 5.99 -31.53 59.61
N LEU VA 12 6.26 -31.79 58.33
CA LEU VA 12 6.28 -30.68 57.36
C LEU VA 12 4.89 -30.07 57.15
N GLU VA 13 3.84 -30.89 57.21
CA GLU VA 13 2.48 -30.34 57.16
C GLU VA 13 2.18 -29.49 58.38
N ALA VA 14 2.70 -29.88 59.55
CA ALA VA 14 2.50 -29.05 60.75
C ALA VA 14 3.20 -27.70 60.65
N ASP VA 15 4.40 -27.68 60.05
CA ASP VA 15 5.08 -26.41 59.79
C ASP VA 15 4.28 -25.51 58.84
N ALA VA 16 3.67 -26.14 57.83
CA ALA VA 16 2.78 -25.38 56.93
C ALA VA 16 1.60 -24.78 57.68
N GLU VA 17 1.06 -25.52 58.66
CA GLU VA 17 -0.06 -24.99 59.46
C GLU VA 17 0.37 -23.81 60.32
N ILE VA 18 1.59 -23.86 60.87
CA ILE VA 18 2.11 -22.73 61.65
C ILE VA 18 2.21 -21.48 60.79
N LEU VA 19 2.76 -21.62 59.58
CA LEU VA 19 2.96 -20.43 58.75
C LEU VA 19 1.63 -19.90 58.20
N LYS VA 20 0.65 -20.77 57.94
CA LYS VA 20 -0.68 -20.31 57.57
C LYS VA 20 -1.34 -19.55 58.71
N ALA VA 21 -1.09 -19.95 59.96
CA ALA VA 21 -1.66 -19.22 61.09
C ALA VA 21 -1.06 -17.83 61.22
N GLN VA 22 0.25 -17.69 60.97
CA GLN VA 22 0.84 -16.34 60.98
C GLN VA 22 0.29 -15.47 59.86
N ALA VA 23 0.00 -16.08 58.71
CA ALA VA 23 -0.67 -15.35 57.63
C ALA VA 23 -2.05 -14.88 58.04
N LYS VA 24 -2.77 -15.70 58.82
CA LYS VA 24 -4.09 -15.27 59.29
C LYS VA 24 -4.00 -14.13 60.29
N ILE VA 25 -2.94 -14.11 61.11
CA ILE VA 25 -2.71 -12.98 62.03
C ILE VA 25 -2.55 -11.68 61.24
N LEU VA 26 -1.73 -11.71 60.20
CA LEU VA 26 -1.50 -10.47 59.44
C LEU VA 26 -2.71 -10.06 58.61
N GLU VA 27 -3.49 -11.03 58.11
CA GLU VA 27 -4.76 -10.68 57.46
C GLU VA 27 -5.75 -10.08 58.44
N ALA VA 28 -5.69 -10.47 59.71
CA ALA VA 28 -6.56 -9.87 60.70
C ALA VA 28 -6.15 -8.43 61.01
N HIS VA 29 -4.83 -8.15 61.01
CA HIS VA 29 -4.39 -6.76 61.08
C HIS VA 29 -4.90 -5.94 59.89
N ALA VA 30 -4.92 -6.55 58.70
CA ALA VA 30 -5.47 -5.87 57.53
C ALA VA 30 -6.95 -5.57 57.69
N GLU VA 31 -7.70 -6.48 58.32
CA GLU VA 31 -9.11 -6.24 58.55
C GLU VA 31 -9.34 -5.16 59.61
N ILE VA 32 -8.48 -5.09 60.63
CA ILE VA 32 -8.55 -3.99 61.60
C ILE VA 32 -8.32 -2.65 60.92
N LEU VA 33 -7.33 -2.59 60.02
CA LEU VA 33 -7.04 -1.33 59.34
C LEU VA 33 -8.14 -0.97 58.33
N LYS VA 34 -8.80 -1.96 57.73
CA LYS VA 34 -9.92 -1.62 56.84
C LYS VA 34 -11.19 -1.25 57.59
N ALA VA 35 -11.34 -1.70 58.83
CA ALA VA 35 -12.60 -1.47 59.53
C ALA VA 35 -12.74 -0.03 60.01
N GLN VA 36 -11.63 0.65 60.27
CA GLN VA 36 -11.68 2.03 60.76
C GLN VA 36 -12.15 2.99 59.68
N GLN WA 1 -6.83 51.99 -44.55
CA GLN WA 1 -7.50 51.20 -45.58
C GLN WA 1 -6.52 50.37 -46.38
N ALA WA 2 -5.23 50.58 -46.13
CA ALA WA 2 -4.17 49.85 -46.83
C ALA WA 2 -4.29 48.35 -46.58
N GLU WA 3 -4.88 47.98 -45.45
CA GLU WA 3 -5.06 46.57 -45.09
C GLU WA 3 -5.83 45.79 -46.14
N ILE WA 4 -6.90 46.39 -46.67
CA ILE WA 4 -7.72 45.77 -47.71
C ILE WA 4 -6.91 45.55 -48.97
N LEU WA 5 -5.98 46.46 -49.24
CA LEU WA 5 -5.21 46.39 -50.47
C LEU WA 5 -4.19 45.25 -50.41
N ARG WA 6 -3.59 45.05 -49.24
CA ARG WA 6 -2.74 43.89 -49.02
C ARG WA 6 -3.54 42.59 -49.04
N ALA WA 7 -4.81 42.64 -48.61
CA ALA WA 7 -5.63 41.43 -48.68
C ALA WA 7 -5.91 41.04 -50.13
N TYR WA 8 -6.15 42.02 -51.00
CA TYR WA 8 -6.24 41.72 -52.43
C TYR WA 8 -4.93 41.16 -52.98
N ALA WA 9 -3.80 41.66 -52.47
CA ALA WA 9 -2.51 41.10 -52.87
C ALA WA 9 -2.37 39.64 -52.44
N ARG WA 10 -2.90 39.31 -51.26
CA ARG WA 10 -2.89 37.93 -50.77
C ARG WA 10 -3.70 37.01 -51.68
N ILE WA 11 -4.87 37.48 -52.13
CA ILE WA 11 -5.68 36.67 -53.05
C ILE WA 11 -4.97 36.47 -54.38
N LEU WA 12 -4.31 37.50 -54.90
CA LEU WA 12 -3.62 37.35 -56.17
C LEU WA 12 -2.41 36.41 -56.05
N GLU WA 13 -1.73 36.42 -54.92
CA GLU WA 13 -0.66 35.44 -54.69
C GLU WA 13 -1.20 34.02 -54.62
N ALA WA 14 -2.41 33.84 -54.05
CA ALA WA 14 -2.99 32.51 -54.02
C ALA WA 14 -3.37 32.00 -55.41
N ASP WA 15 -3.84 32.91 -56.29
CA ASP WA 15 -4.09 32.54 -57.68
C ASP WA 15 -2.80 32.13 -58.39
N ALA WA 16 -1.71 32.83 -58.09
CA ALA WA 16 -0.41 32.44 -58.64
C ALA WA 16 0.00 31.04 -58.18
N GLU WA 17 -0.31 30.71 -56.92
CA GLU WA 17 0.01 29.37 -56.41
C GLU WA 17 -0.81 28.29 -57.11
N ILE WA 18 -2.08 28.57 -57.42
CA ILE WA 18 -2.91 27.62 -58.15
C ILE WA 18 -2.33 27.34 -59.53
N LEU WA 19 -1.93 28.40 -60.24
CA LEU WA 19 -1.43 28.19 -61.60
C LEU WA 19 -0.06 27.52 -61.61
N LYS WA 20 0.79 27.80 -60.61
CA LYS WA 20 2.04 27.07 -60.48
C LYS WA 20 1.82 25.59 -60.20
N ALA WA 21 0.76 25.26 -59.46
CA ALA WA 21 0.49 23.85 -59.21
C ALA WA 21 0.03 23.13 -60.48
N GLN WA 22 -0.75 23.81 -61.33
CA GLN WA 22 -1.11 23.19 -62.61
C GLN WA 22 0.11 23.00 -63.51
N ALA WA 23 1.06 23.94 -63.45
CA ALA WA 23 2.31 23.78 -64.16
C ALA WA 23 3.09 22.57 -63.66
N LYS WA 24 3.06 22.32 -62.35
CA LYS WA 24 3.73 21.13 -61.81
C LYS WA 24 3.07 19.84 -62.25
N ILE WA 25 1.73 19.84 -62.40
CA ILE WA 25 1.02 18.67 -62.94
C ILE WA 25 1.52 18.34 -64.35
N LEU WA 26 1.61 19.37 -65.21
CA LEU WA 26 2.02 19.09 -66.58
C LEU WA 26 3.51 18.74 -66.68
N GLU WA 27 4.36 19.31 -65.81
CA GLU WA 27 5.75 18.85 -65.76
C GLU WA 27 5.86 17.41 -65.30
N ALA WA 28 4.93 16.96 -64.43
CA ALA WA 28 4.96 15.57 -64.02
C ALA WA 28 4.54 14.63 -65.15
N HIS WA 29 3.59 15.07 -65.99
CA HIS WA 29 3.31 14.32 -67.23
C HIS WA 29 4.53 14.23 -68.13
N ALA WA 30 5.30 15.32 -68.20
CA ALA WA 30 6.53 15.29 -68.99
C ALA WA 30 7.54 14.29 -68.42
N GLU WA 31 7.61 14.19 -67.09
CA GLU WA 31 8.51 13.21 -66.48
C GLU WA 31 8.04 11.78 -66.70
N ILE WA 32 6.73 11.55 -66.70
CA ILE WA 32 6.20 10.22 -67.04
C ILE WA 32 6.56 9.85 -68.47
N LEU WA 33 6.45 10.79 -69.40
CA LEU WA 33 6.78 10.50 -70.79
C LEU WA 33 8.28 10.32 -70.99
N LYS WA 34 9.12 11.01 -70.20
CA LYS WA 34 10.56 10.77 -70.33
C LYS WA 34 11.01 9.50 -69.66
N ALA WA 35 10.27 9.00 -68.68
CA ALA WA 35 10.74 7.84 -67.92
C ALA WA 35 10.60 6.55 -68.71
N GLN WA 36 9.66 6.47 -69.64
CA GLN WA 36 9.46 5.25 -70.42
C GLN WA 36 10.59 5.03 -71.40
N GLN XA 1 -24.42 9.90 72.89
CA GLN XA 1 -25.61 9.96 72.06
C GLN XA 1 -25.51 9.04 70.86
N ALA XA 2 -24.33 8.44 70.68
CA ALA XA 2 -24.09 7.52 69.57
C ALA XA 2 -25.05 6.33 69.62
N GLU XA 3 -25.51 6.00 70.83
CA GLU XA 3 -26.43 4.88 71.02
C GLU XA 3 -27.70 5.02 70.19
N ILE XA 4 -28.27 6.23 70.15
CA ILE XA 4 -29.47 6.50 69.38
C ILE XA 4 -29.22 6.30 67.90
N LEU XA 5 -28.01 6.60 67.46
CA LEU XA 5 -27.68 6.53 66.04
C LEU XA 5 -27.57 5.07 65.59
N ARG XA 6 -27.01 4.21 66.44
CA ARG XA 6 -27.02 2.79 66.18
C ARG XA 6 -28.42 2.21 66.26
N ALA XA 7 -29.30 2.78 67.10
CA ALA XA 7 -30.68 2.30 67.14
C ALA XA 7 -31.41 2.60 65.83
N TYR XA 8 -31.15 3.77 65.23
CA TYR XA 8 -31.68 4.04 63.90
C TYR XA 8 -31.11 3.08 62.86
N ALA XA 9 -29.84 2.70 63.03
CA ALA XA 9 -29.27 1.71 62.13
C ALA XA 9 -29.95 0.35 62.28
N ARG XA 10 -30.34 -0.01 63.51
CA ARG XA 10 -31.07 -1.24 63.75
C ARG XA 10 -32.43 -1.24 63.06
N ILE XA 11 -33.13 -0.11 63.11
CA ILE XA 11 -34.43 -0.01 62.42
C ILE XA 11 -34.25 -0.14 60.90
N LEU XA 12 -33.22 0.50 60.35
CA LEU XA 12 -33.01 0.41 58.91
C LEU XA 12 -32.63 -1.01 58.46
N GLU XA 13 -31.88 -1.73 59.30
CA GLU XA 13 -31.60 -3.14 58.99
C GLU XA 13 -32.87 -3.99 59.05
N ALA XA 14 -33.80 -3.66 59.95
CA ALA XA 14 -35.06 -4.40 60.00
C ALA XA 14 -35.91 -4.15 58.75
N ASP XA 15 -35.90 -2.91 58.24
CA ASP XA 15 -36.58 -2.63 56.97
C ASP XA 15 -35.97 -3.41 55.81
N ALA XA 16 -34.64 -3.53 55.81
CA ALA XA 16 -33.98 -4.36 54.81
C ALA XA 16 -34.42 -5.83 54.91
N GLU XA 17 -34.62 -6.33 56.13
CA GLU XA 17 -35.09 -7.71 56.29
C GLU XA 17 -36.51 -7.89 55.77
N ILE XA 18 -37.37 -6.89 55.97
CA ILE XA 18 -38.74 -6.96 55.43
C ILE XA 18 -38.71 -7.06 53.90
N LEU XA 19 -37.90 -6.21 53.26
CA LEU XA 19 -37.90 -6.20 51.81
C LEU XA 19 -37.25 -7.46 51.23
N LYS XA 20 -36.23 -8.01 51.91
CA LYS XA 20 -35.68 -9.30 51.50
C LYS XA 20 -36.70 -10.42 51.61
N ALA XA 21 -37.58 -10.36 52.62
CA ALA XA 21 -38.60 -11.39 52.74
C ALA XA 21 -39.63 -11.31 51.61
N GLN XA 22 -39.98 -10.09 51.19
CA GLN XA 22 -40.88 -9.97 50.03
C GLN XA 22 -40.21 -10.48 48.75
N ALA XA 23 -38.90 -10.28 48.62
CA ALA XA 23 -38.17 -10.85 47.50
C ALA XA 23 -38.21 -12.38 47.54
N LYS XA 24 -38.14 -12.96 48.74
CA LYS XA 24 -38.23 -14.42 48.82
C LYS XA 24 -39.62 -14.95 48.46
N ILE XA 25 -40.66 -14.18 48.79
CA ILE XA 25 -42.02 -14.55 48.35
C ILE XA 25 -42.12 -14.62 46.83
N LEU XA 26 -41.58 -13.60 46.15
CA LEU XA 26 -41.70 -13.60 44.69
C LEU XA 26 -40.77 -14.63 44.03
N GLU XA 27 -39.62 -14.92 44.63
CA GLU XA 27 -38.81 -16.03 44.14
C GLU XA 27 -39.50 -17.38 44.34
N ALA XA 28 -40.32 -17.51 45.38
CA ALA XA 28 -41.07 -18.74 45.56
C ALA XA 28 -42.18 -18.89 44.52
N HIS XA 29 -42.81 -17.77 44.13
CA HIS XA 29 -43.72 -17.82 42.97
C HIS XA 29 -42.99 -18.24 41.70
N ALA XA 30 -41.75 -17.79 41.52
CA ALA XA 30 -40.97 -18.22 40.36
C ALA XA 30 -40.69 -19.72 40.41
N GLU XA 31 -40.44 -20.26 41.60
CA GLU XA 31 -40.22 -21.71 41.72
C GLU XA 31 -41.49 -22.51 41.47
N ILE XA 32 -42.65 -21.98 41.89
CA ILE XA 32 -43.93 -22.63 41.57
C ILE XA 32 -44.14 -22.67 40.06
N LEU XA 33 -43.83 -21.56 39.37
CA LEU XA 33 -44.02 -21.54 37.93
C LEU XA 33 -43.01 -22.41 37.19
N LYS XA 34 -41.79 -22.57 37.73
CA LYS XA 34 -40.85 -23.48 37.11
C LYS XA 34 -41.15 -24.94 37.38
N ALA XA 35 -41.83 -25.25 38.48
CA ALA XA 35 -42.03 -26.64 38.85
C ALA XA 35 -43.06 -27.33 37.98
N GLN XA 36 -44.02 -26.59 37.43
CA GLN XA 36 -45.06 -27.19 36.60
C GLN XA 36 -44.51 -27.66 35.28
N GLN YA 1 57.08 24.14 -34.65
CA GLN YA 1 56.73 25.55 -34.51
C GLN YA 1 55.69 25.98 -35.54
N ALA YA 2 55.38 25.07 -36.46
CA ALA YA 2 54.40 25.34 -37.50
C ALA YA 2 53.04 25.68 -36.91
N GLU YA 3 52.78 25.16 -35.72
CA GLU YA 3 51.50 25.40 -35.04
C GLU YA 3 51.21 26.88 -34.84
N ILE YA 4 52.23 27.65 -34.44
CA ILE YA 4 52.10 29.09 -34.24
C ILE YA 4 51.75 29.78 -35.55
N LEU YA 5 52.27 29.27 -36.66
CA LEU YA 5 52.08 29.90 -37.94
C LEU YA 5 50.65 29.70 -38.43
N ARG YA 6 50.08 28.52 -38.18
CA ARG YA 6 48.67 28.30 -38.45
C ARG YA 6 47.78 29.11 -37.51
N ALA YA 7 48.24 29.38 -36.28
CA ALA YA 7 47.45 30.21 -35.39
C ALA YA 7 47.38 31.66 -35.90
N TYR YA 8 48.49 32.17 -36.46
CA TYR YA 8 48.44 33.47 -37.13
C TYR YA 8 47.50 33.44 -38.33
N ALA YA 9 47.47 32.32 -39.03
CA ALA YA 9 46.52 32.19 -40.15
C ALA YA 9 45.07 32.22 -39.66
N ARG YA 10 44.81 31.63 -38.49
CA ARG YA 10 43.48 31.67 -37.89
C ARG YA 10 43.05 33.09 -37.54
N ILE YA 11 43.99 33.88 -37.00
CA ILE YA 11 43.67 35.28 -36.70
C ILE YA 11 43.38 36.07 -37.96
N LEU YA 12 44.16 35.85 -39.02
CA LEU YA 12 43.91 36.59 -40.25
C LEU YA 12 42.59 36.20 -40.91
N GLU YA 13 42.19 34.93 -40.80
CA GLU YA 13 40.86 34.53 -41.28
C GLU YA 13 39.75 35.18 -40.47
N ALA YA 14 39.97 35.37 -39.16
CA ALA YA 14 38.96 36.06 -38.35
C ALA YA 14 38.82 37.53 -38.73
N ASP YA 15 39.93 38.18 -39.08
CA ASP YA 15 39.87 39.56 -39.59
C ASP YA 15 39.10 39.63 -40.90
N ALA YA 16 39.30 38.63 -41.77
CA ALA YA 16 38.52 38.55 -43.00
C ALA YA 16 37.03 38.42 -42.72
N GLU YA 17 36.67 37.65 -41.68
CA GLU YA 17 35.26 37.51 -41.33
C GLU YA 17 34.66 38.81 -40.82
N ILE YA 18 35.44 39.60 -40.06
CA ILE YA 18 34.97 40.91 -39.59
C ILE YA 18 34.67 41.82 -40.78
N LEU YA 19 35.58 41.88 -41.74
CA LEU YA 19 35.38 42.79 -42.86
C LEU YA 19 34.26 42.33 -43.78
N LYS YA 20 34.07 41.02 -43.94
CA LYS YA 20 32.90 40.52 -44.68
C LYS YA 20 31.60 40.89 -43.99
N ALA YA 21 31.59 40.90 -42.65
CA ALA YA 21 30.37 41.28 -41.95
C ALA YA 21 30.04 42.76 -42.15
N GLN YA 22 31.07 43.62 -42.18
CA GLN YA 22 30.80 45.04 -42.49
C GLN YA 22 30.29 45.22 -43.91
N ALA YA 23 30.78 44.41 -44.84
CA ALA YA 23 30.25 44.42 -46.20
C ALA YA 23 28.78 44.00 -46.23
N LYS YA 24 28.40 43.05 -45.38
CA LYS YA 24 26.99 42.65 -45.34
C LYS YA 24 26.11 43.74 -44.74
N ILE YA 25 26.63 44.51 -43.78
CA ILE YA 25 25.89 45.67 -43.26
C ILE YA 25 25.60 46.68 -44.37
N LEU YA 26 26.60 47.00 -45.17
CA LEU YA 26 26.36 48.00 -46.21
C LEU YA 26 25.51 47.46 -47.36
N GLU YA 27 25.59 46.16 -47.67
CA GLU YA 27 24.65 45.58 -48.62
C GLU YA 27 23.22 45.60 -48.09
N ALA YA 28 23.05 45.49 -46.77
CA ALA YA 28 21.71 45.58 -46.21
C ALA YA 28 21.15 47.00 -46.29
N HIS YA 29 22.01 48.02 -46.13
CA HIS YA 29 21.59 49.39 -46.44
C HIS YA 29 21.17 49.54 -47.90
N ALA YA 30 21.89 48.88 -48.81
CA ALA YA 30 21.50 48.93 -50.22
C ALA YA 30 20.13 48.28 -50.45
N GLU YA 31 19.84 47.21 -49.71
CA GLU YA 31 18.52 46.57 -49.84
C GLU YA 31 17.41 47.43 -49.25
N ILE YA 32 17.69 48.15 -48.16
CA ILE YA 32 16.71 49.11 -47.61
C ILE YA 32 16.42 50.21 -48.63
N LEU YA 33 17.46 50.72 -49.30
CA LEU YA 33 17.23 51.77 -50.28
C LEU YA 33 16.54 51.25 -51.54
N LYS YA 34 16.75 49.99 -51.91
CA LYS YA 34 16.02 49.45 -53.04
C LYS YA 34 14.59 49.09 -52.71
N ALA YA 35 14.28 48.81 -51.45
CA ALA YA 35 12.94 48.34 -51.12
C ALA YA 35 11.91 49.45 -51.15
N GLN YA 36 12.31 50.69 -50.91
CA GLN YA 36 11.37 51.80 -50.90
C GLN YA 36 10.86 52.11 -52.29
N GLN ZA 1 -53.68 -44.29 38.77
CA GLN ZA 1 -52.61 -45.20 38.39
C GLN ZA 1 -51.25 -44.52 38.45
N ALA ZA 2 -51.26 -43.22 38.68
CA ALA ZA 2 -50.02 -42.44 38.76
C ALA ZA 2 -49.12 -42.96 39.88
N GLU ZA 3 -49.73 -43.57 40.89
CA GLU ZA 3 -48.98 -44.10 42.02
C GLU ZA 3 -47.92 -45.11 41.61
N ILE ZA 4 -48.28 -46.01 40.67
CA ILE ZA 4 -47.35 -47.02 40.16
C ILE ZA 4 -46.18 -46.36 39.45
N LEU ZA 5 -46.44 -45.23 38.80
CA LEU ZA 5 -45.42 -44.56 38.01
C LEU ZA 5 -44.39 -43.90 38.92
N ARG ZA 6 -44.85 -43.32 40.03
CA ARG ZA 6 -43.93 -42.81 41.05
C ARG ZA 6 -43.18 -43.95 41.74
N ALA ZA 7 -43.79 -45.13 41.86
CA ALA ZA 7 -43.07 -46.25 42.45
C ALA ZA 7 -41.92 -46.70 41.55
N TYR ZA 8 -42.13 -46.70 40.24
CA TYR ZA 8 -41.02 -46.94 39.32
C TYR ZA 8 -39.94 -45.87 39.44
N ALA ZA 9 -40.36 -44.62 39.67
CA ALA ZA 9 -39.37 -43.57 39.90
C ALA ZA 9 -38.57 -43.79 41.17
N ARG ZA 10 -39.21 -44.34 42.21
CA ARG ZA 10 -38.53 -44.69 43.45
C ARG ZA 10 -37.47 -45.77 43.23
N ILE ZA 11 -37.80 -46.78 42.42
CA ILE ZA 11 -36.82 -47.83 42.11
C ILE ZA 11 -35.64 -47.27 41.34
N LEU ZA 12 -35.90 -46.38 40.37
CA LEU ZA 12 -34.80 -45.82 39.59
C LEU ZA 12 -33.90 -44.92 40.45
N GLU ZA 13 -34.48 -44.20 41.42
CA GLU ZA 13 -33.66 -43.43 42.34
C GLU ZA 13 -32.80 -44.34 43.22
N ALA ZA 14 -33.32 -45.51 43.60
CA ALA ZA 14 -32.52 -46.45 44.38
C ALA ZA 14 -31.35 -47.01 43.58
N ASP ZA 15 -31.56 -47.26 42.28
CA ASP ZA 15 -30.45 -47.68 41.41
C ASP ZA 15 -29.38 -46.59 41.30
N ALA ZA 16 -29.82 -45.32 41.25
CA ALA ZA 16 -28.87 -44.22 41.25
C ALA ZA 16 -28.06 -44.18 42.55
N GLU ZA 17 -28.70 -44.51 43.68
CA GLU ZA 17 -27.97 -44.54 44.95
C GLU ZA 17 -26.93 -45.66 44.99
N ILE ZA 18 -27.27 -46.82 44.40
CA ILE ZA 18 -26.30 -47.92 44.32
C ILE ZA 18 -25.06 -47.50 43.53
N LEU ZA 19 -25.28 -46.87 42.37
CA LEU ZA 19 -24.13 -46.51 41.54
C LEU ZA 19 -23.31 -45.38 42.14
N LYS ZA 20 -23.95 -44.44 42.85
CA LYS ZA 20 -23.20 -43.42 43.59
C LYS ZA 20 -22.35 -44.04 44.70
N ALA ZA 21 -22.85 -45.10 45.33
CA ALA ZA 21 -22.05 -45.75 46.37
C ALA ZA 21 -20.82 -46.44 45.79
N GLN ZA 22 -20.95 -47.05 44.60
CA GLN ZA 22 -19.77 -47.64 43.96
C GLN ZA 22 -18.75 -46.55 43.57
N ALA ZA 23 -19.26 -45.39 43.16
CA ALA ZA 23 -18.37 -44.26 42.89
C ALA ZA 23 -17.63 -43.82 44.15
N LYS ZA 24 -18.29 -43.86 45.31
CA LYS ZA 24 -17.62 -43.50 46.55
C LYS ZA 24 -16.56 -44.52 46.94
N ILE ZA 25 -16.79 -45.81 46.64
CA ILE ZA 25 -15.76 -46.84 46.87
C ILE ZA 25 -14.50 -46.53 46.06
N LEU ZA 26 -14.67 -46.20 44.78
CA LEU ZA 26 -13.48 -45.95 43.96
C LEU ZA 26 -12.80 -44.63 44.31
N GLU ZA 27 -13.56 -43.62 44.75
CA GLU ZA 27 -12.94 -42.41 45.26
C GLU ZA 27 -12.16 -42.67 46.55
N ALA ZA 28 -12.62 -43.63 47.35
CA ALA ZA 28 -11.87 -43.97 48.55
C ALA ZA 28 -10.56 -44.69 48.22
N HIS ZA 29 -10.56 -45.53 47.17
CA HIS ZA 29 -9.30 -46.07 46.67
C HIS ZA 29 -8.36 -44.96 46.20
N ALA ZA 30 -8.91 -43.92 45.57
CA ALA ZA 30 -8.08 -42.79 45.17
C ALA ZA 30 -7.48 -42.07 46.36
N GLU ZA 31 -8.25 -41.97 47.45
CA GLU ZA 31 -7.71 -41.33 48.66
C GLU ZA 31 -6.64 -42.19 49.34
N ILE ZA 32 -6.79 -43.52 49.29
CA ILE ZA 32 -5.74 -44.40 49.80
C ILE ZA 32 -4.46 -44.23 49.00
N LEU ZA 33 -4.58 -44.12 47.67
CA LEU ZA 33 -3.38 -43.96 46.85
C LEU ZA 33 -2.76 -42.58 47.01
N LYS ZA 34 -3.57 -41.55 47.29
CA LYS ZA 34 -2.97 -40.23 47.55
C LYS ZA 34 -2.37 -40.12 48.93
N ALA ZA 35 -2.82 -40.92 49.90
CA ALA ZA 35 -2.35 -40.75 51.26
C ALA ZA 35 -0.93 -41.27 51.46
N GLN ZA 36 -0.51 -42.24 50.66
CA GLN ZA 36 0.83 -42.81 50.81
C GLN ZA 36 1.90 -41.84 50.36
#